data_6B6W
#
_entry.id   6B6W
#
_cell.length_a   64.430
_cell.length_b   155.230
_cell.length_c   66.570
_cell.angle_alpha   90.00
_cell.angle_beta   102.85
_cell.angle_gamma   90.00
#
_symmetry.space_group_name_H-M   'P 1 21 1'
#
loop_
_entity.id
_entity.type
_entity.pdbx_description
1 polymer 'Carbon monoxide dehydrogenase'
2 non-polymer 'IRON/SULFUR CLUSTER'
3 non-polymer 'MAGNESIUM ION'
4 non-polymer 'FE(4)-NI(1)-S(4) CLUSTER'
5 non-polymer 'Fe(4)-Ni(1)-S(4) cluster, oxidized'
6 non-polymer 'FE2/S2 (INORGANIC) CLUSTER'
7 non-polymer GLYCEROL
8 non-polymer 'CHLORIDE ION'
9 water water
#
_entity_poly.entity_id   1
_entity_poly.type   'polypeptide(L)'
_entity_poly.pdbx_seq_one_letter_code
;MWSHPAVRKSSSKTIRSRSIWDDAHAMLEKAKAEGISTVWDRAAEQTPACKFCELGTTCRNCIMGPCRIANRKDGKMRLG
VCGADADVIVARNFGRFIAGGAAGHSDHGRDLIETLEAVAEGKAPGYTIRDVAKLRRIAAELGVADAATRPAHDVAADLV
TICYNDFGSRRNALAFLARAPQVRRDLWQRLGMTPRGVDREIAEMMHRTHMGCDNDHTSLLVHAARTALADGWGGSMIGT
ELSDILFGTPRPRQSTVNLGVLRKDAVNILVHGHNPVVSEMILAATREPAVRQAAQDAGAADINVAGLCCTGNELLMRQG
IPMAGNHLMTELAIVTGAADAIVADYQCIMPSLVQIAACYHTRFVTTSPKGRFTGATHVEVHPHNAQERCREIVMLAIDA
YTRRDPARVDIPSQPVSIMSGFSNEAILEALGGTPKPLIDAVVAGQIRGFVGIVGCNNPKIRQDSANVTLTRELIRRDIM
VLATGCVTTAAGKAGLLVPEAASKAGEGLAAVCRSLGVPPVLHMGSCVDNSRILQLCALLATTLGVDISDLPVGASSPEW
YSEKAAAIAMYAVASGIPTHLGLPPNILGSENVTAMALHGLQDVVGAAFMVEPDPVKAADMLEAHIVARRARLGLTS
;
_entity_poly.pdbx_strand_id   A,B
#
loop_
_chem_comp.id
_chem_comp.type
_chem_comp.name
_chem_comp.formula
CL non-polymer 'CHLORIDE ION' 'Cl -1'
CUV non-polymer 'Fe(4)-Ni(1)-S(4) cluster, oxidized' 'Fe4 Ni S4'
FES non-polymer 'FE2/S2 (INORGANIC) CLUSTER' 'Fe2 S2'
GOL non-polymer GLYCEROL 'C3 H8 O3'
MG non-polymer 'MAGNESIUM ION' 'Mg 2'
SF4 non-polymer 'IRON/SULFUR CLUSTER' 'Fe4 S4'
XCC non-polymer 'FE(4)-NI(1)-S(4) CLUSTER' 'Fe4 Ni S4'
#
# COMPACT_ATOMS: atom_id res chain seq x y z
N SER A 12 17.61 37.41 16.15
CA SER A 12 18.24 36.53 15.19
C SER A 12 17.54 36.59 13.83
N LYS A 13 18.31 36.87 12.78
CA LYS A 13 17.75 36.88 11.43
C LYS A 13 17.35 35.48 10.99
N THR A 14 18.09 34.46 11.41
CA THR A 14 17.73 33.08 11.09
C THR A 14 16.42 32.71 11.76
N ILE A 15 16.28 33.01 13.05
CA ILE A 15 15.05 32.68 13.76
C ILE A 15 13.88 33.47 13.18
N ARG A 16 14.11 34.73 12.79
CA ARG A 16 13.04 35.54 12.24
C ARG A 16 12.50 34.93 10.94
N SER A 17 13.40 34.41 10.09
CA SER A 17 13.00 33.88 8.80
C SER A 17 12.24 32.55 8.88
N ARG A 18 12.18 31.93 10.05
CA ARG A 18 11.62 30.59 10.15
C ARG A 18 10.12 30.59 10.43
N SER A 19 9.59 31.69 10.94
CA SER A 19 8.17 31.78 11.27
C SER A 19 7.78 33.24 11.28
N ILE A 20 6.49 33.50 11.07
CA ILE A 20 5.97 34.86 11.21
C ILE A 20 5.47 35.15 12.62
N TRP A 21 5.48 34.16 13.51
CA TRP A 21 4.82 34.26 14.81
C TRP A 21 5.82 34.54 15.93
N ASP A 22 5.41 35.38 16.87
N ASP A 22 5.41 35.39 16.86
CA ASP A 22 6.29 35.73 17.97
CA ASP A 22 6.28 35.73 17.98
C ASP A 22 6.46 34.57 18.96
C ASP A 22 6.47 34.56 18.94
N ASP A 23 5.45 33.72 19.11
CA ASP A 23 5.59 32.61 20.05
C ASP A 23 6.58 31.58 19.51
N ALA A 24 6.59 31.38 18.19
CA ALA A 24 7.61 30.52 17.59
C ALA A 24 9.00 31.12 17.73
N HIS A 25 9.14 32.44 17.51
CA HIS A 25 10.43 33.08 17.67
C HIS A 25 10.97 32.93 19.08
N ALA A 26 10.12 33.12 20.08
CA ALA A 26 10.57 33.04 21.47
C ALA A 26 11.08 31.65 21.81
N MET A 27 10.38 30.60 21.35
CA MET A 27 10.81 29.25 21.66
C MET A 27 12.01 28.82 20.85
N LEU A 28 12.16 29.37 19.64
CA LEU A 28 13.37 29.08 18.86
C LEU A 28 14.60 29.69 19.52
N GLU A 29 14.46 30.89 20.09
CA GLU A 29 15.56 31.47 20.86
C GLU A 29 15.87 30.62 22.10
N LYS A 30 14.83 30.13 22.76
CA LYS A 30 15.02 29.31 23.96
C LYS A 30 15.66 27.97 23.61
N ALA A 31 15.26 27.37 22.48
CA ALA A 31 15.86 26.11 22.07
C ALA A 31 17.34 26.29 21.72
N LYS A 32 17.67 27.39 21.03
CA LYS A 32 19.06 27.65 20.69
C LYS A 32 19.91 27.84 21.93
N ALA A 33 19.39 28.56 22.92
CA ALA A 33 20.14 28.79 24.16
C ALA A 33 20.36 27.49 24.92
N GLU A 34 19.39 26.58 24.88
CA GLU A 34 19.51 25.30 25.55
C GLU A 34 20.17 24.24 24.68
N GLY A 35 20.52 24.58 23.44
CA GLY A 35 21.17 23.63 22.56
C GLY A 35 20.25 22.55 22.01
N ILE A 36 18.97 22.85 21.85
CA ILE A 36 17.99 21.90 21.33
C ILE A 36 17.81 22.15 19.85
N SER A 37 18.07 21.12 19.04
CA SER A 37 17.87 21.23 17.60
C SER A 37 16.40 21.02 17.25
N THR A 38 15.97 21.67 16.17
CA THR A 38 14.57 21.65 15.76
C THR A 38 14.45 21.10 14.34
N VAL A 39 13.21 21.00 13.89
CA VAL A 39 12.91 20.58 12.52
C VAL A 39 13.59 21.48 11.50
N TRP A 40 13.74 22.77 11.82
CA TRP A 40 14.40 23.68 10.90
C TRP A 40 15.89 23.37 10.78
N ASP A 41 16.52 22.99 11.89
CA ASP A 41 17.95 22.66 11.85
C ASP A 41 18.21 21.43 10.98
N ARG A 42 17.36 20.40 11.11
CA ARG A 42 17.55 19.20 10.30
C ARG A 42 17.18 19.44 8.85
N ALA A 43 16.21 20.33 8.59
CA ALA A 43 15.91 20.70 7.22
C ALA A 43 17.14 21.33 6.54
N ALA A 44 17.90 22.14 7.28
CA ALA A 44 19.12 22.72 6.73
C ALA A 44 20.17 21.65 6.45
N GLU A 45 20.25 20.65 7.33
CA GLU A 45 21.22 19.57 7.11
C GLU A 45 20.89 18.78 5.85
N GLN A 46 19.61 18.61 5.54
CA GLN A 46 19.18 17.83 4.38
C GLN A 46 19.09 18.66 3.11
N THR A 47 19.63 19.88 3.12
CA THR A 47 19.72 20.71 1.94
C THR A 47 21.18 20.88 1.56
N PRO A 48 21.59 20.59 0.31
CA PRO A 48 20.72 20.20 -0.81
C PRO A 48 20.19 18.77 -0.72
N ALA A 49 19.02 18.56 -1.31
CA ALA A 49 18.45 17.23 -1.37
C ALA A 49 19.02 16.47 -2.57
N CYS A 50 18.87 15.16 -2.54
CA CYS A 50 19.20 14.35 -3.70
C CYS A 50 18.34 14.77 -4.89
N LYS A 51 18.99 15.03 -6.03
CA LYS A 51 18.28 15.58 -7.17
C LYS A 51 17.39 14.53 -7.82
N PHE A 52 17.83 13.27 -7.86
CA PHE A 52 16.98 12.22 -8.40
C PHE A 52 15.74 12.03 -7.53
N CYS A 53 15.93 11.96 -6.21
CA CYS A 53 14.79 11.85 -5.31
C CYS A 53 13.83 13.03 -5.47
N GLU A 54 14.39 14.23 -5.60
CA GLU A 54 13.55 15.43 -5.71
C GLU A 54 12.77 15.43 -7.03
N LEU A 55 13.39 14.96 -8.12
CA LEU A 55 12.71 14.90 -9.41
C LEU A 55 11.77 13.70 -9.53
N GLY A 56 11.93 12.69 -8.67
CA GLY A 56 11.16 11.47 -8.77
C GLY A 56 11.74 10.43 -9.70
N THR A 57 12.89 10.72 -10.30
CA THR A 57 13.55 9.86 -11.28
C THR A 57 14.47 8.85 -10.62
N THR A 58 13.95 8.14 -9.63
CA THR A 58 14.68 7.12 -8.92
C THR A 58 13.68 6.06 -8.50
N CYS A 59 14.10 4.80 -8.51
CA CYS A 59 13.18 3.71 -8.20
C CYS A 59 13.89 2.68 -7.35
N ARG A 60 13.20 2.20 -6.31
CA ARG A 60 13.72 1.16 -5.44
C ARG A 60 12.74 0.00 -5.31
N ASN A 61 11.93 -0.26 -6.35
CA ASN A 61 10.84 -1.21 -6.21
C ASN A 61 11.25 -2.66 -6.44
N CYS A 62 12.51 -2.93 -6.77
CA CYS A 62 13.03 -4.29 -6.81
C CYS A 62 14.55 -4.22 -6.68
N ILE A 63 15.19 -5.37 -6.51
CA ILE A 63 16.63 -5.38 -6.35
C ILE A 63 17.35 -5.83 -7.63
N MET A 64 16.67 -5.80 -8.78
CA MET A 64 17.41 -5.57 -10.01
C MET A 64 17.99 -4.17 -10.00
N GLY A 65 17.29 -3.24 -9.35
CA GLY A 65 17.79 -1.91 -9.10
C GLY A 65 18.59 -1.86 -7.81
N PRO A 66 18.65 -0.69 -7.16
CA PRO A 66 17.86 0.51 -7.48
C PRO A 66 18.32 1.24 -8.73
N CYS A 67 17.43 2.03 -9.32
CA CYS A 67 17.67 2.66 -10.62
C CYS A 67 17.53 4.17 -10.52
N ARG A 68 18.28 4.87 -11.37
CA ARG A 68 18.16 6.31 -11.54
C ARG A 68 18.03 6.61 -13.03
N ILE A 69 17.22 7.62 -13.36
CA ILE A 69 16.95 7.99 -14.75
C ILE A 69 17.51 9.38 -15.02
N ALA A 70 18.15 9.54 -16.17
CA ALA A 70 18.60 10.83 -16.65
C ALA A 70 18.23 10.97 -18.12
N ASN A 71 18.15 12.22 -18.58
CA ASN A 71 17.80 12.52 -19.97
C ASN A 71 19.09 12.81 -20.73
N ARG A 72 19.78 11.73 -21.11
CA ARG A 72 21.13 11.81 -21.65
C ARG A 72 21.12 11.65 -23.16
N LYS A 73 21.96 12.43 -23.83
CA LYS A 73 22.06 12.33 -25.28
C LYS A 73 22.68 11.01 -25.72
N ASP A 74 23.44 10.34 -24.86
CA ASP A 74 24.01 9.04 -25.22
C ASP A 74 23.06 7.88 -24.99
N GLY A 75 21.82 8.15 -24.57
CA GLY A 75 20.81 7.12 -24.41
C GLY A 75 20.93 6.26 -23.18
N LYS A 76 22.00 6.40 -22.41
CA LYS A 76 22.18 5.53 -21.25
C LYS A 76 21.41 6.06 -20.06
N MET A 77 21.03 5.13 -19.18
CA MET A 77 20.22 5.43 -17.98
C MET A 77 18.92 6.14 -18.34
N ARG A 78 18.38 5.83 -19.53
CA ARG A 78 17.05 6.31 -19.90
C ARG A 78 15.97 5.43 -19.30
N LEU A 79 16.28 4.16 -19.03
CA LEU A 79 15.34 3.18 -18.54
C LEU A 79 15.92 2.50 -17.31
N GLY A 80 15.03 2.07 -16.41
CA GLY A 80 15.44 1.20 -15.33
C GLY A 80 15.82 -0.17 -15.85
N VAL A 81 16.33 -1.02 -14.95
CA VAL A 81 16.80 -2.33 -15.39
C VAL A 81 15.66 -3.11 -16.05
N CYS A 82 14.44 -2.96 -15.53
CA CYS A 82 13.28 -3.64 -16.09
C CYS A 82 12.78 -3.01 -17.40
N GLY A 83 13.31 -1.85 -17.79
CA GLY A 83 12.86 -1.15 -18.96
C GLY A 83 11.88 -0.01 -18.71
N ALA A 84 11.50 0.25 -17.45
CA ALA A 84 10.57 1.34 -17.16
C ALA A 84 11.24 2.69 -17.42
N ASP A 85 10.49 3.62 -18.03
CA ASP A 85 11.05 4.93 -18.34
C ASP A 85 10.72 5.92 -17.22
N ALA A 86 11.13 7.17 -17.42
CA ALA A 86 10.94 8.19 -16.39
C ALA A 86 9.45 8.43 -16.11
N ASP A 87 8.61 8.36 -17.14
CA ASP A 87 7.18 8.59 -16.95
C ASP A 87 6.59 7.53 -16.02
N VAL A 88 6.92 6.26 -16.25
CA VAL A 88 6.41 5.20 -15.39
C VAL A 88 6.98 5.33 -13.97
N ILE A 89 8.28 5.55 -13.86
CA ILE A 89 8.91 5.58 -12.53
C ILE A 89 8.33 6.71 -11.70
N VAL A 90 8.26 7.91 -12.28
CA VAL A 90 7.69 9.06 -11.57
C VAL A 90 6.24 8.79 -11.19
N ALA A 91 5.45 8.23 -12.12
CA ALA A 91 4.04 7.99 -11.85
C ALA A 91 3.83 6.95 -10.76
N ARG A 92 4.64 5.89 -10.76
CA ARG A 92 4.52 4.90 -9.69
C ARG A 92 4.91 5.48 -8.34
N ASN A 93 5.98 6.29 -8.31
CA ASN A 93 6.38 6.93 -7.05
C ASN A 93 5.28 7.83 -6.52
N PHE A 94 4.67 8.62 -7.42
CA PHE A 94 3.57 9.49 -7.02
C PHE A 94 2.36 8.67 -6.57
N GLY A 95 2.09 7.56 -7.25
CA GLY A 95 0.97 6.72 -6.86
C GLY A 95 1.13 6.13 -5.47
N ARG A 96 2.35 5.66 -5.14
CA ARG A 96 2.60 5.15 -3.79
C ARG A 96 2.56 6.27 -2.76
N PHE A 97 3.01 7.47 -3.15
CA PHE A 97 2.91 8.63 -2.27
C PHE A 97 1.45 8.91 -1.91
N ILE A 98 0.57 8.93 -2.91
N ILE A 98 0.57 8.93 -2.92
CA ILE A 98 -0.85 9.15 -2.66
CA ILE A 98 -0.86 9.15 -2.69
C ILE A 98 -1.44 8.01 -1.85
C ILE A 98 -1.44 8.01 -1.86
N ALA A 99 -1.03 6.77 -2.15
CA ALA A 99 -1.56 5.63 -1.41
C ALA A 99 -1.24 5.72 0.07
N GLY A 100 -0.04 6.22 0.40
CA GLY A 100 0.31 6.40 1.80
C GLY A 100 -0.58 7.42 2.49
N GLY A 101 -0.92 8.50 1.77
CA GLY A 101 -1.83 9.49 2.33
C GLY A 101 -3.23 8.93 2.51
N ALA A 102 -3.75 8.24 1.50
CA ALA A 102 -5.07 7.63 1.62
C ALA A 102 -5.09 6.62 2.77
N ALA A 103 -4.00 5.88 2.95
CA ALA A 103 -3.94 4.88 4.01
C ALA A 103 -3.95 5.54 5.40
N GLY A 104 -3.30 6.69 5.52
CA GLY A 104 -3.36 7.43 6.76
C GLY A 104 -4.79 7.74 7.19
N HIS A 105 -5.61 8.17 6.24
CA HIS A 105 -7.01 8.45 6.55
C HIS A 105 -7.84 7.17 6.67
N SER A 106 -7.50 6.13 5.89
CA SER A 106 -8.26 4.89 5.90
C SER A 106 -8.27 4.25 7.27
N ASP A 107 -7.09 4.10 7.88
CA ASP A 107 -7.03 3.45 9.19
C ASP A 107 -7.72 4.29 10.25
N HIS A 108 -7.66 5.62 10.11
CA HIS A 108 -8.41 6.51 11.00
C HIS A 108 -9.89 6.21 10.92
N GLY A 109 -10.45 6.17 9.71
CA GLY A 109 -11.86 5.87 9.56
C GLY A 109 -12.21 4.49 10.07
N ARG A 110 -11.35 3.51 9.83
CA ARG A 110 -11.60 2.15 10.30
C ARG A 110 -11.75 2.12 11.82
N ASP A 111 -10.90 2.87 12.53
CA ASP A 111 -10.96 2.88 13.99
C ASP A 111 -12.26 3.48 14.49
N LEU A 112 -12.83 4.45 13.76
CA LEU A 112 -14.12 5.01 14.14
C LEU A 112 -15.23 3.99 13.95
N ILE A 113 -15.17 3.18 12.88
CA ILE A 113 -16.15 2.12 12.71
C ILE A 113 -16.08 1.16 13.89
N GLU A 114 -14.85 0.74 14.24
N GLU A 114 -14.86 0.74 14.25
CA GLU A 114 -14.66 -0.18 15.37
CA GLU A 114 -14.70 -0.20 15.36
C GLU A 114 -15.25 0.40 16.65
C GLU A 114 -15.22 0.38 16.67
N THR A 115 -15.09 1.70 16.85
CA THR A 115 -15.58 2.32 18.08
C THR A 115 -17.11 2.39 18.10
N LEU A 116 -17.73 2.77 16.98
CA LEU A 116 -19.18 2.76 16.92
C LEU A 116 -19.74 1.35 17.10
N GLU A 117 -19.06 0.36 16.53
CA GLU A 117 -19.46 -1.04 16.75
C GLU A 117 -19.40 -1.38 18.23
N ALA A 118 -18.31 -1.00 18.91
CA ALA A 118 -18.17 -1.29 20.33
C ALA A 118 -19.27 -0.63 21.15
N VAL A 119 -19.65 0.60 20.79
CA VAL A 119 -20.78 1.27 21.44
C VAL A 119 -22.06 0.49 21.20
N ALA A 120 -22.29 0.06 19.95
CA ALA A 120 -23.52 -0.66 19.62
C ALA A 120 -23.60 -1.98 20.36
N GLU A 121 -22.46 -2.62 20.64
CA GLU A 121 -22.40 -3.86 21.37
C GLU A 121 -22.42 -3.67 22.88
N GLY A 122 -22.40 -2.43 23.35
CA GLY A 122 -22.36 -2.18 24.78
C GLY A 122 -21.03 -2.54 25.43
N LYS A 123 -19.94 -2.39 24.70
CA LYS A 123 -18.61 -2.80 25.13
C LYS A 123 -17.61 -1.65 24.97
N ALA A 124 -18.02 -0.44 25.33
CA ALA A 124 -17.14 0.74 25.23
C ALA A 124 -17.47 1.70 26.37
N PRO A 125 -17.03 1.37 27.58
CA PRO A 125 -17.36 2.23 28.73
C PRO A 125 -16.93 3.68 28.52
N GLY A 126 -17.87 4.60 28.77
CA GLY A 126 -17.60 6.01 28.58
C GLY A 126 -17.92 6.55 27.20
N TYR A 127 -18.11 5.68 26.21
CA TYR A 127 -18.52 6.11 24.88
C TYR A 127 -20.03 5.94 24.72
N THR A 128 -20.62 6.78 23.87
CA THR A 128 -22.03 6.68 23.57
C THR A 128 -22.31 7.35 22.24
N ILE A 129 -23.56 7.26 21.78
CA ILE A 129 -24.00 7.96 20.59
C ILE A 129 -24.42 9.36 21.03
N ARG A 130 -23.61 10.36 20.69
CA ARG A 130 -23.85 11.71 21.17
C ARG A 130 -24.59 12.58 20.17
N ASP A 131 -24.80 12.12 18.92
CA ASP A 131 -25.72 12.78 18.00
C ASP A 131 -26.58 11.68 17.38
N VAL A 132 -27.61 11.26 18.13
N VAL A 132 -27.63 11.28 18.11
CA VAL A 132 -28.51 10.21 17.65
CA VAL A 132 -28.47 10.19 17.61
C VAL A 132 -29.23 10.68 16.39
C VAL A 132 -29.32 10.65 16.43
N ALA A 133 -29.64 11.95 16.35
CA ALA A 133 -30.34 12.45 15.17
C ALA A 133 -29.50 12.27 13.91
N LYS A 134 -28.20 12.60 13.99
CA LYS A 134 -27.33 12.40 12.85
C LYS A 134 -27.15 10.93 12.54
N LEU A 135 -27.05 10.08 13.57
CA LEU A 135 -26.96 8.64 13.34
C LEU A 135 -28.13 8.16 12.49
N ARG A 136 -29.35 8.55 12.85
CA ARG A 136 -30.50 8.10 12.09
C ARG A 136 -30.55 8.72 10.71
N ARG A 137 -30.09 9.97 10.57
CA ARG A 137 -30.07 10.62 9.26
C ARG A 137 -29.05 9.97 8.33
N ILE A 138 -27.84 9.73 8.84
CA ILE A 138 -26.81 9.11 8.03
C ILE A 138 -27.19 7.68 7.67
N ALA A 139 -27.69 6.93 8.65
CA ALA A 139 -28.09 5.55 8.40
C ALA A 139 -29.19 5.49 7.33
N ALA A 140 -30.20 6.35 7.45
CA ALA A 140 -31.25 6.38 6.44
C ALA A 140 -30.68 6.77 5.08
N GLU A 141 -29.79 7.76 5.05
CA GLU A 141 -29.18 8.18 3.79
C GLU A 141 -28.52 7.01 3.08
N LEU A 142 -27.85 6.14 3.84
CA LEU A 142 -27.10 5.03 3.28
C LEU A 142 -27.91 3.74 3.15
N GLY A 143 -29.21 3.78 3.47
CA GLY A 143 -30.10 2.69 3.16
C GLY A 143 -30.47 1.78 4.30
N VAL A 144 -30.19 2.15 5.54
CA VAL A 144 -30.61 1.33 6.68
C VAL A 144 -32.13 1.37 6.78
N ALA A 145 -32.74 0.19 6.83
CA ALA A 145 -34.20 0.10 6.89
C ALA A 145 -34.72 0.64 8.22
N ASP A 146 -35.75 1.48 8.14
CA ASP A 146 -36.46 2.00 9.31
C ASP A 146 -35.50 2.69 10.29
N ALA A 147 -34.52 3.41 9.73
CA ALA A 147 -33.51 4.08 10.55
C ALA A 147 -34.14 5.12 11.49
N ALA A 148 -35.30 5.66 11.14
CA ALA A 148 -35.89 6.72 11.95
C ALA A 148 -36.49 6.20 13.25
N THR A 149 -36.85 4.91 13.31
CA THR A 149 -37.67 4.41 14.41
C THR A 149 -37.03 3.26 15.19
N ARG A 150 -36.13 2.48 14.58
CA ARG A 150 -35.59 1.32 15.25
C ARG A 150 -34.70 1.73 16.41
N PRO A 151 -34.45 0.82 17.36
CA PRO A 151 -33.56 1.15 18.48
C PRO A 151 -32.20 1.61 17.97
N ALA A 152 -31.63 2.59 18.68
CA ALA A 152 -30.46 3.31 18.17
C ALA A 152 -29.28 2.38 17.96
N HIS A 153 -29.05 1.43 18.88
CA HIS A 153 -27.92 0.54 18.74
C HIS A 153 -28.10 -0.43 17.57
N ASP A 154 -29.34 -0.81 17.27
CA ASP A 154 -29.60 -1.60 16.06
C ASP A 154 -29.26 -0.81 14.81
N VAL A 155 -29.68 0.46 14.78
CA VAL A 155 -29.37 1.32 13.64
C VAL A 155 -27.86 1.53 13.53
N ALA A 156 -27.19 1.71 14.67
CA ALA A 156 -25.74 1.84 14.65
C ALA A 156 -25.07 0.59 14.10
N ALA A 157 -25.57 -0.59 14.48
CA ALA A 157 -24.99 -1.84 14.00
C ALA A 157 -25.11 -1.96 12.48
N ASP A 158 -26.27 -1.56 11.93
CA ASP A 158 -26.45 -1.63 10.49
C ASP A 158 -25.57 -0.62 9.77
N LEU A 159 -25.41 0.58 10.34
CA LEU A 159 -24.49 1.55 9.76
C LEU A 159 -23.06 1.04 9.82
N VAL A 160 -22.68 0.40 10.93
CA VAL A 160 -21.36 -0.20 11.04
C VAL A 160 -21.13 -1.20 9.92
N THR A 161 -22.14 -2.01 9.60
CA THR A 161 -21.98 -3.00 8.54
C THR A 161 -21.80 -2.32 7.18
N ILE A 162 -22.56 -1.26 6.91
CA ILE A 162 -22.39 -0.52 5.65
C ILE A 162 -20.98 0.05 5.56
N CYS A 163 -20.49 0.65 6.65
CA CYS A 163 -19.15 1.21 6.62
C CYS A 163 -18.09 0.13 6.45
N TYR A 164 -18.21 -0.97 7.18
CA TYR A 164 -17.23 -2.05 7.03
C TYR A 164 -17.26 -2.63 5.61
N ASN A 165 -18.44 -2.70 4.99
CA ASN A 165 -18.51 -3.21 3.63
C ASN A 165 -17.77 -2.31 2.65
N ASP A 166 -17.67 -1.01 2.93
CA ASP A 166 -16.86 -0.13 2.11
C ASP A 166 -15.37 -0.40 2.30
N PHE A 167 -14.99 -1.08 3.40
CA PHE A 167 -13.65 -1.59 3.61
C PHE A 167 -13.51 -3.04 3.16
N GLY A 168 -14.46 -3.51 2.36
CA GLY A 168 -14.39 -4.81 1.76
C GLY A 168 -14.23 -4.73 0.25
N SER A 169 -14.42 -5.87 -0.40
CA SER A 169 -14.03 -6.01 -1.80
C SER A 169 -15.21 -6.34 -2.71
N ARG A 170 -16.45 -6.09 -2.28
CA ARG A 170 -17.60 -6.51 -3.07
C ARG A 170 -18.43 -5.35 -3.60
N ARG A 171 -18.11 -4.11 -3.25
CA ARG A 171 -18.91 -2.98 -3.71
C ARG A 171 -18.50 -2.57 -5.12
N ASN A 172 -19.45 -1.98 -5.84
CA ASN A 172 -19.12 -1.32 -7.09
C ASN A 172 -18.81 0.16 -6.90
N ALA A 173 -19.27 0.76 -5.82
CA ALA A 173 -18.99 2.16 -5.50
C ALA A 173 -19.17 2.35 -4.00
N LEU A 174 -18.34 3.21 -3.42
CA LEU A 174 -18.46 3.53 -2.01
C LEU A 174 -19.82 4.14 -1.69
N ALA A 175 -20.26 3.92 -0.45
CA ALA A 175 -21.61 4.31 -0.04
C ALA A 175 -21.82 5.82 -0.12
N PHE A 176 -20.87 6.60 0.39
CA PHE A 176 -21.05 8.05 0.39
C PHE A 176 -20.87 8.67 -0.99
N LEU A 177 -20.40 7.91 -1.98
CA LEU A 177 -20.25 8.45 -3.32
C LEU A 177 -21.56 8.93 -3.91
N ALA A 178 -22.69 8.42 -3.42
CA ALA A 178 -24.00 8.85 -3.89
C ALA A 178 -24.24 10.33 -3.67
N ARG A 179 -23.48 10.97 -2.78
CA ARG A 179 -23.64 12.40 -2.57
C ARG A 179 -23.19 13.21 -3.77
N ALA A 180 -22.22 12.70 -4.53
CA ALA A 180 -21.73 13.42 -5.69
C ALA A 180 -22.82 13.51 -6.76
N PRO A 181 -22.87 14.62 -7.51
CA PRO A 181 -23.87 14.74 -8.57
C PRO A 181 -23.73 13.64 -9.61
N GLN A 182 -24.85 13.32 -10.25
CA GLN A 182 -24.87 12.20 -11.19
C GLN A 182 -23.85 12.40 -12.32
N VAL A 183 -23.71 13.62 -12.80
CA VAL A 183 -22.78 13.88 -13.91
C VAL A 183 -21.35 13.51 -13.49
N ARG A 184 -21.01 13.76 -12.23
CA ARG A 184 -19.67 13.45 -11.74
C ARG A 184 -19.49 11.95 -11.56
N ARG A 185 -20.50 11.26 -11.03
CA ARG A 185 -20.42 9.81 -10.90
C ARG A 185 -20.35 9.13 -12.26
N ASP A 186 -21.08 9.64 -13.25
CA ASP A 186 -20.98 9.07 -14.60
C ASP A 186 -19.60 9.27 -15.19
N LEU A 187 -19.00 10.44 -14.94
CA LEU A 187 -17.65 10.71 -15.41
C LEU A 187 -16.65 9.74 -14.79
N TRP A 188 -16.67 9.61 -13.45
CA TRP A 188 -15.80 8.65 -12.79
C TRP A 188 -15.99 7.24 -13.34
N GLN A 189 -17.23 6.84 -13.59
CA GLN A 189 -17.51 5.49 -14.06
C GLN A 189 -16.85 5.24 -15.42
N ARG A 190 -17.04 6.16 -16.37
N ARG A 190 -16.99 6.17 -16.36
CA ARG A 190 -16.42 6.04 -17.68
CA ARG A 190 -16.41 5.93 -17.68
C ARG A 190 -14.90 5.95 -17.54
C ARG A 190 -14.88 6.04 -17.65
N LEU A 191 -14.32 6.81 -16.72
CA LEU A 191 -12.87 6.91 -16.60
C LEU A 191 -12.25 5.73 -15.83
N GLY A 192 -13.06 4.87 -15.23
CA GLY A 192 -12.52 3.83 -14.37
C GLY A 192 -11.98 4.38 -13.08
N MET A 193 -12.57 5.46 -12.58
CA MET A 193 -12.10 6.19 -11.42
C MET A 193 -12.98 5.99 -10.19
N THR A 194 -14.14 5.37 -10.35
CA THR A 194 -15.08 5.16 -9.25
C THR A 194 -14.39 4.42 -8.10
N PRO A 195 -14.29 5.00 -6.90
CA PRO A 195 -13.73 4.24 -5.77
C PRO A 195 -14.69 3.14 -5.33
N ARG A 196 -14.15 1.95 -5.12
CA ARG A 196 -14.95 0.76 -4.83
C ARG A 196 -14.80 0.26 -3.41
N GLY A 197 -13.59 0.31 -2.87
CA GLY A 197 -13.31 -0.15 -1.53
C GLY A 197 -12.16 0.67 -0.98
N VAL A 198 -12.25 1.06 0.29
CA VAL A 198 -11.26 1.97 0.86
C VAL A 198 -9.89 1.32 0.92
N ASP A 199 -9.82 0.07 1.42
CA ASP A 199 -8.57 -0.67 1.42
C ASP A 199 -8.23 -1.21 0.04
N ARG A 200 -9.25 -1.56 -0.75
CA ARG A 200 -9.00 -2.18 -2.04
C ARG A 200 -8.16 -1.28 -2.95
N GLU A 201 -8.50 0.01 -3.02
CA GLU A 201 -7.78 0.88 -3.95
C GLU A 201 -6.33 1.06 -3.52
N ILE A 202 -6.09 1.12 -2.21
CA ILE A 202 -4.71 1.21 -1.71
C ILE A 202 -3.93 -0.03 -2.10
N ALA A 203 -4.50 -1.20 -1.84
CA ALA A 203 -3.83 -2.45 -2.20
C ALA A 203 -3.63 -2.54 -3.71
N GLU A 204 -4.62 -2.13 -4.49
CA GLU A 204 -4.42 -2.18 -5.94
C GLU A 204 -3.32 -1.23 -6.39
N MET A 205 -3.18 -0.08 -5.73
CA MET A 205 -2.07 0.81 -6.08
C MET A 205 -0.72 0.13 -5.81
N MET A 206 -0.58 -0.55 -4.68
CA MET A 206 0.69 -1.22 -4.40
C MET A 206 0.93 -2.36 -5.39
N HIS A 207 -0.12 -3.03 -5.84
N HIS A 207 -0.14 -3.01 -5.85
CA HIS A 207 0.05 -4.03 -6.90
CA HIS A 207 -0.07 -4.03 -6.89
C HIS A 207 0.50 -3.37 -8.20
C HIS A 207 0.40 -3.43 -8.21
N ARG A 208 -0.21 -2.32 -8.62
CA ARG A 208 0.12 -1.69 -9.91
C ARG A 208 1.56 -1.19 -9.95
N THR A 209 2.12 -0.81 -8.81
CA THR A 209 3.44 -0.19 -8.79
C THR A 209 4.56 -1.19 -8.55
N HIS A 210 4.24 -2.47 -8.35
CA HIS A 210 5.23 -3.55 -8.41
C HIS A 210 5.84 -3.58 -9.80
N MET A 211 7.10 -4.02 -9.87
CA MET A 211 7.75 -4.18 -11.18
C MET A 211 6.85 -4.97 -12.13
N GLY A 212 6.74 -4.48 -13.36
CA GLY A 212 6.08 -5.26 -14.40
C GLY A 212 4.59 -5.42 -14.26
N CYS A 213 3.91 -4.48 -13.57
CA CYS A 213 2.46 -4.46 -13.55
C CYS A 213 2.00 -3.27 -14.37
N ASP A 214 1.61 -2.15 -13.75
CA ASP A 214 1.12 -1.00 -14.50
C ASP A 214 2.33 -0.19 -14.97
N ASN A 215 2.56 -0.18 -16.27
CA ASN A 215 3.65 0.57 -16.87
C ASN A 215 3.11 1.55 -17.89
N ASP A 216 2.07 2.28 -17.50
CA ASP A 216 1.52 3.36 -18.31
C ASP A 216 1.23 4.51 -17.37
N HIS A 217 1.90 5.66 -17.58
CA HIS A 217 1.80 6.74 -16.61
C HIS A 217 0.38 7.30 -16.53
N THR A 218 -0.36 7.30 -17.64
CA THR A 218 -1.74 7.78 -17.60
C THR A 218 -2.59 6.87 -16.72
N SER A 219 -2.47 5.56 -16.92
CA SER A 219 -3.20 4.59 -16.12
C SER A 219 -2.86 4.72 -14.64
N LEU A 220 -1.58 4.94 -14.33
CA LEU A 220 -1.16 5.05 -12.93
C LEU A 220 -1.77 6.28 -12.27
N LEU A 221 -1.81 7.40 -12.99
CA LEU A 221 -2.39 8.62 -12.41
C LEU A 221 -3.90 8.50 -12.27
N VAL A 222 -4.56 7.80 -13.20
CA VAL A 222 -5.99 7.57 -13.06
C VAL A 222 -6.28 6.74 -11.83
N HIS A 223 -5.46 5.72 -11.57
CA HIS A 223 -5.72 4.97 -10.35
C HIS A 223 -5.31 5.74 -9.10
N ALA A 224 -4.32 6.65 -9.23
CA ALA A 224 -4.03 7.52 -8.09
C ALA A 224 -5.24 8.37 -7.73
N ALA A 225 -5.95 8.88 -8.74
CA ALA A 225 -7.20 9.59 -8.49
C ALA A 225 -8.22 8.68 -7.80
N ARG A 226 -8.39 7.46 -8.31
CA ARG A 226 -9.34 6.52 -7.70
C ARG A 226 -8.98 6.23 -6.26
N THR A 227 -7.68 6.05 -5.98
CA THR A 227 -7.23 5.79 -4.62
C THR A 227 -7.54 6.97 -3.70
N ALA A 228 -7.26 8.20 -4.17
CA ALA A 228 -7.55 9.38 -3.35
C ALA A 228 -9.05 9.55 -3.16
N LEU A 229 -9.84 9.30 -4.21
CA LEU A 229 -11.29 9.40 -4.08
C LEU A 229 -11.82 8.42 -3.05
N ALA A 230 -11.17 7.26 -2.90
CA ALA A 230 -11.57 6.30 -1.89
C ALA A 230 -11.29 6.81 -0.49
N ASP A 231 -10.43 7.81 -0.36
CA ASP A 231 -10.19 8.52 0.89
C ASP A 231 -11.26 9.59 1.10
N GLY A 232 -11.32 10.57 0.20
CA GLY A 232 -12.24 11.69 0.40
C GLY A 232 -13.69 11.26 0.55
N TRP A 233 -14.14 10.31 -0.25
CA TRP A 233 -15.51 9.85 -0.22
C TRP A 233 -15.67 8.55 0.56
N GLY A 234 -14.60 8.09 1.21
CA GLY A 234 -14.61 6.83 1.93
C GLY A 234 -13.96 6.96 3.29
N GLY A 235 -12.66 6.69 3.36
CA GLY A 235 -11.97 6.70 4.66
C GLY A 235 -12.19 7.96 5.45
N SER A 236 -12.03 9.12 4.81
CA SER A 236 -12.17 10.38 5.53
C SER A 236 -13.63 10.73 5.80
N MET A 237 -14.52 10.48 4.85
CA MET A 237 -15.91 10.85 5.06
C MET A 237 -16.57 9.97 6.12
N ILE A 238 -16.26 8.68 6.10
CA ILE A 238 -16.66 7.79 7.20
C ILE A 238 -16.08 8.29 8.51
N GLY A 239 -14.80 8.66 8.51
CA GLY A 239 -14.19 9.17 9.73
C GLY A 239 -14.89 10.39 10.28
N THR A 240 -15.20 11.36 9.40
CA THR A 240 -15.86 12.57 9.87
C THR A 240 -17.26 12.28 10.37
N GLU A 241 -18.07 11.56 9.59
CA GLU A 241 -19.47 11.41 9.93
C GLU A 241 -19.66 10.55 11.17
N LEU A 242 -18.87 9.47 11.32
CA LEU A 242 -18.97 8.68 12.55
C LEU A 242 -18.40 9.42 13.75
N SER A 243 -17.39 10.27 13.55
CA SER A 243 -16.88 11.08 14.66
C SER A 243 -17.95 12.04 15.17
N ASP A 244 -18.74 12.64 14.26
CA ASP A 244 -19.84 13.49 14.70
C ASP A 244 -20.89 12.69 15.47
N ILE A 245 -21.14 11.45 15.04
CA ILE A 245 -22.14 10.62 15.71
C ILE A 245 -21.68 10.24 17.11
N LEU A 246 -20.40 9.89 17.25
CA LEU A 246 -19.90 9.45 18.55
C LEU A 246 -19.61 10.61 19.50
N PHE A 247 -19.21 11.76 18.97
CA PHE A 247 -18.70 12.83 19.82
C PHE A 247 -19.44 14.15 19.66
N GLY A 248 -20.44 14.21 18.80
CA GLY A 248 -21.25 15.41 18.64
C GLY A 248 -20.93 16.12 17.34
N THR A 249 -21.97 16.70 16.74
CA THR A 249 -21.76 17.50 15.53
C THR A 249 -21.31 18.90 15.93
N PRO A 250 -20.22 19.40 15.35
CA PRO A 250 -19.71 20.71 15.77
C PRO A 250 -20.75 21.82 15.57
N ARG A 251 -20.74 22.77 16.50
CA ARG A 251 -21.55 23.97 16.48
C ARG A 251 -20.65 25.16 16.78
N PRO A 252 -21.02 26.36 16.34
CA PRO A 252 -20.12 27.50 16.51
C PRO A 252 -19.84 27.80 17.98
N ARG A 253 -18.58 28.06 18.30
CA ARG A 253 -18.19 28.32 19.68
C ARG A 253 -16.87 29.09 19.71
N GLN A 254 -16.61 29.71 20.85
N GLN A 254 -16.60 29.71 20.85
CA GLN A 254 -15.41 30.51 21.04
CA GLN A 254 -15.41 30.52 21.02
C GLN A 254 -14.28 29.67 21.65
C GLN A 254 -14.29 29.73 21.68
N SER A 255 -13.06 30.03 21.29
CA SER A 255 -11.88 29.41 21.89
C SER A 255 -10.70 30.35 21.70
N THR A 256 -9.48 29.82 21.87
CA THR A 256 -8.25 30.59 21.78
C THR A 256 -7.18 29.72 21.14
N VAL A 257 -6.09 30.36 20.71
N VAL A 257 -6.11 30.36 20.67
CA VAL A 257 -5.02 29.66 20.00
CA VAL A 257 -5.00 29.67 20.03
C VAL A 257 -3.69 30.32 20.31
C VAL A 257 -3.68 30.29 20.44
N ASN A 258 -2.62 29.50 20.29
CA ASN A 258 -1.18 29.81 20.36
C ASN A 258 -0.60 29.27 21.66
N LEU A 259 0.71 29.40 21.86
CA LEU A 259 1.36 28.73 22.97
C LEU A 259 0.92 29.29 24.32
N GLY A 260 0.31 30.48 24.33
CA GLY A 260 -0.23 31.04 25.54
C GLY A 260 -1.45 30.32 26.10
N VAL A 261 -1.98 29.32 25.40
CA VAL A 261 -3.05 28.52 25.98
C VAL A 261 -2.51 27.60 27.06
N LEU A 262 -1.20 27.38 27.10
CA LEU A 262 -0.59 26.67 28.20
C LEU A 262 -0.55 27.58 29.42
N ARG A 263 -0.73 26.99 30.60
CA ARG A 263 -0.83 27.73 31.86
C ARG A 263 0.26 27.26 32.82
N LYS A 264 1.01 28.23 33.36
CA LYS A 264 2.06 27.89 34.30
C LYS A 264 1.51 27.20 35.54
N ASP A 265 0.30 27.58 35.97
CA ASP A 265 -0.27 27.09 37.22
C ASP A 265 -1.16 25.85 37.04
N ALA A 266 -1.12 25.20 35.87
CA ALA A 266 -1.96 24.05 35.63
C ALA A 266 -1.12 22.87 35.15
N VAL A 267 -1.70 21.68 35.25
CA VAL A 267 -1.15 20.50 34.58
C VAL A 267 -1.52 20.61 33.10
N ASN A 268 -0.51 20.75 32.25
CA ASN A 268 -0.73 20.93 30.83
C ASN A 268 -0.60 19.60 30.12
N ILE A 269 -1.69 19.15 29.50
CA ILE A 269 -1.73 17.93 28.71
C ILE A 269 -1.99 18.34 27.27
N LEU A 270 -1.05 18.04 26.40
CA LEU A 270 -1.19 18.28 24.97
C LEU A 270 -1.57 16.98 24.28
N VAL A 271 -2.67 17.01 23.54
CA VAL A 271 -3.08 15.88 22.71
C VAL A 271 -2.55 16.11 21.30
N HIS A 272 -1.97 15.08 20.70
CA HIS A 272 -1.29 15.18 19.43
C HIS A 272 -1.65 13.97 18.59
N GLY A 273 -1.78 14.16 17.28
CA GLY A 273 -2.22 13.10 16.39
C GLY A 273 -3.56 13.44 15.75
N HIS A 274 -4.41 12.41 15.61
N HIS A 274 -4.41 12.42 15.64
CA HIS A 274 -5.64 12.54 14.83
CA HIS A 274 -5.63 12.53 14.84
C HIS A 274 -6.87 11.90 15.44
C HIS A 274 -6.87 11.93 15.47
N ASN A 275 -6.75 11.02 16.44
CA ASN A 275 -7.85 10.17 16.87
C ASN A 275 -8.67 10.82 17.98
N PRO A 276 -9.90 11.28 17.72
CA PRO A 276 -10.73 11.78 18.84
C PRO A 276 -11.16 10.68 19.78
N VAL A 277 -11.07 9.41 19.37
CA VAL A 277 -11.39 8.32 20.27
C VAL A 277 -10.47 8.34 21.48
N VAL A 278 -9.28 8.90 21.34
CA VAL A 278 -8.38 9.10 22.48
C VAL A 278 -8.58 10.46 23.12
N SER A 279 -8.52 11.55 22.34
CA SER A 279 -8.49 12.88 22.94
C SER A 279 -9.79 13.18 23.69
N GLU A 280 -10.93 12.71 23.17
CA GLU A 280 -12.18 12.96 23.88
C GLU A 280 -12.21 12.24 25.22
N MET A 281 -11.57 11.07 25.31
CA MET A 281 -11.56 10.34 26.58
C MET A 281 -10.49 10.87 27.54
N ILE A 282 -9.39 11.40 27.01
CA ILE A 282 -8.45 12.13 27.85
C ILE A 282 -9.16 13.32 28.50
N LEU A 283 -9.88 14.10 27.68
CA LEU A 283 -10.61 15.25 28.19
C LEU A 283 -11.60 14.82 29.29
N ALA A 284 -12.35 13.75 29.04
CA ALA A 284 -13.32 13.29 30.04
C ALA A 284 -12.64 12.88 31.32
N ALA A 285 -11.46 12.25 31.22
CA ALA A 285 -10.73 11.85 32.43
C ALA A 285 -10.31 13.05 33.25
N THR A 286 -9.84 14.12 32.59
CA THR A 286 -9.42 15.31 33.33
C THR A 286 -10.59 15.98 34.06
N ARG A 287 -11.82 15.66 33.69
CA ARG A 287 -13.00 16.25 34.32
C ARG A 287 -13.54 15.42 35.46
N GLU A 288 -12.97 14.25 35.72
CA GLU A 288 -13.44 13.42 36.82
C GLU A 288 -13.05 14.04 38.17
N PRO A 289 -13.97 14.07 39.14
CA PRO A 289 -13.67 14.77 40.40
C PRO A 289 -12.41 14.30 41.11
N ALA A 290 -12.19 12.98 41.18
CA ALA A 290 -11.02 12.48 41.88
C ALA A 290 -9.73 12.81 41.14
N VAL A 291 -9.80 12.90 39.81
CA VAL A 291 -8.62 13.29 39.02
C VAL A 291 -8.31 14.77 39.23
N ARG A 292 -9.32 15.62 39.20
CA ARG A 292 -9.12 17.03 39.51
C ARG A 292 -8.55 17.20 40.91
N GLN A 293 -9.01 16.39 41.86
CA GLN A 293 -8.52 16.51 43.22
C GLN A 293 -7.05 16.12 43.30
N ALA A 294 -6.63 15.08 42.55
CA ALA A 294 -5.24 14.68 42.56
C ALA A 294 -4.35 15.79 42.00
N ALA A 295 -4.82 16.50 40.98
CA ALA A 295 -4.07 17.64 40.46
C ALA A 295 -3.98 18.75 41.51
N GLN A 296 -5.08 19.01 42.22
CA GLN A 296 -5.07 19.99 43.30
C GLN A 296 -4.05 19.61 44.37
N ASP A 297 -4.05 18.34 44.78
CA ASP A 297 -3.11 17.88 45.81
C ASP A 297 -1.66 17.97 45.34
N ALA A 298 -1.42 17.99 44.04
CA ALA A 298 -0.08 18.16 43.50
C ALA A 298 0.36 19.62 43.44
N GLY A 299 -0.54 20.56 43.72
CA GLY A 299 -0.21 21.97 43.69
C GLY A 299 -0.68 22.73 42.47
N ALA A 300 -1.36 22.08 41.53
CA ALA A 300 -1.85 22.76 40.35
C ALA A 300 -3.19 23.43 40.63
N ALA A 301 -3.49 24.47 39.84
CA ALA A 301 -4.79 25.13 39.93
C ALA A 301 -5.88 24.28 39.29
N ASP A 302 -5.57 23.61 38.17
CA ASP A 302 -6.39 22.53 37.65
C ASP A 302 -5.64 21.84 36.52
N ILE A 303 -6.37 21.16 35.64
CA ILE A 303 -5.79 20.42 34.52
C ILE A 303 -6.18 21.14 33.23
N ASN A 304 -5.21 21.35 32.36
CA ASN A 304 -5.38 22.18 31.17
C ASN A 304 -5.06 21.32 29.95
N VAL A 305 -6.09 20.91 29.22
CA VAL A 305 -5.94 20.18 27.97
C VAL A 305 -5.83 21.19 26.84
N ALA A 306 -4.84 21.00 25.97
CA ALA A 306 -4.64 21.86 24.81
C ALA A 306 -4.31 20.98 23.61
N GLY A 307 -4.70 21.44 22.43
CA GLY A 307 -4.65 20.61 21.23
C GLY A 307 -3.46 20.90 20.34
N LEU A 308 -3.00 19.86 19.66
CA LEU A 308 -2.05 19.97 18.56
C LEU A 308 -2.62 19.22 17.35
N CYS A 309 -2.25 19.67 16.17
CA CYS A 309 -2.48 18.92 14.92
C CYS A 309 -3.98 18.67 14.75
N CYS A 310 -4.24 17.43 14.32
N CYS A 310 -4.34 17.53 14.16
CA CYS A 310 -5.62 17.36 13.86
CA CYS A 310 -5.74 17.30 13.78
C CYS A 310 -6.57 16.94 14.97
C CYS A 310 -6.60 16.91 14.98
N THR A 311 -6.07 16.12 15.91
CA THR A 311 -6.86 15.81 17.09
C THR A 311 -7.14 17.08 17.90
N GLY A 312 -6.21 18.03 17.89
CA GLY A 312 -6.50 19.33 18.45
C GLY A 312 -7.60 20.06 17.69
N ASN A 313 -7.53 20.04 16.36
CA ASN A 313 -8.61 20.59 15.54
C ASN A 313 -9.96 20.01 15.95
N GLU A 314 -10.02 18.69 16.19
CA GLU A 314 -11.31 18.06 16.46
C GLU A 314 -11.81 18.39 17.87
N LEU A 315 -10.93 18.42 18.86
CA LEU A 315 -11.33 18.86 20.20
C LEU A 315 -11.78 20.31 20.18
N LEU A 316 -11.15 21.14 19.34
CA LEU A 316 -11.60 22.51 19.16
C LEU A 316 -13.02 22.55 18.59
N MET A 317 -13.26 21.78 17.52
CA MET A 317 -14.55 21.80 16.84
C MET A 317 -15.68 21.34 17.76
N ARG A 318 -15.45 20.30 18.57
CA ARG A 318 -16.51 19.67 19.33
C ARG A 318 -16.58 20.09 20.79
N GLN A 319 -15.48 20.56 21.37
CA GLN A 319 -15.46 20.94 22.77
C GLN A 319 -14.92 22.35 23.00
N GLY A 320 -14.51 23.06 21.95
CA GLY A 320 -13.93 24.38 22.13
C GLY A 320 -12.61 24.39 22.86
N ILE A 321 -11.88 23.28 22.85
CA ILE A 321 -10.62 23.21 23.59
C ILE A 321 -9.57 24.03 22.85
N PRO A 322 -8.86 24.95 23.54
CA PRO A 322 -7.89 25.79 22.83
C PRO A 322 -6.78 24.98 22.19
N MET A 323 -6.28 25.50 21.08
CA MET A 323 -5.23 24.84 20.32
C MET A 323 -3.89 25.52 20.57
N ALA A 324 -2.88 24.71 20.92
CA ALA A 324 -1.56 25.26 21.21
C ALA A 324 -0.79 25.62 19.94
N GLY A 325 -0.98 24.88 18.85
CA GLY A 325 -0.26 25.22 17.64
C GLY A 325 -0.43 24.15 16.59
N ASN A 326 0.18 24.43 15.43
CA ASN A 326 0.15 23.55 14.28
C ASN A 326 1.50 22.85 14.12
N HIS A 327 1.73 22.29 12.93
CA HIS A 327 2.81 21.32 12.68
C HIS A 327 4.15 21.77 13.24
N LEU A 328 4.66 22.92 12.78
CA LEU A 328 5.99 23.34 13.17
C LEU A 328 6.04 24.00 14.55
N MET A 329 4.89 24.15 15.22
CA MET A 329 4.87 24.55 16.62
C MET A 329 5.05 23.37 17.58
N THR A 330 5.00 22.13 17.10
CA THR A 330 4.89 20.98 18.01
C THR A 330 6.14 20.83 18.87
N GLU A 331 7.34 20.94 18.28
CA GLU A 331 8.54 20.89 19.09
C GLU A 331 8.61 22.08 20.03
N LEU A 332 8.20 23.26 19.56
CA LEU A 332 8.31 24.47 20.36
C LEU A 332 7.38 24.45 21.56
N ALA A 333 6.28 23.69 21.48
CA ALA A 333 5.37 23.56 22.60
C ALA A 333 6.06 22.91 23.80
N ILE A 334 6.92 21.93 23.54
CA ILE A 334 7.64 21.28 24.63
C ILE A 334 8.72 22.21 25.19
N VAL A 335 9.36 22.99 24.32
CA VAL A 335 10.43 23.89 24.75
C VAL A 335 9.92 24.96 25.72
N THR A 336 8.59 25.19 25.78
CA THR A 336 8.07 26.10 26.80
C THR A 336 8.41 25.62 28.21
N GLY A 337 8.74 24.34 28.38
CA GLY A 337 9.00 23.77 29.68
C GLY A 337 7.78 23.52 30.52
N ALA A 338 6.58 23.77 29.98
CA ALA A 338 5.34 23.62 30.72
C ALA A 338 4.49 22.46 30.22
N ALA A 339 4.97 21.71 29.22
CA ALA A 339 4.26 20.54 28.73
C ALA A 339 4.54 19.39 29.67
N ASP A 340 3.53 19.01 30.46
CA ASP A 340 3.72 17.94 31.42
C ASP A 340 3.56 16.56 30.77
N ALA A 341 2.72 16.46 29.75
CA ALA A 341 2.58 15.22 28.99
C ALA A 341 2.14 15.55 27.58
N ILE A 342 2.70 14.82 26.62
CA ILE A 342 2.19 14.76 25.25
C ILE A 342 1.51 13.42 25.09
N VAL A 343 0.23 13.43 24.72
CA VAL A 343 -0.53 12.20 24.51
C VAL A 343 -0.76 12.06 23.01
N ALA A 344 -0.08 11.07 22.41
CA ALA A 344 0.00 10.92 20.97
C ALA A 344 -0.76 9.67 20.53
N ASP A 345 -1.37 9.76 19.34
CA ASP A 345 -1.91 8.55 18.72
C ASP A 345 -1.14 8.24 17.42
N TYR A 346 -1.51 8.85 16.30
CA TYR A 346 -0.80 8.51 15.07
C TYR A 346 -0.88 9.64 14.04
N GLN A 347 0.13 9.64 13.15
N GLN A 347 0.13 9.63 13.15
CA GLN A 347 0.24 10.50 11.97
CA GLN A 347 0.24 10.46 11.95
C GLN A 347 0.72 11.91 12.30
C GLN A 347 0.70 11.88 12.26
N CYS A 348 1.75 12.36 11.59
N CYS A 348 1.75 12.31 11.57
CA CYS A 348 2.35 13.70 11.66
CA CYS A 348 2.31 13.66 11.65
C CYS A 348 3.05 13.97 12.98
C CYS A 348 2.90 13.99 13.02
N ILE A 349 3.21 12.97 13.83
CA ILE A 349 3.86 13.14 15.12
C ILE A 349 5.36 12.96 14.92
N MET A 350 6.11 14.05 14.97
CA MET A 350 7.54 13.96 14.69
C MET A 350 8.24 13.18 15.80
N PRO A 351 9.03 12.15 15.46
CA PRO A 351 9.73 11.39 16.51
C PRO A 351 10.75 12.23 17.27
N SER A 352 11.15 13.38 16.73
CA SER A 352 12.01 14.29 17.47
C SER A 352 11.38 14.73 18.79
N LEU A 353 10.05 14.70 18.87
CA LEU A 353 9.38 15.09 20.10
C LEU A 353 9.77 14.19 21.27
N VAL A 354 10.07 12.91 21.01
CA VAL A 354 10.50 12.02 22.07
C VAL A 354 11.81 12.51 22.68
N GLN A 355 12.73 12.98 21.84
CA GLN A 355 14.03 13.42 22.35
C GLN A 355 13.91 14.77 23.06
N ILE A 356 13.07 15.66 22.55
CA ILE A 356 12.89 16.95 23.19
C ILE A 356 12.18 16.80 24.53
N ALA A 357 11.18 15.92 24.59
CA ALA A 357 10.54 15.62 25.87
C ALA A 357 11.56 15.12 26.88
N ALA A 358 12.55 14.36 26.42
CA ALA A 358 13.60 13.85 27.32
C ALA A 358 14.50 14.94 27.85
N CYS A 359 14.57 16.10 27.18
CA CYS A 359 15.30 17.23 27.73
C CYS A 359 14.58 17.85 28.92
N TYR A 360 13.30 17.54 29.10
CA TYR A 360 12.52 18.10 30.19
C TYR A 360 11.95 17.00 31.07
N HIS A 361 10.90 17.34 31.82
CA HIS A 361 10.14 16.39 32.61
C HIS A 361 9.03 15.72 31.82
N THR A 362 8.80 16.18 30.58
CA THR A 362 7.60 15.83 29.84
C THR A 362 7.48 14.34 29.60
N ARG A 363 6.32 13.78 29.92
CA ARG A 363 6.03 12.40 29.53
C ARG A 363 5.51 12.38 28.10
N PHE A 364 6.06 11.48 27.28
CA PHE A 364 5.61 11.26 25.91
C PHE A 364 4.87 9.93 25.89
N VAL A 365 3.56 9.98 25.77
CA VAL A 365 2.70 8.80 25.89
C VAL A 365 2.18 8.44 24.50
N THR A 366 2.41 7.20 24.09
CA THR A 366 1.78 6.66 22.89
C THR A 366 0.58 5.81 23.30
N THR A 367 -0.44 5.77 22.43
CA THR A 367 -1.70 5.12 22.73
C THR A 367 -2.18 4.17 21.64
N SER A 368 -1.55 4.15 20.48
CA SER A 368 -2.05 3.32 19.40
C SER A 368 -1.07 2.21 19.06
N PRO A 369 -1.58 0.99 18.76
CA PRO A 369 -0.67 -0.07 18.29
C PRO A 369 0.01 0.29 16.99
N LYS A 370 -0.48 1.29 16.27
CA LYS A 370 0.12 1.74 15.02
C LYS A 370 1.09 2.90 15.18
N GLY A 371 0.98 3.65 16.28
CA GLY A 371 1.86 4.78 16.50
C GLY A 371 2.90 4.49 17.58
N ARG A 372 3.83 3.61 17.28
CA ARG A 372 4.85 3.21 18.23
C ARG A 372 6.09 4.06 18.05
N PHE A 373 6.64 4.56 19.16
CA PHE A 373 7.83 5.40 19.14
C PHE A 373 8.83 4.82 20.12
N THR A 374 10.00 4.45 19.62
CA THR A 374 11.06 3.94 20.48
C THR A 374 11.37 4.93 21.59
N GLY A 375 11.26 4.46 22.84
CA GLY A 375 11.52 5.28 24.01
C GLY A 375 10.31 5.93 24.61
N ALA A 376 9.14 5.82 23.98
CA ALA A 376 7.93 6.41 24.52
C ALA A 376 7.35 5.54 25.62
N THR A 377 6.47 6.14 26.42
CA THR A 377 5.69 5.40 27.41
C THR A 377 4.39 4.97 26.74
N HIS A 378 4.26 3.66 26.50
CA HIS A 378 3.11 3.15 25.74
C HIS A 378 2.01 2.75 26.70
N VAL A 379 0.85 3.39 26.56
CA VAL A 379 -0.35 3.06 27.33
C VAL A 379 -1.44 2.85 26.28
N GLU A 380 -1.63 1.62 25.82
CA GLU A 380 -2.43 1.39 24.63
C GLU A 380 -3.91 1.55 24.93
N VAL A 381 -4.62 2.20 24.02
CA VAL A 381 -6.02 2.58 24.20
C VAL A 381 -6.86 1.86 23.16
N HIS A 382 -7.93 1.22 23.61
CA HIS A 382 -8.95 0.61 22.78
C HIS A 382 -10.30 0.95 23.40
N PRO A 383 -11.39 0.87 22.62
CA PRO A 383 -12.69 1.29 23.17
C PRO A 383 -13.07 0.62 24.48
N HIS A 384 -12.69 -0.64 24.67
CA HIS A 384 -13.10 -1.35 25.87
C HIS A 384 -12.33 -0.90 27.11
N ASN A 385 -11.14 -0.31 26.96
CA ASN A 385 -10.37 0.11 28.11
C ASN A 385 -10.04 1.59 28.14
N ALA A 386 -10.52 2.38 27.17
CA ALA A 386 -10.09 3.76 27.04
C ALA A 386 -10.38 4.57 28.30
N GLN A 387 -11.53 4.35 28.92
CA GLN A 387 -11.87 5.10 30.12
C GLN A 387 -10.89 4.84 31.25
N GLU A 388 -10.52 3.57 31.45
CA GLU A 388 -9.52 3.24 32.45
C GLU A 388 -8.13 3.72 32.04
N ARG A 389 -7.77 3.49 30.77
CA ARG A 389 -6.41 3.82 30.32
C ARG A 389 -6.19 5.33 30.29
N CYS A 390 -7.17 6.10 29.81
CA CYS A 390 -6.99 7.54 29.75
C CYS A 390 -6.92 8.16 31.14
N ARG A 391 -7.63 7.58 32.11
CA ARG A 391 -7.44 8.01 33.50
C ARG A 391 -6.00 7.78 33.94
N GLU A 392 -5.45 6.61 33.62
N GLU A 392 -5.45 6.59 33.64
CA GLU A 392 -4.06 6.32 33.97
CA GLU A 392 -4.06 6.31 33.96
C GLU A 392 -3.10 7.31 33.32
C GLU A 392 -3.12 7.33 33.32
N ILE A 393 -3.39 7.70 32.08
CA ILE A 393 -2.52 8.64 31.36
C ILE A 393 -2.56 10.01 32.03
N VAL A 394 -3.75 10.47 32.41
CA VAL A 394 -3.85 11.78 33.07
C VAL A 394 -3.10 11.75 34.39
N MET A 395 -3.18 10.63 35.12
CA MET A 395 -2.43 10.54 36.38
C MET A 395 -0.93 10.57 36.14
N LEU A 396 -0.45 10.03 35.01
CA LEU A 396 0.96 10.18 34.67
C LEU A 396 1.31 11.64 34.44
N ALA A 397 0.42 12.40 33.80
CA ALA A 397 0.67 13.81 33.55
C ALA A 397 0.74 14.59 34.86
N ILE A 398 -0.18 14.30 35.78
CA ILE A 398 -0.15 14.96 37.09
C ILE A 398 1.15 14.66 37.80
N ASP A 399 1.62 13.41 37.74
CA ASP A 399 2.90 13.06 38.36
C ASP A 399 4.04 13.80 37.68
N ALA A 400 4.00 13.91 36.35
CA ALA A 400 5.03 14.66 35.63
C ALA A 400 5.03 16.12 36.05
N TYR A 401 3.85 16.69 36.31
CA TYR A 401 3.76 18.08 36.73
C TYR A 401 4.55 18.33 38.00
N THR A 402 4.55 17.37 38.92
CA THR A 402 5.28 17.56 40.17
C THR A 402 6.78 17.64 39.96
N ARG A 403 7.28 17.16 38.81
CA ARG A 403 8.70 17.17 38.50
C ARG A 403 9.11 18.28 37.54
N ARG A 404 8.20 19.20 37.24
CA ARG A 404 8.51 20.29 36.32
C ARG A 404 9.54 21.23 36.95
N ASP A 405 10.56 21.58 36.17
CA ASP A 405 11.59 22.52 36.61
C ASP A 405 11.10 23.95 36.38
N PRO A 406 10.85 24.71 37.44
CA PRO A 406 10.32 26.08 37.25
C PRO A 406 11.30 27.03 36.57
N ALA A 407 12.60 26.78 36.68
CA ALA A 407 13.60 27.66 36.08
C ALA A 407 13.64 27.57 34.56
N ARG A 408 13.01 26.56 33.95
CA ARG A 408 13.06 26.38 32.51
C ARG A 408 11.70 26.60 31.85
N VAL A 409 10.78 27.26 32.53
CA VAL A 409 9.43 27.51 32.01
C VAL A 409 9.40 28.88 31.36
N ASP A 410 8.82 28.94 30.15
CA ASP A 410 8.69 30.22 29.44
C ASP A 410 7.53 30.06 28.45
N ILE A 411 6.34 30.49 28.86
CA ILE A 411 5.16 30.48 28.01
C ILE A 411 5.03 31.88 27.40
N PRO A 412 5.22 32.05 26.09
CA PRO A 412 5.63 33.36 25.55
C PRO A 412 4.57 34.36 25.14
N SER A 413 3.30 33.98 25.00
CA SER A 413 2.33 34.87 24.36
C SER A 413 1.02 34.88 25.14
N GLN A 414 0.16 35.86 24.79
CA GLN A 414 -1.24 35.87 25.20
C GLN A 414 -2.09 35.17 24.14
N PRO A 415 -3.01 34.29 24.53
CA PRO A 415 -3.79 33.56 23.52
C PRO A 415 -4.67 34.50 22.70
N VAL A 416 -4.96 34.08 21.47
CA VAL A 416 -5.74 34.86 20.50
C VAL A 416 -7.11 34.21 20.37
N SER A 417 -8.16 35.03 20.44
CA SER A 417 -9.52 34.52 20.37
C SER A 417 -9.87 34.05 18.96
N ILE A 418 -10.57 32.92 18.88
CA ILE A 418 -11.03 32.36 17.63
C ILE A 418 -12.48 31.90 17.81
N MET A 419 -13.12 31.61 16.68
CA MET A 419 -14.42 30.97 16.63
C MET A 419 -14.28 29.72 15.77
N SER A 420 -14.81 28.60 16.25
CA SER A 420 -14.69 27.32 15.58
C SER A 420 -16.07 26.68 15.47
N GLY A 421 -16.12 25.49 14.89
CA GLY A 421 -17.33 24.68 14.91
C GLY A 421 -18.20 24.71 13.67
N PHE A 422 -17.66 25.09 12.51
CA PHE A 422 -18.48 25.23 11.31
C PHE A 422 -18.52 23.93 10.51
N SER A 423 -19.20 22.95 11.08
CA SER A 423 -19.69 21.81 10.31
C SER A 423 -20.68 22.29 9.26
N ASN A 424 -20.96 21.43 8.28
CA ASN A 424 -22.01 21.78 7.32
C ASN A 424 -23.35 21.96 8.02
N GLU A 425 -23.61 21.14 9.05
CA GLU A 425 -24.84 21.30 9.83
C GLU A 425 -24.90 22.69 10.46
N ALA A 426 -23.77 23.17 10.98
CA ALA A 426 -23.72 24.51 11.58
C ALA A 426 -23.91 25.60 10.53
N ILE A 427 -23.26 25.44 9.37
CA ILE A 427 -23.40 26.43 8.30
C ILE A 427 -24.86 26.53 7.84
N LEU A 428 -25.49 25.38 7.59
CA LEU A 428 -26.88 25.37 7.17
C LEU A 428 -27.78 26.00 8.21
N GLU A 429 -27.53 25.71 9.50
CA GLU A 429 -28.33 26.32 10.55
C GLU A 429 -28.16 27.84 10.56
N ALA A 430 -26.93 28.33 10.36
CA ALA A 430 -26.70 29.77 10.30
C ALA A 430 -27.38 30.41 9.11
N LEU A 431 -27.63 29.63 8.05
CA LEU A 431 -28.29 30.12 6.86
C LEU A 431 -29.81 30.05 6.93
N GLY A 432 -30.35 29.53 8.03
CA GLY A 432 -31.78 29.35 8.17
C GLY A 432 -32.28 27.95 7.88
N GLY A 433 -31.40 27.02 7.51
CA GLY A 433 -31.78 25.65 7.26
C GLY A 433 -31.60 25.17 5.83
N THR A 434 -31.38 26.06 4.88
CA THR A 434 -31.20 25.71 3.48
C THR A 434 -29.98 26.43 2.93
N PRO A 435 -29.37 25.92 1.85
CA PRO A 435 -28.25 26.63 1.24
C PRO A 435 -28.66 27.83 0.39
N LYS A 436 -29.96 28.11 0.27
CA LYS A 436 -30.42 29.17 -0.63
C LYS A 436 -29.80 30.53 -0.31
N PRO A 437 -29.79 31.02 0.94
CA PRO A 437 -29.16 32.33 1.19
C PRO A 437 -27.70 32.39 0.78
N LEU A 438 -26.98 31.26 0.86
CA LEU A 438 -25.60 31.24 0.38
C LEU A 438 -25.55 31.25 -1.14
N ILE A 439 -26.41 30.45 -1.78
CA ILE A 439 -26.46 30.45 -3.24
C ILE A 439 -26.85 31.83 -3.77
N ASP A 440 -27.81 32.48 -3.11
CA ASP A 440 -28.21 33.82 -3.51
C ASP A 440 -27.06 34.80 -3.42
N ALA A 441 -26.24 34.70 -2.37
CA ALA A 441 -25.09 35.59 -2.23
C ALA A 441 -24.05 35.34 -3.31
N VAL A 442 -23.89 34.09 -3.74
CA VAL A 442 -22.95 33.80 -4.82
C VAL A 442 -23.49 34.30 -6.14
N VAL A 443 -24.77 34.08 -6.40
CA VAL A 443 -25.39 34.59 -7.63
C VAL A 443 -25.29 36.11 -7.68
N ALA A 444 -25.60 36.78 -6.56
CA ALA A 444 -25.55 38.23 -6.51
C ALA A 444 -24.13 38.80 -6.58
N GLY A 445 -23.10 37.95 -6.47
CA GLY A 445 -21.73 38.41 -6.53
C GLY A 445 -21.18 38.95 -5.24
N GLN A 446 -21.94 38.92 -4.15
CA GLN A 446 -21.41 39.32 -2.85
C GLN A 446 -20.30 38.36 -2.41
N ILE A 447 -20.48 37.07 -2.67
CA ILE A 447 -19.45 36.07 -2.47
C ILE A 447 -19.10 35.54 -3.85
N ARG A 448 -17.87 35.84 -4.30
N ARG A 448 -17.87 35.84 -4.30
CA ARG A 448 -17.47 35.40 -5.63
CA ARG A 448 -17.45 35.40 -5.63
C ARG A 448 -17.33 33.88 -5.69
C ARG A 448 -17.33 33.88 -5.69
N GLY A 449 -16.83 33.28 -4.62
CA GLY A 449 -16.65 31.84 -4.58
C GLY A 449 -16.11 31.42 -3.22
N PHE A 450 -15.64 30.18 -3.14
CA PHE A 450 -15.11 29.62 -1.91
C PHE A 450 -13.78 28.94 -2.19
N VAL A 451 -12.83 29.06 -1.26
CA VAL A 451 -11.58 28.33 -1.35
C VAL A 451 -11.33 27.62 -0.04
N GLY A 452 -11.09 26.32 -0.11
CA GLY A 452 -10.62 25.59 1.05
C GLY A 452 -9.11 25.70 1.16
N ILE A 453 -8.61 26.28 2.24
CA ILE A 453 -7.18 26.34 2.48
C ILE A 453 -6.87 25.32 3.56
N VAL A 454 -6.14 24.27 3.21
CA VAL A 454 -6.19 23.03 3.96
C VAL A 454 -4.81 22.47 4.27
N GLY A 455 -3.75 23.20 3.94
CA GLY A 455 -2.42 22.64 3.98
C GLY A 455 -1.72 22.60 5.35
N CYS A 456 -0.49 22.12 5.31
N CYS A 456 -0.48 22.11 5.31
CA CYS A 456 0.33 21.89 6.50
CA CYS A 456 0.36 21.86 6.48
C CYS A 456 1.25 23.10 6.74
C CYS A 456 1.22 23.09 6.77
N ASN A 457 2.34 22.87 7.45
CA ASN A 457 3.51 23.74 7.47
C ASN A 457 4.64 22.99 6.80
N ASN A 458 5.66 23.72 6.34
CA ASN A 458 6.79 23.04 5.71
C ASN A 458 8.00 23.93 5.92
N PRO A 459 9.10 23.38 6.45
CA PRO A 459 10.29 24.22 6.71
C PRO A 459 10.83 24.93 5.48
N LYS A 460 10.47 24.49 4.27
CA LYS A 460 10.87 25.18 3.06
C LYS A 460 10.25 26.57 2.95
N ILE A 461 9.21 26.85 3.73
CA ILE A 461 8.47 28.11 3.64
C ILE A 461 8.39 28.71 5.03
N ARG A 462 8.65 30.02 5.14
CA ARG A 462 8.51 30.71 6.42
C ARG A 462 7.14 30.43 7.01
N GLN A 463 7.13 29.90 8.24
CA GLN A 463 5.94 29.26 8.77
C GLN A 463 4.74 30.19 8.73
N ASP A 464 3.67 29.73 8.08
CA ASP A 464 2.36 30.35 7.96
C ASP A 464 2.37 31.64 7.15
N SER A 465 3.51 32.02 6.56
CA SER A 465 3.57 33.25 5.78
C SER A 465 2.67 33.15 4.55
N ALA A 466 2.67 32.01 3.87
CA ALA A 466 1.82 31.83 2.71
C ALA A 466 0.38 31.54 3.11
N ASN A 467 0.17 30.73 4.14
CA ASN A 467 -1.17 30.46 4.64
C ASN A 467 -1.92 31.75 4.95
N VAL A 468 -1.27 32.65 5.70
CA VAL A 468 -1.95 33.88 6.11
C VAL A 468 -2.13 34.83 4.94
N THR A 469 -1.09 35.01 4.13
CA THR A 469 -1.19 35.96 3.02
C THR A 469 -2.28 35.52 2.04
N LEU A 470 -2.34 34.23 1.73
CA LEU A 470 -3.38 33.75 0.82
C LEU A 470 -4.77 33.97 1.41
N THR A 471 -4.94 33.66 2.69
CA THR A 471 -6.24 33.87 3.35
C THR A 471 -6.64 35.34 3.29
N ARG A 472 -5.71 36.25 3.62
CA ARG A 472 -6.02 37.68 3.57
C ARG A 472 -6.36 38.11 2.14
N GLU A 473 -5.59 37.63 1.16
CA GLU A 473 -5.85 38.01 -0.24
C GLU A 473 -7.22 37.56 -0.70
N LEU A 474 -7.61 36.33 -0.36
CA LEU A 474 -8.86 35.79 -0.87
C LEU A 474 -10.07 36.49 -0.27
N ILE A 475 -10.06 36.73 1.06
CA ILE A 475 -11.24 37.38 1.64
C ILE A 475 -11.32 38.83 1.20
N ARG A 476 -10.18 39.47 0.91
CA ARG A 476 -10.21 40.82 0.35
C ARG A 476 -10.92 40.84 -0.99
N ARG A 477 -10.84 39.76 -1.75
CA ARG A 477 -11.48 39.64 -3.05
C ARG A 477 -12.86 39.01 -2.99
N ASP A 478 -13.49 39.02 -1.81
CA ASP A 478 -14.86 38.51 -1.62
C ASP A 478 -14.94 37.00 -1.87
N ILE A 479 -13.86 36.29 -1.60
CA ILE A 479 -13.81 34.83 -1.69
C ILE A 479 -13.78 34.30 -0.27
N MET A 480 -14.83 33.60 0.15
CA MET A 480 -14.87 33.04 1.49
C MET A 480 -13.90 31.88 1.60
N VAL A 481 -13.21 31.79 2.74
CA VAL A 481 -12.19 30.78 2.97
C VAL A 481 -12.73 29.76 3.96
N LEU A 482 -12.58 28.48 3.61
CA LEU A 482 -12.87 27.37 4.51
C LEU A 482 -11.54 26.79 4.95
N ALA A 483 -11.28 26.83 6.27
CA ALA A 483 -9.98 26.49 6.83
C ALA A 483 -10.02 25.14 7.55
N THR A 484 -9.05 24.28 7.26
CA THR A 484 -8.91 23.01 7.98
C THR A 484 -7.44 22.79 8.30
N GLY A 485 -7.18 21.81 9.17
CA GLY A 485 -5.81 21.38 9.42
C GLY A 485 -4.96 22.47 10.05
N CYS A 486 -3.71 22.54 9.62
N CYS A 486 -3.69 22.52 9.63
CA CYS A 486 -2.77 23.46 10.21
CA CYS A 486 -2.73 23.49 10.14
C CYS A 486 -2.93 24.90 9.68
C CYS A 486 -3.17 24.92 9.89
N VAL A 487 -3.92 25.14 8.81
CA VAL A 487 -4.29 26.50 8.44
C VAL A 487 -5.19 27.11 9.51
N THR A 488 -5.90 26.28 10.27
CA THR A 488 -6.72 26.77 11.37
C THR A 488 -5.91 27.65 12.31
N THR A 489 -4.77 27.14 12.78
CA THR A 489 -3.94 27.89 13.71
C THR A 489 -3.39 29.16 13.06
N ALA A 490 -3.02 29.07 11.78
CA ALA A 490 -2.50 30.22 11.05
C ALA A 490 -3.53 31.35 11.00
N ALA A 491 -4.73 31.06 10.47
CA ALA A 491 -5.77 32.07 10.39
C ALA A 491 -6.20 32.53 11.78
N GLY A 492 -6.25 31.60 12.74
CA GLY A 492 -6.62 31.98 14.10
C GLY A 492 -5.66 32.97 14.72
N LYS A 493 -4.36 32.69 14.61
CA LYS A 493 -3.37 33.60 15.17
C LYS A 493 -3.33 34.92 14.41
N ALA A 494 -3.75 34.92 13.14
CA ALA A 494 -3.87 36.13 12.35
C ALA A 494 -5.12 36.94 12.69
N GLY A 495 -5.95 36.47 13.60
CA GLY A 495 -7.15 37.19 13.98
C GLY A 495 -8.29 37.08 12.98
N LEU A 496 -8.25 36.09 12.10
CA LEU A 496 -9.19 36.02 10.99
C LEU A 496 -10.35 35.05 11.25
N LEU A 497 -10.34 34.34 12.37
CA LEU A 497 -11.39 33.36 12.67
C LEU A 497 -12.48 33.92 13.57
N VAL A 498 -12.68 35.24 13.57
CA VAL A 498 -13.72 35.84 14.41
C VAL A 498 -14.63 36.69 13.53
N PRO A 499 -15.86 36.92 13.96
CA PRO A 499 -16.77 37.73 13.13
C PRO A 499 -16.25 39.12 12.85
N GLU A 500 -15.52 39.73 13.80
CA GLU A 500 -14.96 41.05 13.59
C GLU A 500 -13.97 41.10 12.43
N ALA A 501 -13.45 39.95 12.00
CA ALA A 501 -12.55 39.92 10.85
C ALA A 501 -13.25 40.23 9.54
N ALA A 502 -14.57 40.39 9.54
CA ALA A 502 -15.26 40.86 8.35
C ALA A 502 -14.74 42.21 7.90
N SER A 503 -14.17 42.99 8.83
CA SER A 503 -13.52 44.24 8.47
C SER A 503 -12.35 44.05 7.52
N LYS A 504 -11.77 42.84 7.45
CA LYS A 504 -10.67 42.56 6.54
C LYS A 504 -11.13 41.99 5.21
N ALA A 505 -12.41 41.70 5.07
CA ALA A 505 -12.94 41.16 3.83
C ALA A 505 -13.38 42.29 2.91
N GLY A 506 -13.57 41.95 1.63
CA GLY A 506 -14.19 42.87 0.69
C GLY A 506 -15.61 43.19 1.08
N GLU A 507 -16.17 44.17 0.38
CA GLU A 507 -17.47 44.73 0.80
C GLU A 507 -18.58 43.67 0.74
N GLY A 508 -18.58 42.83 -0.29
CA GLY A 508 -19.64 41.85 -0.42
C GLY A 508 -19.55 40.73 0.60
N LEU A 509 -18.35 40.19 0.80
CA LEU A 509 -18.18 39.12 1.78
C LEU A 509 -18.36 39.65 3.20
N ALA A 510 -17.91 40.87 3.46
CA ALA A 510 -18.11 41.46 4.79
C ALA A 510 -19.60 41.61 5.10
N ALA A 511 -20.40 42.01 4.11
CA ALA A 511 -21.83 42.20 4.34
C ALA A 511 -22.53 40.88 4.63
N VAL A 512 -22.20 39.82 3.88
CA VAL A 512 -22.80 38.52 4.15
C VAL A 512 -22.38 38.01 5.52
N CYS A 513 -21.09 38.11 5.84
CA CYS A 513 -20.60 37.64 7.14
C CYS A 513 -21.29 38.37 8.29
N ARG A 514 -21.44 39.69 8.16
CA ARG A 514 -22.09 40.44 9.23
C ARG A 514 -23.57 40.11 9.31
N SER A 515 -24.22 39.87 8.16
CA SER A 515 -25.62 39.47 8.19
C SER A 515 -25.82 38.13 8.89
N LEU A 516 -24.83 37.24 8.77
CA LEU A 516 -24.91 35.91 9.38
C LEU A 516 -24.24 35.86 10.74
N GLY A 517 -23.42 36.84 11.09
CA GLY A 517 -22.70 36.81 12.35
C GLY A 517 -21.55 35.82 12.39
N VAL A 518 -20.92 35.56 11.26
CA VAL A 518 -19.88 34.54 11.16
C VAL A 518 -18.61 35.21 10.66
N PRO A 519 -17.45 34.56 10.84
CA PRO A 519 -16.20 35.10 10.30
C PRO A 519 -16.12 34.92 8.80
N PRO A 520 -15.24 35.67 8.12
CA PRO A 520 -15.00 35.40 6.69
C PRO A 520 -14.17 34.16 6.44
N VAL A 521 -13.60 33.58 7.49
CA VAL A 521 -12.87 32.32 7.42
C VAL A 521 -13.57 31.35 8.35
N LEU A 522 -14.10 30.26 7.80
CA LEU A 522 -14.87 29.28 8.55
C LEU A 522 -13.97 28.08 8.89
N HIS A 523 -13.78 27.82 10.17
CA HIS A 523 -13.05 26.63 10.58
C HIS A 523 -13.96 25.41 10.41
N MET A 524 -13.59 24.51 9.50
CA MET A 524 -14.39 23.32 9.23
C MET A 524 -13.76 22.04 9.76
N GLY A 525 -12.60 22.11 10.40
CA GLY A 525 -12.11 20.98 11.15
C GLY A 525 -10.70 20.51 10.85
N SER A 526 -10.49 19.22 11.02
CA SER A 526 -9.20 18.58 10.82
C SER A 526 -9.00 18.23 9.35
N CYS A 527 -7.92 17.49 9.04
N CYS A 527 -7.92 17.50 9.05
CA CYS A 527 -7.71 17.03 7.67
CA CYS A 527 -7.65 17.10 7.67
C CYS A 527 -8.77 16.05 7.24
C CYS A 527 -8.67 16.08 7.18
N VAL A 528 -9.20 15.18 8.16
N VAL A 528 -9.18 15.21 8.06
CA VAL A 528 -10.29 14.25 7.85
CA VAL A 528 -10.24 14.31 7.61
C VAL A 528 -11.54 15.03 7.44
C VAL A 528 -11.52 15.07 7.34
N ASP A 529 -11.75 16.18 8.06
CA ASP A 529 -12.93 17.01 7.84
C ASP A 529 -12.88 17.78 6.52
N ASN A 530 -11.82 17.64 5.72
CA ASN A 530 -11.94 18.08 4.34
C ASN A 530 -13.03 17.33 3.60
N SER A 531 -13.44 16.17 4.11
CA SER A 531 -14.64 15.51 3.59
C SER A 531 -15.87 16.39 3.72
N ARG A 532 -15.92 17.28 4.73
CA ARG A 532 -17.04 18.21 4.82
C ARG A 532 -17.06 19.16 3.63
N ILE A 533 -15.88 19.56 3.14
CA ILE A 533 -15.83 20.43 1.97
C ILE A 533 -16.34 19.71 0.74
N LEU A 534 -15.98 18.42 0.58
CA LEU A 534 -16.55 17.61 -0.50
C LEU A 534 -18.07 17.55 -0.39
N GLN A 535 -18.59 17.32 0.81
CA GLN A 535 -20.04 17.25 0.99
C GLN A 535 -20.70 18.57 0.63
N LEU A 536 -20.10 19.69 1.05
CA LEU A 536 -20.67 21.00 0.76
C LEU A 536 -20.68 21.27 -0.73
N CYS A 537 -19.57 20.99 -1.41
CA CYS A 537 -19.53 21.17 -2.87
C CYS A 537 -20.57 20.29 -3.55
N ALA A 538 -20.68 19.02 -3.13
CA ALA A 538 -21.66 18.14 -3.74
C ALA A 538 -23.07 18.67 -3.53
N LEU A 539 -23.35 19.23 -2.35
CA LEU A 539 -24.68 19.77 -2.10
C LEU A 539 -24.96 20.99 -2.97
N LEU A 540 -23.98 21.89 -3.10
CA LEU A 540 -24.18 23.06 -3.95
C LEU A 540 -24.36 22.67 -5.41
N ALA A 541 -23.55 21.74 -5.92
CA ALA A 541 -23.69 21.32 -7.30
C ALA A 541 -25.02 20.63 -7.54
N THR A 542 -25.41 19.73 -6.64
CA THR A 542 -26.68 19.02 -6.79
C THR A 542 -27.86 19.99 -6.75
N THR A 543 -27.80 21.00 -5.86
CA THR A 543 -28.87 21.98 -5.77
C THR A 543 -28.98 22.80 -7.05
N LEU A 544 -27.84 23.17 -7.63
CA LEU A 544 -27.81 23.95 -8.86
C LEU A 544 -27.96 23.09 -10.12
N GLY A 545 -27.95 21.77 -9.98
CA GLY A 545 -28.07 20.90 -11.14
C GLY A 545 -26.86 20.90 -12.05
N VAL A 546 -25.66 21.10 -11.50
CA VAL A 546 -24.43 21.14 -12.26
C VAL A 546 -23.44 20.17 -11.64
N ASP A 547 -22.24 20.12 -12.21
CA ASP A 547 -21.13 19.34 -11.67
C ASP A 547 -20.37 20.19 -10.64
N ILE A 548 -19.57 19.51 -9.82
CA ILE A 548 -18.67 20.24 -8.92
C ILE A 548 -17.68 21.05 -9.73
N SER A 549 -17.30 20.56 -10.90
CA SER A 549 -16.39 21.28 -11.79
C SER A 549 -17.02 22.52 -12.43
N ASP A 550 -18.29 22.79 -12.14
CA ASP A 550 -18.94 24.03 -12.57
C ASP A 550 -19.06 25.05 -11.44
N LEU A 551 -18.70 24.69 -10.21
CA LEU A 551 -18.87 25.58 -9.07
C LEU A 551 -17.70 26.53 -8.94
N PRO A 552 -17.95 27.75 -8.44
CA PRO A 552 -16.85 28.70 -8.18
C PRO A 552 -16.14 28.36 -6.87
N VAL A 553 -15.33 27.30 -6.93
CA VAL A 553 -14.64 26.79 -5.76
C VAL A 553 -13.18 26.55 -6.12
N GLY A 554 -12.37 26.41 -5.08
CA GLY A 554 -10.97 26.04 -5.23
C GLY A 554 -10.47 25.45 -3.94
N ALA A 555 -9.28 24.86 -4.03
CA ALA A 555 -8.60 24.35 -2.85
C ALA A 555 -7.13 24.77 -2.92
N SER A 556 -6.51 24.91 -1.75
CA SER A 556 -5.14 25.39 -1.69
C SER A 556 -4.44 24.79 -0.49
N SER A 557 -3.20 24.36 -0.71
CA SER A 557 -2.34 23.84 0.35
C SER A 557 -1.01 24.57 0.20
N PRO A 558 -0.93 25.81 0.69
CA PRO A 558 0.27 26.62 0.40
C PRO A 558 1.55 26.09 1.01
N GLU A 559 1.49 25.36 2.12
CA GLU A 559 2.68 24.95 2.84
C GLU A 559 2.63 23.46 3.17
N TRP A 560 2.14 22.64 2.24
CA TRP A 560 1.95 21.22 2.53
C TRP A 560 3.29 20.49 2.64
N TYR A 561 3.24 19.33 3.31
CA TYR A 561 4.38 18.41 3.34
C TYR A 561 3.99 16.95 3.25
N SER A 562 2.83 16.53 3.74
CA SER A 562 2.56 15.12 4.01
C SER A 562 1.96 14.41 2.80
N GLU A 563 2.06 13.08 2.83
CA GLU A 563 1.32 12.25 1.88
C GLU A 563 -0.18 12.45 2.02
N LYS A 564 -0.66 12.58 3.28
CA LYS A 564 -2.08 12.84 3.49
C LYS A 564 -2.52 14.10 2.77
N ALA A 565 -1.70 15.15 2.82
CA ALA A 565 -2.06 16.40 2.15
C ALA A 565 -2.12 16.23 0.64
N ALA A 566 -1.21 15.44 0.08
CA ALA A 566 -1.25 15.18 -1.35
C ALA A 566 -2.48 14.37 -1.73
N ALA A 567 -2.91 13.44 -0.87
CA ALA A 567 -4.11 12.67 -1.15
C ALA A 567 -5.34 13.56 -1.16
N ILE A 568 -5.41 14.51 -0.23
CA ILE A 568 -6.51 15.47 -0.20
C ILE A 568 -6.50 16.30 -1.49
N ALA A 569 -5.34 16.82 -1.86
CA ALA A 569 -5.24 17.60 -3.09
C ALA A 569 -5.71 16.79 -4.30
N MET A 570 -5.30 15.51 -4.36
CA MET A 570 -5.69 14.68 -5.49
C MET A 570 -7.20 14.42 -5.48
N TYR A 571 -7.81 14.15 -4.32
CA TYR A 571 -9.23 13.89 -4.40
C TYR A 571 -10.05 15.16 -4.62
N ALA A 572 -9.52 16.31 -4.23
CA ALA A 572 -10.15 17.57 -4.63
C ALA A 572 -10.12 17.74 -6.15
N VAL A 573 -8.94 17.58 -6.75
CA VAL A 573 -8.80 17.70 -8.20
C VAL A 573 -9.71 16.70 -8.91
N ALA A 574 -9.68 15.44 -8.48
CA ALA A 574 -10.48 14.39 -9.12
C ALA A 574 -11.97 14.60 -8.93
N SER A 575 -12.38 15.37 -7.92
CA SER A 575 -13.78 15.70 -7.72
C SER A 575 -14.20 16.99 -8.44
N GLY A 576 -13.28 17.65 -9.15
CA GLY A 576 -13.63 18.84 -9.91
C GLY A 576 -13.22 20.17 -9.30
N ILE A 577 -12.36 20.15 -8.29
CA ILE A 577 -11.98 21.35 -7.55
C ILE A 577 -10.56 21.74 -7.98
N PRO A 578 -10.36 22.91 -8.58
CA PRO A 578 -8.98 23.36 -8.87
C PRO A 578 -8.20 23.48 -7.57
N THR A 579 -6.99 22.92 -7.56
CA THR A 579 -6.23 22.78 -6.32
C THR A 579 -4.83 23.34 -6.48
N HIS A 580 -4.49 24.33 -5.66
CA HIS A 580 -3.17 24.94 -5.65
C HIS A 580 -2.29 24.28 -4.59
N LEU A 581 -1.03 24.04 -4.96
CA LEU A 581 0.01 23.61 -4.05
C LEU A 581 1.10 24.66 -4.03
N GLY A 582 1.61 24.97 -2.84
CA GLY A 582 2.69 25.95 -2.76
C GLY A 582 4.01 25.39 -3.26
N LEU A 583 4.20 24.08 -3.14
CA LEU A 583 5.42 23.37 -3.47
C LEU A 583 5.10 22.18 -4.36
N PRO A 584 5.99 21.82 -5.26
CA PRO A 584 5.72 20.70 -6.17
C PRO A 584 5.93 19.36 -5.48
N PRO A 585 5.09 18.38 -5.77
CA PRO A 585 5.44 16.99 -5.45
C PRO A 585 6.70 16.61 -6.22
N ASN A 586 7.31 15.49 -5.83
CA ASN A 586 8.55 15.04 -6.47
C ASN A 586 8.25 14.34 -7.80
N ILE A 587 7.84 15.15 -8.78
CA ILE A 587 7.44 14.62 -10.08
C ILE A 587 8.06 15.37 -11.25
N LEU A 588 8.80 16.45 -11.01
CA LEU A 588 9.23 17.28 -12.13
C LEU A 588 10.23 16.61 -13.05
N GLY A 589 10.75 15.43 -12.68
CA GLY A 589 11.60 14.65 -13.57
C GLY A 589 10.88 14.07 -14.76
N SER A 590 9.55 14.03 -14.74
CA SER A 590 8.75 13.59 -15.88
C SER A 590 7.92 14.76 -16.38
N GLU A 591 8.27 15.28 -17.57
CA GLU A 591 7.48 16.34 -18.16
C GLU A 591 6.06 15.89 -18.46
N ASN A 592 5.88 14.62 -18.87
CA ASN A 592 4.54 14.12 -19.17
C ASN A 592 3.68 13.98 -17.92
N VAL A 593 4.24 13.46 -16.83
CA VAL A 593 3.46 13.37 -15.60
C VAL A 593 3.16 14.77 -15.08
N THR A 594 4.14 15.67 -15.11
CA THR A 594 3.92 17.03 -14.66
C THR A 594 2.85 17.72 -15.50
N ALA A 595 2.89 17.54 -16.83
CA ALA A 595 1.90 18.17 -17.69
C ALA A 595 0.51 17.61 -17.45
N MET A 596 0.40 16.32 -17.12
N MET A 596 0.39 16.32 -17.10
CA MET A 596 -0.89 15.73 -16.79
CA MET A 596 -0.93 15.79 -16.80
C MET A 596 -1.45 16.34 -15.50
C MET A 596 -1.46 16.34 -15.49
N ALA A 597 -0.60 16.47 -14.48
CA ALA A 597 -1.04 17.03 -13.21
C ALA A 597 -1.49 18.48 -13.36
N LEU A 598 -0.72 19.28 -14.13
CA LEU A 598 -1.00 20.71 -14.24
C LEU A 598 -1.98 21.07 -15.35
N HIS A 599 -2.17 20.20 -16.35
CA HIS A 599 -2.95 20.59 -17.51
C HIS A 599 -3.84 19.46 -18.02
N GLY A 600 -3.27 18.27 -18.22
CA GLY A 600 -4.02 17.18 -18.81
C GLY A 600 -5.25 16.81 -18.01
N LEU A 601 -5.15 16.82 -16.67
CA LEU A 601 -6.28 16.44 -15.84
C LEU A 601 -7.47 17.38 -16.05
N GLN A 602 -7.22 18.62 -16.45
CA GLN A 602 -8.31 19.53 -16.76
C GLN A 602 -9.24 18.93 -17.80
N ASP A 603 -8.68 18.27 -18.82
CA ASP A 603 -9.44 17.66 -19.90
C ASP A 603 -9.92 16.25 -19.56
N VAL A 604 -9.72 15.81 -18.33
CA VAL A 604 -10.17 14.50 -17.87
C VAL A 604 -11.20 14.62 -16.77
N VAL A 605 -10.88 15.37 -15.70
CA VAL A 605 -11.76 15.48 -14.55
C VAL A 605 -12.28 16.90 -14.35
N GLY A 606 -11.92 17.85 -15.21
CA GLY A 606 -12.45 19.20 -15.09
C GLY A 606 -11.74 20.07 -14.08
N ALA A 607 -10.57 19.65 -13.60
CA ALA A 607 -9.77 20.43 -12.68
C ALA A 607 -8.34 19.92 -12.78
N ALA A 608 -7.41 20.69 -12.25
CA ALA A 608 -6.00 20.32 -12.31
C ALA A 608 -5.26 20.90 -11.11
N PHE A 609 -4.04 20.41 -10.91
CA PHE A 609 -3.16 20.98 -9.90
C PHE A 609 -2.56 22.29 -10.39
N MET A 610 -2.21 23.15 -9.44
CA MET A 610 -1.40 24.34 -9.66
C MET A 610 -0.26 24.34 -8.66
N VAL A 611 0.92 24.76 -9.10
CA VAL A 611 2.07 24.89 -8.22
C VAL A 611 2.55 26.33 -8.28
N GLU A 612 2.49 27.03 -7.15
CA GLU A 612 2.81 28.44 -7.12
C GLU A 612 3.25 28.86 -5.73
N PRO A 613 4.53 29.20 -5.52
CA PRO A 613 4.99 29.55 -4.18
C PRO A 613 4.70 30.97 -3.74
N ASP A 614 4.33 31.85 -4.67
CA ASP A 614 3.94 33.22 -4.33
C ASP A 614 2.47 33.21 -3.96
N PRO A 615 2.11 33.44 -2.69
CA PRO A 615 0.69 33.34 -2.31
C PRO A 615 -0.18 34.40 -2.96
N VAL A 616 0.38 35.56 -3.32
CA VAL A 616 -0.41 36.56 -4.05
C VAL A 616 -0.74 36.06 -5.45
N LYS A 617 0.25 35.49 -6.14
CA LYS A 617 -0.02 34.89 -7.44
C LYS A 617 -0.96 33.70 -7.33
N ALA A 618 -0.81 32.91 -6.27
CA ALA A 618 -1.76 31.81 -6.03
C ALA A 618 -3.17 32.34 -5.88
N ALA A 619 -3.35 33.45 -5.16
CA ALA A 619 -4.66 34.08 -5.08
C ALA A 619 -5.16 34.48 -6.46
N ASP A 620 -4.27 35.03 -7.30
CA ASP A 620 -4.65 35.41 -8.66
C ASP A 620 -5.15 34.21 -9.45
N MET A 621 -4.44 33.09 -9.35
CA MET A 621 -4.80 31.90 -10.13
C MET A 621 -6.10 31.29 -9.61
N LEU A 622 -6.29 31.24 -8.29
CA LEU A 622 -7.54 30.71 -7.76
C LEU A 622 -8.72 31.60 -8.13
N GLU A 623 -8.55 32.92 -8.03
CA GLU A 623 -9.62 33.83 -8.44
C GLU A 623 -9.95 33.66 -9.92
N ALA A 624 -8.94 33.49 -10.77
CA ALA A 624 -9.18 33.35 -12.20
C ALA A 624 -10.03 32.12 -12.50
N HIS A 625 -9.74 30.99 -11.83
CA HIS A 625 -10.60 29.82 -11.96
C HIS A 625 -12.02 30.12 -11.52
N ILE A 626 -12.16 30.82 -10.38
CA ILE A 626 -13.48 31.16 -9.88
C ILE A 626 -14.22 32.05 -10.87
N VAL A 627 -13.52 33.03 -11.45
CA VAL A 627 -14.12 33.91 -12.44
C VAL A 627 -14.57 33.11 -13.66
N ALA A 628 -13.75 32.16 -14.12
CA ALA A 628 -14.12 31.35 -15.26
C ALA A 628 -15.34 30.47 -14.94
N ARG A 629 -15.38 29.91 -13.73
N ARG A 629 -15.40 29.93 -13.72
CA ARG A 629 -16.52 29.11 -13.31
CA ARG A 629 -16.56 29.10 -13.37
C ARG A 629 -17.78 29.96 -13.22
C ARG A 629 -17.81 29.94 -13.17
N ARG A 630 -17.67 31.18 -12.69
CA ARG A 630 -18.83 32.07 -12.61
C ARG A 630 -19.36 32.37 -14.01
N ALA A 631 -18.44 32.54 -14.98
CA ALA A 631 -18.87 32.80 -16.35
C ALA A 631 -19.61 31.61 -16.93
N ARG A 632 -19.15 30.39 -16.64
N ARG A 632 -19.12 30.39 -16.64
CA ARG A 632 -19.84 29.22 -17.18
CA ARG A 632 -19.80 29.19 -17.12
C ARG A 632 -21.17 28.97 -16.50
C ARG A 632 -21.20 29.08 -16.54
N LEU A 633 -21.38 29.51 -15.30
CA LEU A 633 -22.71 29.53 -14.69
C LEU A 633 -23.56 30.69 -15.19
N GLY A 634 -22.99 31.55 -16.03
CA GLY A 634 -23.71 32.68 -16.59
C GLY A 634 -23.91 33.84 -15.64
N LEU A 635 -23.20 33.90 -14.53
CA LEU A 635 -23.34 35.00 -13.59
C LEU A 635 -22.74 36.27 -14.19
N THR A 636 -23.50 37.36 -14.11
CA THR A 636 -23.10 38.63 -14.72
C THR A 636 -22.80 39.71 -13.68
N SER A 637 -22.53 39.32 -12.44
CA SER A 637 -22.26 40.27 -11.38
C SER A 637 -20.76 40.36 -11.07
N SER B 10 29.25 -19.72 -26.00
CA SER B 10 29.57 -18.44 -26.63
C SER B 10 31.07 -18.12 -26.56
N SER B 11 31.56 -17.41 -27.57
CA SER B 11 32.94 -16.93 -27.59
C SER B 11 33.12 -15.60 -26.88
N SER B 12 32.04 -14.93 -26.51
CA SER B 12 32.11 -13.67 -25.78
C SER B 12 32.17 -13.97 -24.29
N LYS B 13 33.23 -13.48 -23.63
CA LYS B 13 33.34 -13.64 -22.19
C LYS B 13 32.21 -12.94 -21.47
N THR B 14 31.76 -11.79 -22.01
CA THR B 14 30.64 -11.08 -21.40
C THR B 14 29.36 -11.91 -21.49
N ILE B 15 29.07 -12.45 -22.67
CA ILE B 15 27.84 -13.22 -22.85
C ILE B 15 27.89 -14.48 -22.01
N ARG B 16 29.05 -15.15 -21.95
CA ARG B 16 29.17 -16.35 -21.11
C ARG B 16 28.89 -16.03 -19.65
N SER B 17 29.30 -14.85 -19.19
CA SER B 17 29.13 -14.48 -17.79
C SER B 17 27.68 -14.18 -17.43
N ARG B 18 26.79 -14.04 -18.41
CA ARG B 18 25.44 -13.61 -18.10
C ARG B 18 24.47 -14.76 -17.87
N SER B 19 24.80 -15.98 -18.32
CA SER B 19 23.91 -17.10 -18.12
C SER B 19 24.71 -18.39 -18.24
N ILE B 20 24.17 -19.47 -17.65
CA ILE B 20 24.79 -20.77 -17.81
C ILE B 20 24.23 -21.55 -19.00
N TRP B 21 23.21 -21.02 -19.69
CA TRP B 21 22.46 -21.78 -20.68
C TRP B 21 22.85 -21.41 -22.10
N ASP B 22 22.91 -22.44 -22.97
CA ASP B 22 23.23 -22.23 -24.37
C ASP B 22 22.16 -21.43 -25.10
N ASP B 23 20.88 -21.61 -24.76
CA ASP B 23 19.85 -20.87 -25.48
C ASP B 23 19.92 -19.39 -25.13
N ALA B 24 20.26 -19.07 -23.88
CA ALA B 24 20.48 -17.67 -23.52
C ALA B 24 21.69 -17.09 -24.25
N HIS B 25 22.79 -17.84 -24.30
CA HIS B 25 23.99 -17.36 -25.00
C HIS B 25 23.67 -17.03 -26.45
N ALA B 26 22.94 -17.93 -27.13
CA ALA B 26 22.69 -17.75 -28.55
C ALA B 26 21.84 -16.51 -28.81
N MET B 27 20.84 -16.26 -27.98
CA MET B 27 19.99 -15.08 -28.17
C MET B 27 20.66 -13.80 -27.71
N LEU B 28 21.57 -13.89 -26.73
CA LEU B 28 22.35 -12.71 -26.36
C LEU B 28 23.27 -12.28 -27.51
N GLU B 29 23.87 -13.25 -28.20
CA GLU B 29 24.66 -12.93 -29.38
C GLU B 29 23.80 -12.28 -30.46
N LYS B 30 22.62 -12.86 -30.70
CA LYS B 30 21.71 -12.34 -31.72
C LYS B 30 21.21 -10.94 -31.35
N ALA B 31 20.83 -10.74 -30.09
CA ALA B 31 20.41 -9.41 -29.64
C ALA B 31 21.52 -8.38 -29.83
N LYS B 32 22.76 -8.74 -29.46
CA LYS B 32 23.86 -7.79 -29.62
C LYS B 32 24.08 -7.43 -31.09
N ALA B 33 24.01 -8.44 -31.97
CA ALA B 33 24.23 -8.19 -33.38
C ALA B 33 23.14 -7.31 -33.98
N GLU B 34 21.93 -7.36 -33.43
CA GLU B 34 20.81 -6.56 -33.92
C GLU B 34 20.66 -5.25 -33.17
N GLY B 35 21.52 -4.96 -32.20
CA GLY B 35 21.45 -3.71 -31.48
C GLY B 35 20.31 -3.64 -30.47
N ILE B 36 19.89 -4.78 -29.94
CA ILE B 36 18.79 -4.84 -28.98
C ILE B 36 19.38 -4.82 -27.58
N SER B 37 18.99 -3.82 -26.78
CA SER B 37 19.45 -3.74 -25.40
C SER B 37 18.64 -4.68 -24.53
N THR B 38 19.32 -5.40 -23.65
CA THR B 38 18.69 -6.37 -22.78
C THR B 38 18.76 -5.92 -21.32
N VAL B 39 18.09 -6.71 -20.48
CA VAL B 39 18.08 -6.45 -19.04
C VAL B 39 19.52 -6.41 -18.50
N TRP B 40 20.41 -7.25 -19.05
CA TRP B 40 21.80 -7.22 -18.60
C TRP B 40 22.50 -5.92 -18.98
N ASP B 41 22.20 -5.39 -20.17
CA ASP B 41 22.81 -4.14 -20.59
C ASP B 41 22.37 -2.99 -19.70
N ARG B 42 21.09 -2.95 -19.34
CA ARG B 42 20.61 -1.88 -18.48
C ARG B 42 21.11 -2.06 -17.05
N ALA B 43 21.25 -3.30 -16.59
CA ALA B 43 21.84 -3.52 -15.27
C ALA B 43 23.26 -2.95 -15.19
N ALA B 44 24.02 -3.07 -16.28
CA ALA B 44 25.36 -2.49 -16.28
C ALA B 44 25.30 -0.97 -16.25
N GLU B 45 24.32 -0.38 -16.94
CA GLU B 45 24.19 1.08 -16.92
C GLU B 45 23.84 1.59 -15.53
N GLN B 46 23.15 0.78 -14.73
CA GLN B 46 22.72 1.14 -13.39
C GLN B 46 23.73 0.71 -12.32
N THR B 47 24.91 0.24 -12.72
CA THR B 47 25.98 -0.12 -11.81
C THR B 47 27.15 0.83 -12.02
N PRO B 48 27.66 1.48 -10.96
CA PRO B 48 27.25 1.35 -9.56
C PRO B 48 25.92 2.02 -9.23
N ALA B 49 25.23 1.49 -8.23
CA ALA B 49 23.95 2.04 -7.80
C ALA B 49 24.16 3.16 -6.79
N CYS B 50 23.09 3.92 -6.57
CA CYS B 50 23.10 4.91 -5.50
C CYS B 50 23.31 4.23 -4.15
N LYS B 51 24.30 4.73 -3.40
CA LYS B 51 24.66 4.05 -2.15
C LYS B 51 23.55 4.14 -1.12
N PHE B 52 22.90 5.30 -1.01
CA PHE B 52 21.82 5.44 -0.02
C PHE B 52 20.62 4.56 -0.37
N CYS B 53 20.21 4.54 -1.64
CA CYS B 53 19.15 3.64 -2.07
C CYS B 53 19.51 2.19 -1.81
N GLU B 54 20.77 1.82 -2.11
CA GLU B 54 21.23 0.46 -1.89
C GLU B 54 21.17 0.09 -0.40
N LEU B 55 21.59 1.01 0.47
CA LEU B 55 21.60 0.76 1.90
C LEU B 55 20.24 0.90 2.55
N GLY B 56 19.29 1.53 1.88
CA GLY B 56 17.98 1.80 2.45
C GLY B 56 17.90 3.08 3.25
N THR B 57 18.98 3.85 3.33
CA THR B 57 19.07 5.05 4.16
C THR B 57 18.65 6.31 3.41
N THR B 58 17.54 6.21 2.68
CA THR B 58 16.98 7.34 1.95
C THR B 58 15.48 7.28 2.12
N CYS B 59 14.84 8.45 2.23
CA CYS B 59 13.41 8.49 2.50
C CYS B 59 12.77 9.58 1.66
N ARG B 60 11.63 9.25 1.06
CA ARG B 60 10.90 10.15 0.18
C ARG B 60 9.42 10.21 0.57
N ASN B 61 9.11 9.97 1.84
CA ASN B 61 7.73 9.81 2.27
C ASN B 61 7.04 11.13 2.61
N CYS B 62 7.73 12.26 2.51
CA CYS B 62 7.09 13.57 2.60
C CYS B 62 8.02 14.58 1.95
N ILE B 63 7.49 15.78 1.68
CA ILE B 63 8.28 16.81 1.03
C ILE B 63 8.84 17.83 2.03
N MET B 64 8.85 17.49 3.32
CA MET B 64 9.90 18.06 4.17
C MET B 64 11.26 17.51 3.74
N GLY B 65 11.27 16.28 3.21
CA GLY B 65 12.44 15.72 2.58
C GLY B 65 12.49 16.07 1.10
N PRO B 66 13.13 15.21 0.29
CA PRO B 66 13.65 13.89 0.64
C PRO B 66 14.91 13.93 1.51
N CYS B 67 15.13 12.85 2.27
CA CYS B 67 16.19 12.79 3.26
C CYS B 67 17.13 11.64 2.96
N ARG B 68 18.39 11.82 3.34
CA ARG B 68 19.39 10.76 3.32
C ARG B 68 20.04 10.67 4.69
N ILE B 69 20.35 9.45 5.13
CA ILE B 69 21.02 9.23 6.41
C ILE B 69 22.47 8.88 6.12
N ALA B 70 23.38 9.69 6.66
CA ALA B 70 24.80 9.52 6.43
C ALA B 70 25.52 9.34 7.77
N ASN B 71 26.75 8.84 7.69
CA ASN B 71 27.61 8.66 8.85
C ASN B 71 28.76 9.66 8.71
N ARG B 72 28.58 10.84 9.27
CA ARG B 72 29.52 11.94 9.09
C ARG B 72 30.16 12.31 10.43
N LYS B 73 31.35 12.91 10.34
CA LYS B 73 32.07 13.30 11.53
C LYS B 73 31.37 14.45 12.25
N ASP B 74 30.82 15.40 11.50
CA ASP B 74 30.11 16.52 12.12
C ASP B 74 28.74 16.13 12.65
N GLY B 75 28.34 14.86 12.54
CA GLY B 75 27.07 14.39 13.03
C GLY B 75 25.86 14.86 12.26
N LYS B 76 26.05 15.56 11.13
CA LYS B 76 24.92 16.02 10.34
C LYS B 76 24.33 14.87 9.54
N MET B 77 23.06 15.03 9.17
CA MET B 77 22.30 14.05 8.39
C MET B 77 22.24 12.69 9.08
N ARG B 78 22.28 12.69 10.42
CA ARG B 78 22.00 11.48 11.17
C ARG B 78 20.52 11.19 11.21
N LEU B 79 19.67 12.22 11.09
CA LEU B 79 18.22 12.09 11.17
C LEU B 79 17.57 12.78 9.98
N GLY B 80 16.40 12.27 9.61
CA GLY B 80 15.56 12.98 8.67
C GLY B 80 15.01 14.26 9.28
N VAL B 81 14.35 15.07 8.43
CA VAL B 81 13.85 16.36 8.89
C VAL B 81 12.82 16.17 10.01
N CYS B 82 12.02 15.10 9.92
CA CYS B 82 11.04 14.81 10.96
C CYS B 82 11.66 14.24 12.22
N GLY B 83 12.95 13.91 12.21
CA GLY B 83 13.61 13.30 13.33
C GLY B 83 13.83 11.79 13.22
N ALA B 84 13.34 11.15 12.17
CA ALA B 84 13.48 9.71 12.03
C ALA B 84 14.93 9.31 11.81
N ASP B 85 15.35 8.23 12.47
CA ASP B 85 16.73 7.76 12.33
C ASP B 85 16.81 6.65 11.27
N ALA B 86 18.02 6.11 11.10
CA ALA B 86 18.24 5.12 10.05
C ALA B 86 17.43 3.85 10.29
N ASP B 87 17.22 3.46 11.56
CA ASP B 87 16.45 2.26 11.85
C ASP B 87 15.00 2.39 11.38
N VAL B 88 14.39 3.55 11.63
CA VAL B 88 13.00 3.75 11.22
C VAL B 88 12.90 3.83 9.71
N ILE B 89 13.78 4.63 9.08
CA ILE B 89 13.70 4.84 7.64
C ILE B 89 13.88 3.52 6.90
N VAL B 90 14.89 2.74 7.31
CA VAL B 90 15.14 1.46 6.65
C VAL B 90 13.96 0.50 6.88
N ALA B 91 13.45 0.45 8.11
CA ALA B 91 12.34 -0.45 8.41
C ALA B 91 11.07 -0.06 7.65
N ARG B 92 10.79 1.24 7.53
CA ARG B 92 9.63 1.67 6.76
C ARG B 92 9.80 1.34 5.29
N ASN B 93 11.00 1.56 4.74
CA ASN B 93 11.24 1.22 3.34
C ASN B 93 11.05 -0.28 3.12
N PHE B 94 11.61 -1.10 4.01
CA PHE B 94 11.44 -2.56 3.89
C PHE B 94 9.98 -2.94 4.04
N GLY B 95 9.26 -2.27 4.95
CA GLY B 95 7.84 -2.54 5.11
C GLY B 95 7.03 -2.27 3.86
N ARG B 96 7.29 -1.13 3.19
CA ARG B 96 6.56 -0.86 1.95
C ARG B 96 6.97 -1.83 0.86
N PHE B 97 8.24 -2.23 0.85
CA PHE B 97 8.72 -3.24 -0.10
C PHE B 97 7.93 -4.53 0.04
N ILE B 98 7.78 -5.02 1.28
CA ILE B 98 7.01 -6.23 1.54
C ILE B 98 5.54 -6.03 1.16
N ALA B 99 4.99 -4.86 1.46
CA ALA B 99 3.57 -4.60 1.15
C ALA B 99 3.34 -4.62 -0.35
N GLY B 100 4.29 -4.13 -1.14
CA GLY B 100 4.18 -4.23 -2.59
C GLY B 100 4.13 -5.67 -3.07
N GLY B 101 4.96 -6.53 -2.48
CA GLY B 101 4.91 -7.94 -2.83
C GLY B 101 3.62 -8.62 -2.40
N ALA B 102 3.18 -8.34 -1.17
CA ALA B 102 1.91 -8.89 -0.71
C ALA B 102 0.76 -8.43 -1.60
N ALA B 103 0.78 -7.17 -2.01
CA ALA B 103 -0.28 -6.63 -2.88
C ALA B 103 -0.28 -7.29 -4.24
N GLY B 104 0.89 -7.64 -4.76
CA GLY B 104 0.95 -8.37 -6.03
C GLY B 104 0.18 -9.67 -5.97
N HIS B 105 0.32 -10.42 -4.89
CA HIS B 105 -0.42 -11.67 -4.73
C HIS B 105 -1.87 -11.43 -4.31
N SER B 106 -2.13 -10.35 -3.56
N SER B 106 -2.13 -10.35 -3.57
CA SER B 106 -3.48 -10.07 -3.08
CA SER B 106 -3.48 -10.09 -3.08
C SER B 106 -4.44 -9.89 -4.23
C SER B 106 -4.46 -9.88 -4.22
N ASP B 107 -4.11 -8.99 -5.16
CA ASP B 107 -5.02 -8.71 -6.27
C ASP B 107 -5.21 -9.94 -7.15
N HIS B 108 -4.15 -10.74 -7.30
N HIS B 108 -4.18 -10.77 -7.27
CA HIS B 108 -4.23 -12.03 -7.98
CA HIS B 108 -4.34 -12.00 -8.04
C HIS B 108 -5.33 -12.90 -7.37
C HIS B 108 -5.35 -12.94 -7.38
N GLY B 109 -5.23 -13.14 -6.06
CA GLY B 109 -6.23 -13.94 -5.37
C GLY B 109 -7.62 -13.35 -5.48
N ARG B 110 -7.71 -12.02 -5.39
CA ARG B 110 -9.00 -11.35 -5.53
C ARG B 110 -9.64 -11.66 -6.87
N ASP B 111 -8.84 -11.63 -7.93
CA ASP B 111 -9.38 -11.93 -9.27
C ASP B 111 -9.87 -13.36 -9.38
N LEU B 112 -9.25 -14.30 -8.66
CA LEU B 112 -9.77 -15.67 -8.67
C LEU B 112 -11.11 -15.76 -7.96
N ILE B 113 -11.28 -15.00 -6.86
CA ILE B 113 -12.58 -14.97 -6.19
C ILE B 113 -13.65 -14.47 -7.16
N GLU B 114 -13.36 -13.36 -7.84
N GLU B 114 -13.37 -13.34 -7.83
CA GLU B 114 -14.33 -12.78 -8.78
CA GLU B 114 -14.30 -12.78 -8.80
C GLU B 114 -14.66 -13.75 -9.90
C GLU B 114 -14.67 -13.80 -9.86
N THR B 115 -13.68 -14.55 -10.34
CA THR B 115 -13.93 -15.51 -11.41
C THR B 115 -14.81 -16.66 -10.92
N LEU B 116 -14.50 -17.21 -9.74
CA LEU B 116 -15.36 -18.25 -9.17
C LEU B 116 -16.78 -17.73 -8.93
N GLU B 117 -16.90 -16.48 -8.50
CA GLU B 117 -18.22 -15.88 -8.32
C GLU B 117 -18.97 -15.81 -9.64
N ALA B 118 -18.30 -15.38 -10.71
CA ALA B 118 -18.93 -15.32 -12.02
C ALA B 118 -19.38 -16.70 -12.48
N VAL B 119 -18.57 -17.73 -12.21
CA VAL B 119 -18.98 -19.10 -12.55
C VAL B 119 -20.21 -19.49 -11.75
N ALA B 120 -20.20 -19.21 -10.45
CA ALA B 120 -21.35 -19.54 -9.61
C ALA B 120 -22.61 -18.81 -10.05
N GLU B 121 -22.46 -17.62 -10.62
CA GLU B 121 -23.60 -16.84 -11.09
C GLU B 121 -24.06 -17.21 -12.49
N GLY B 122 -23.34 -18.08 -13.18
CA GLY B 122 -23.64 -18.37 -14.57
C GLY B 122 -23.31 -17.24 -15.53
N LYS B 123 -22.30 -16.44 -15.22
CA LYS B 123 -21.93 -15.27 -16.02
C LYS B 123 -20.47 -15.33 -16.45
N ALA B 124 -20.00 -16.50 -16.88
CA ALA B 124 -18.60 -16.68 -17.28
C ALA B 124 -18.53 -17.73 -18.37
N PRO B 125 -18.94 -17.39 -19.59
CA PRO B 125 -18.96 -18.40 -20.67
C PRO B 125 -17.59 -19.04 -20.86
N GLY B 126 -17.59 -20.38 -20.91
CA GLY B 126 -16.36 -21.12 -21.09
C GLY B 126 -15.63 -21.50 -19.81
N TYR B 127 -16.03 -20.94 -18.67
CA TYR B 127 -15.45 -21.30 -17.39
C TYR B 127 -16.36 -22.28 -16.67
N THR B 128 -15.77 -23.26 -16.01
CA THR B 128 -16.52 -24.22 -15.20
C THR B 128 -15.77 -24.47 -13.91
N ILE B 129 -16.43 -25.16 -12.99
CA ILE B 129 -15.77 -25.71 -11.81
C ILE B 129 -15.14 -27.03 -12.24
N ARG B 130 -13.84 -27.02 -12.53
CA ARG B 130 -13.18 -28.20 -13.07
C ARG B 130 -12.96 -29.28 -12.02
N ASP B 131 -12.84 -28.89 -10.75
CA ASP B 131 -12.59 -29.86 -9.66
C ASP B 131 -13.65 -29.61 -8.58
N VAL B 132 -14.83 -30.21 -8.78
CA VAL B 132 -15.91 -30.05 -7.82
C VAL B 132 -15.58 -30.75 -6.51
N ALA B 133 -14.83 -31.86 -6.56
CA ALA B 133 -14.46 -32.54 -5.32
C ALA B 133 -13.62 -31.62 -4.44
N LYS B 134 -12.65 -30.91 -5.03
CA LYS B 134 -11.84 -29.98 -4.24
C LYS B 134 -12.69 -28.81 -3.76
N LEU B 135 -13.61 -28.31 -4.60
CA LEU B 135 -14.54 -27.28 -4.14
C LEU B 135 -15.24 -27.70 -2.86
N ARG B 136 -15.83 -28.90 -2.85
CA ARG B 136 -16.58 -29.33 -1.67
C ARG B 136 -15.64 -29.53 -0.48
N ARG B 137 -14.43 -30.03 -0.73
CA ARG B 137 -13.47 -30.25 0.35
C ARG B 137 -13.02 -28.93 0.96
N ILE B 138 -12.63 -27.96 0.11
CA ILE B 138 -12.17 -26.67 0.62
C ILE B 138 -13.30 -25.95 1.33
N ALA B 139 -14.49 -25.96 0.74
CA ALA B 139 -15.63 -25.28 1.35
C ALA B 139 -15.96 -25.89 2.72
N ALA B 140 -15.96 -27.22 2.82
CA ALA B 140 -16.19 -27.86 4.12
C ALA B 140 -15.10 -27.50 5.12
N GLU B 141 -13.84 -27.49 4.66
CA GLU B 141 -12.72 -27.14 5.52
C GLU B 141 -12.91 -25.76 6.14
N LEU B 142 -13.41 -24.80 5.36
CA LEU B 142 -13.59 -23.43 5.81
C LEU B 142 -14.97 -23.17 6.41
N GLY B 143 -15.80 -24.18 6.55
CA GLY B 143 -17.01 -24.07 7.35
C GLY B 143 -18.31 -23.89 6.59
N VAL B 144 -18.32 -24.08 5.28
CA VAL B 144 -19.57 -24.01 4.52
C VAL B 144 -20.46 -25.17 4.93
N ALA B 145 -21.67 -24.83 5.39
CA ALA B 145 -22.63 -25.84 5.82
C ALA B 145 -23.00 -26.76 4.65
N ASP B 146 -22.96 -28.07 4.92
CA ASP B 146 -23.37 -29.10 3.97
C ASP B 146 -22.69 -28.93 2.61
N ALA B 147 -21.39 -28.60 2.65
CA ALA B 147 -20.61 -28.47 1.43
C ALA B 147 -20.54 -29.78 0.68
N ALA B 148 -20.66 -30.91 1.38
CA ALA B 148 -20.54 -32.21 0.74
C ALA B 148 -21.74 -32.58 -0.12
N THR B 149 -22.91 -31.96 0.10
CA THR B 149 -24.14 -32.41 -0.53
C THR B 149 -24.91 -31.34 -1.30
N ARG B 150 -24.71 -30.05 -1.02
CA ARG B 150 -25.50 -29.00 -1.65
C ARG B 150 -25.10 -28.80 -3.11
N PRO B 151 -25.93 -28.12 -3.89
CA PRO B 151 -25.57 -27.84 -5.30
C PRO B 151 -24.23 -27.12 -5.37
N ALA B 152 -23.43 -27.50 -6.38
CA ALA B 152 -22.06 -27.02 -6.47
C ALA B 152 -22.00 -25.50 -6.55
N HIS B 153 -22.91 -24.87 -7.30
CA HIS B 153 -22.87 -23.42 -7.43
C HIS B 153 -23.28 -22.73 -6.14
N ASP B 154 -24.15 -23.35 -5.33
CA ASP B 154 -24.46 -22.82 -4.00
C ASP B 154 -23.24 -22.90 -3.09
N VAL B 155 -22.55 -24.04 -3.12
CA VAL B 155 -21.33 -24.19 -2.33
C VAL B 155 -20.27 -23.18 -2.78
N ALA B 156 -20.13 -22.99 -4.10
CA ALA B 156 -19.17 -22.02 -4.60
C ALA B 156 -19.51 -20.60 -4.14
N ALA B 157 -20.80 -20.24 -4.15
CA ALA B 157 -21.19 -18.91 -3.71
C ALA B 157 -20.83 -18.68 -2.25
N ASP B 158 -20.98 -19.72 -1.42
CA ASP B 158 -20.64 -19.57 0.00
C ASP B 158 -19.13 -19.51 0.21
N LEU B 159 -18.38 -20.28 -0.58
CA LEU B 159 -16.92 -20.19 -0.51
C LEU B 159 -16.44 -18.82 -0.95
N VAL B 160 -17.06 -18.27 -2.01
CA VAL B 160 -16.74 -16.93 -2.47
C VAL B 160 -16.94 -15.93 -1.33
N THR B 161 -18.04 -16.05 -0.60
CA THR B 161 -18.30 -15.13 0.50
C THR B 161 -17.23 -15.23 1.58
N ILE B 162 -16.83 -16.45 1.94
CA ILE B 162 -15.75 -16.62 2.91
C ILE B 162 -14.46 -15.96 2.42
N CYS B 163 -14.12 -16.17 1.15
CA CYS B 163 -12.89 -15.60 0.63
C CYS B 163 -12.97 -14.06 0.58
N TYR B 164 -14.11 -13.51 0.15
CA TYR B 164 -14.25 -12.06 0.12
C TYR B 164 -14.18 -11.48 1.53
N ASN B 165 -14.72 -12.20 2.52
CA ASN B 165 -14.64 -11.69 3.89
C ASN B 165 -13.21 -11.60 4.38
N ASP B 166 -12.31 -12.43 3.86
CA ASP B 166 -10.90 -12.29 4.19
C ASP B 166 -10.27 -11.06 3.52
N PHE B 167 -10.92 -10.53 2.48
CA PHE B 167 -10.57 -9.24 1.92
C PHE B 167 -11.40 -8.11 2.51
N GLY B 168 -12.03 -8.35 3.66
CA GLY B 168 -12.71 -7.33 4.42
C GLY B 168 -11.99 -7.01 5.72
N SER B 169 -12.69 -6.29 6.59
CA SER B 169 -12.09 -5.69 7.77
C SER B 169 -12.71 -6.17 9.08
N ARG B 170 -13.41 -7.30 9.08
CA ARG B 170 -14.11 -7.74 10.28
C ARG B 170 -13.60 -9.05 10.87
N ARG B 171 -12.60 -9.69 10.25
CA ARG B 171 -12.11 -10.96 10.76
C ARG B 171 -11.05 -10.73 11.82
N ASN B 172 -10.93 -11.69 12.74
CA ASN B 172 -9.81 -11.69 13.67
C ASN B 172 -8.64 -12.52 13.16
N ALA B 173 -8.86 -13.41 12.19
CA ALA B 173 -7.83 -14.24 11.60
C ALA B 173 -8.32 -14.74 10.26
N LEU B 174 -7.40 -14.81 9.29
CA LEU B 174 -7.75 -15.31 7.96
C LEU B 174 -8.24 -16.76 8.03
N ALA B 175 -9.09 -17.13 7.07
CA ALA B 175 -9.75 -18.43 7.09
C ALA B 175 -8.73 -19.57 6.99
N PHE B 176 -7.78 -19.49 6.06
CA PHE B 176 -6.83 -20.59 5.89
C PHE B 176 -5.80 -20.66 7.00
N LEU B 177 -5.73 -19.66 7.88
CA LEU B 177 -4.79 -19.72 8.98
C LEU B 177 -5.04 -20.90 9.90
N ALA B 178 -6.26 -21.44 9.92
CA ALA B 178 -6.55 -22.60 10.75
C ALA B 178 -5.73 -23.82 10.36
N ARG B 179 -5.14 -23.83 9.17
CA ARG B 179 -4.25 -24.94 8.81
C ARG B 179 -2.98 -24.95 9.66
N ALA B 180 -2.53 -23.78 10.11
CA ALA B 180 -1.30 -23.72 10.88
C ALA B 180 -1.49 -24.44 12.23
N PRO B 181 -0.42 -25.04 12.75
CA PRO B 181 -0.53 -25.68 14.07
C PRO B 181 -0.95 -24.69 15.14
N GLN B 182 -1.65 -25.21 16.15
CA GLN B 182 -2.15 -24.36 17.22
C GLN B 182 -1.02 -23.57 17.88
N VAL B 183 0.15 -24.20 18.08
CA VAL B 183 1.25 -23.53 18.75
C VAL B 183 1.71 -22.32 17.94
N ARG B 184 1.68 -22.44 16.61
CA ARG B 184 2.06 -21.32 15.75
C ARG B 184 1.01 -20.22 15.77
N ARG B 185 -0.27 -20.59 15.76
CA ARG B 185 -1.32 -19.57 15.82
C ARG B 185 -1.28 -18.83 17.15
N ASP B 186 -1.02 -19.55 18.24
CA ASP B 186 -0.91 -18.93 19.55
C ASP B 186 0.27 -17.95 19.58
N LEU B 187 1.37 -18.31 18.95
CA LEU B 187 2.54 -17.43 18.92
C LEU B 187 2.24 -16.15 18.13
N TRP B 188 1.68 -16.30 16.94
CA TRP B 188 1.30 -15.13 16.15
C TRP B 188 0.36 -14.21 16.94
N GLN B 189 -0.58 -14.80 17.67
CA GLN B 189 -1.56 -14.01 18.41
C GLN B 189 -0.88 -13.15 19.48
N ARG B 190 0.05 -13.73 20.24
N ARG B 190 0.04 -13.75 20.25
CA ARG B 190 0.68 -12.94 21.28
CA ARG B 190 0.73 -12.99 21.29
C ARG B 190 1.65 -11.91 20.71
C ARG B 190 1.61 -11.91 20.68
N LEU B 191 2.26 -12.20 19.55
CA LEU B 191 3.13 -11.23 18.89
C LEU B 191 2.36 -10.11 18.19
N GLY B 192 1.05 -10.25 18.02
CA GLY B 192 0.32 -9.32 17.18
C GLY B 192 0.59 -9.52 15.71
N MET B 193 0.88 -10.75 15.30
CA MET B 193 1.27 -11.07 13.94
C MET B 193 0.17 -11.74 13.15
N THR B 194 -0.92 -12.14 13.81
CA THR B 194 -2.03 -12.83 13.15
C THR B 194 -2.56 -12.00 11.99
N PRO B 195 -2.51 -12.49 10.76
CA PRO B 195 -3.11 -11.76 9.64
C PRO B 195 -4.63 -11.78 9.76
N ARG B 196 -5.25 -10.62 9.57
CA ARG B 196 -6.68 -10.44 9.78
C ARG B 196 -7.45 -10.21 8.50
N GLY B 197 -6.87 -9.45 7.57
CA GLY B 197 -7.51 -9.14 6.31
C GLY B 197 -6.43 -8.94 5.26
N VAL B 198 -6.65 -9.47 4.06
CA VAL B 198 -5.59 -9.47 3.05
C VAL B 198 -5.25 -8.04 2.63
N ASP B 199 -6.28 -7.24 2.35
CA ASP B 199 -6.07 -5.83 2.02
C ASP B 199 -5.79 -4.99 3.25
N ARG B 200 -6.38 -5.35 4.40
CA ARG B 200 -6.21 -4.54 5.59
C ARG B 200 -4.75 -4.45 6.02
N GLU B 201 -4.02 -5.56 6.00
CA GLU B 201 -2.63 -5.48 6.46
C GLU B 201 -1.79 -4.62 5.52
N ILE B 202 -2.08 -4.68 4.22
CA ILE B 202 -1.37 -3.84 3.26
C ILE B 202 -1.67 -2.37 3.53
N ALA B 203 -2.95 -2.04 3.72
CA ALA B 203 -3.31 -0.65 3.99
C ALA B 203 -2.71 -0.17 5.31
N GLU B 204 -2.69 -1.04 6.33
CA GLU B 204 -2.09 -0.63 7.60
C GLU B 204 -0.60 -0.41 7.47
N MET B 205 0.10 -1.20 6.64
CA MET B 205 1.51 -0.95 6.44
C MET B 205 1.74 0.42 5.81
N MET B 206 0.92 0.81 4.85
CA MET B 206 1.07 2.12 4.23
C MET B 206 0.75 3.23 5.22
N HIS B 207 -0.20 3.00 6.12
N HIS B 207 -0.20 2.97 6.12
CA HIS B 207 -0.45 3.97 7.18
CA HIS B 207 -0.52 3.88 7.22
C HIS B 207 0.74 4.06 8.12
C HIS B 207 0.66 4.03 8.17
N ARG B 208 1.25 2.91 8.59
CA ARG B 208 2.34 2.94 9.57
C ARG B 208 3.57 3.65 9.04
N THR B 209 3.79 3.61 7.73
CA THR B 209 5.01 4.16 7.15
C THR B 209 4.85 5.61 6.70
N HIS B 210 3.66 6.18 6.80
CA HIS B 210 3.49 7.63 6.68
C HIS B 210 4.31 8.34 7.76
N MET B 211 4.79 9.55 7.45
CA MET B 211 5.54 10.32 8.43
C MET B 211 4.79 10.37 9.76
N GLY B 212 5.51 10.14 10.85
CA GLY B 212 4.94 10.37 12.16
C GLY B 212 3.89 9.39 12.60
N CYS B 213 3.90 8.16 12.06
CA CYS B 213 3.03 7.12 12.56
C CYS B 213 3.88 6.11 13.29
N ASP B 214 4.28 5.00 12.66
CA ASP B 214 5.06 3.97 13.35
C ASP B 214 6.53 4.34 13.23
N ASN B 215 7.13 4.69 14.37
CA ASN B 215 8.53 5.08 14.40
C ASN B 215 9.29 4.19 15.37
N ASP B 216 9.04 2.88 15.26
CA ASP B 216 9.78 1.87 16.02
C ASP B 216 10.11 0.74 15.06
N HIS B 217 11.40 0.50 14.83
CA HIS B 217 11.76 -0.44 13.77
C HIS B 217 11.32 -1.86 14.11
N THR B 218 11.27 -2.22 15.39
CA THR B 218 10.78 -3.55 15.75
C THR B 218 9.31 -3.71 15.41
N SER B 219 8.49 -2.71 15.78
CA SER B 219 7.08 -2.73 15.44
C SER B 219 6.87 -2.80 13.94
N LEU B 220 7.66 -2.05 13.18
CA LEU B 220 7.51 -2.02 11.72
C LEU B 220 7.80 -3.39 11.11
N LEU B 221 8.84 -4.07 11.62
CA LEU B 221 9.17 -5.39 11.09
C LEU B 221 8.14 -6.43 11.52
N VAL B 222 7.58 -6.29 12.72
CA VAL B 222 6.52 -7.21 13.13
C VAL B 222 5.31 -7.06 12.22
N HIS B 223 4.94 -5.83 11.87
CA HIS B 223 3.81 -5.71 10.97
C HIS B 223 4.17 -6.14 9.56
N ALA B 224 5.45 -6.02 9.15
CA ALA B 224 5.86 -6.58 7.87
C ALA B 224 5.64 -8.08 7.83
N ALA B 225 5.92 -8.76 8.95
CA ALA B 225 5.63 -10.18 9.03
C ALA B 225 4.13 -10.45 8.94
N ARG B 226 3.32 -9.63 9.64
CA ARG B 226 1.86 -9.79 9.56
C ARG B 226 1.36 -9.57 8.14
N THR B 227 1.91 -8.56 7.45
CA THR B 227 1.50 -8.27 6.08
C THR B 227 1.86 -9.42 5.14
N ALA B 228 3.05 -9.99 5.31
CA ALA B 228 3.45 -11.12 4.48
C ALA B 228 2.62 -12.36 4.80
N LEU B 229 2.28 -12.57 6.07
CA LEU B 229 1.45 -13.73 6.41
C LEU B 229 0.06 -13.62 5.80
N ALA B 230 -0.45 -12.40 5.64
CA ALA B 230 -1.74 -12.19 4.99
C ALA B 230 -1.68 -12.56 3.51
N ASP B 231 -0.47 -12.59 2.95
CA ASP B 231 -0.25 -13.11 1.61
C ASP B 231 -0.20 -14.63 1.60
N GLY B 232 0.78 -15.21 2.30
CA GLY B 232 0.99 -16.65 2.22
C GLY B 232 -0.23 -17.45 2.66
N TRP B 233 -0.90 -17.01 3.72
CA TRP B 233 -2.07 -17.69 4.24
C TRP B 233 -3.37 -17.03 3.79
N GLY B 234 -3.30 -16.09 2.86
CA GLY B 234 -4.45 -15.33 2.43
C GLY B 234 -4.47 -15.15 0.93
N GLY B 235 -3.93 -14.05 0.44
CA GLY B 235 -3.95 -13.79 -1.00
C GLY B 235 -3.44 -14.96 -1.83
N SER B 236 -2.26 -15.49 -1.48
CA SER B 236 -1.67 -16.55 -2.30
C SER B 236 -2.41 -17.88 -2.11
N MET B 237 -2.80 -18.21 -0.88
CA MET B 237 -3.43 -19.51 -0.66
C MET B 237 -4.82 -19.55 -1.26
N ILE B 238 -5.57 -18.45 -1.15
CA ILE B 238 -6.84 -18.33 -1.88
C ILE B 238 -6.61 -18.45 -3.37
N GLY B 239 -5.57 -17.77 -3.88
CA GLY B 239 -5.28 -17.87 -5.31
C GLY B 239 -5.03 -19.30 -5.75
N THR B 240 -4.18 -20.02 -5.00
CA THR B 240 -3.84 -21.39 -5.38
C THR B 240 -5.07 -22.30 -5.30
N GLU B 241 -5.79 -22.26 -4.19
CA GLU B 241 -6.86 -23.24 -4.00
C GLU B 241 -8.01 -22.97 -4.95
N LEU B 242 -8.35 -21.70 -5.19
N LEU B 242 -8.35 -21.70 -5.19
CA LEU B 242 -9.42 -21.40 -6.14
CA LEU B 242 -9.42 -21.39 -6.13
C LEU B 242 -8.99 -21.67 -7.57
C LEU B 242 -8.99 -21.70 -7.56
N SER B 243 -7.72 -21.46 -7.90
CA SER B 243 -7.23 -21.81 -9.23
C SER B 243 -7.36 -23.31 -9.49
N ASP B 244 -7.04 -24.13 -8.49
CA ASP B 244 -7.23 -25.57 -8.62
C ASP B 244 -8.70 -25.91 -8.83
N ILE B 245 -9.59 -25.23 -8.11
CA ILE B 245 -11.02 -25.52 -8.23
C ILE B 245 -11.52 -25.16 -9.63
N LEU B 246 -11.10 -24.02 -10.16
CA LEU B 246 -11.58 -23.58 -11.47
C LEU B 246 -10.91 -24.31 -12.62
N PHE B 247 -9.63 -24.67 -12.47
CA PHE B 247 -8.86 -25.14 -13.61
C PHE B 247 -8.28 -26.53 -13.42
N GLY B 248 -8.50 -27.17 -12.28
CA GLY B 248 -8.10 -28.53 -12.04
C GLY B 248 -6.93 -28.60 -11.06
N THR B 249 -6.92 -29.66 -10.26
CA THR B 249 -5.81 -29.87 -9.36
C THR B 249 -4.65 -30.53 -10.12
N PRO B 250 -3.44 -29.98 -10.05
CA PRO B 250 -2.32 -30.57 -10.79
C PRO B 250 -2.10 -32.03 -10.44
N ARG B 251 -1.74 -32.80 -11.45
CA ARG B 251 -1.35 -34.20 -11.36
C ARG B 251 -0.04 -34.37 -12.11
N PRO B 252 0.77 -35.38 -11.76
CA PRO B 252 2.07 -35.52 -12.41
C PRO B 252 1.93 -35.80 -13.90
N ARG B 253 2.76 -35.14 -14.69
CA ARG B 253 2.68 -35.26 -16.15
C ARG B 253 4.00 -34.79 -16.75
N GLN B 254 4.22 -35.17 -18.01
N GLN B 254 4.21 -35.17 -18.01
CA GLN B 254 5.45 -34.87 -18.73
CA GLN B 254 5.43 -34.86 -18.74
C GLN B 254 5.28 -33.63 -19.59
C GLN B 254 5.26 -33.56 -19.52
N SER B 255 6.37 -32.87 -19.72
CA SER B 255 6.39 -31.69 -20.58
C SER B 255 7.84 -31.39 -20.97
N THR B 256 8.09 -30.18 -21.48
CA THR B 256 9.42 -29.80 -21.93
C THR B 256 9.67 -28.34 -21.56
N VAL B 257 10.95 -27.94 -21.60
N VAL B 257 10.95 -27.96 -21.56
CA VAL B 257 11.37 -26.60 -21.21
CA VAL B 257 11.36 -26.59 -21.24
C VAL B 257 12.53 -26.12 -22.08
C VAL B 257 12.47 -26.14 -22.17
N ASN B 258 12.55 -24.80 -22.33
CA ASN B 258 13.61 -23.98 -22.94
C ASN B 258 13.12 -23.40 -24.26
N LEU B 259 13.92 -22.52 -24.89
CA LEU B 259 13.41 -21.81 -26.06
C LEU B 259 13.11 -22.75 -27.21
N GLY B 260 13.63 -23.97 -27.18
CA GLY B 260 13.31 -24.96 -28.19
C GLY B 260 11.88 -25.44 -28.19
N VAL B 261 11.07 -25.03 -27.21
CA VAL B 261 9.64 -25.37 -27.25
C VAL B 261 8.89 -24.53 -28.27
N LEU B 262 9.47 -23.42 -28.73
CA LEU B 262 8.91 -22.67 -29.83
C LEU B 262 9.09 -23.45 -31.14
N ARG B 263 8.13 -23.30 -32.05
CA ARG B 263 8.12 -24.06 -33.30
C ARG B 263 8.17 -23.11 -34.48
N LYS B 264 9.17 -23.30 -35.36
CA LYS B 264 9.23 -22.48 -36.56
C LYS B 264 7.99 -22.65 -37.42
N ASP B 265 7.41 -23.85 -37.44
CA ASP B 265 6.29 -24.16 -38.32
C ASP B 265 4.93 -23.83 -37.71
N ALA B 266 4.88 -23.21 -36.53
CA ALA B 266 3.61 -22.95 -35.86
C ALA B 266 3.48 -21.46 -35.51
N VAL B 267 2.24 -21.06 -35.26
CA VAL B 267 1.98 -19.78 -34.61
C VAL B 267 2.35 -19.93 -33.14
N ASN B 268 3.36 -19.20 -32.70
CA ASN B 268 3.83 -19.28 -31.31
C ASN B 268 3.20 -18.17 -30.49
N ILE B 269 2.47 -18.54 -29.45
CA ILE B 269 1.85 -17.60 -28.53
C ILE B 269 2.45 -17.83 -27.15
N LEU B 270 3.13 -16.82 -26.62
CA LEU B 270 3.74 -16.89 -25.31
C LEU B 270 2.80 -16.21 -24.31
N VAL B 271 2.40 -16.94 -23.29
CA VAL B 271 1.62 -16.34 -22.21
C VAL B 271 2.59 -15.91 -21.11
N HIS B 272 2.37 -14.72 -20.57
CA HIS B 272 3.31 -14.08 -19.67
C HIS B 272 2.53 -13.38 -18.57
N GLY B 273 3.09 -13.37 -17.37
CA GLY B 273 2.35 -12.88 -16.23
C GLY B 273 1.98 -13.98 -15.25
N HIS B 274 0.78 -13.89 -14.66
N HIS B 274 0.77 -13.88 -14.68
CA HIS B 274 0.42 -14.75 -13.55
CA HIS B 274 0.39 -14.73 -13.55
C HIS B 274 -1.00 -15.30 -13.58
C HIS B 274 -1.00 -15.34 -13.62
N ASN B 275 -1.90 -14.82 -14.45
CA ASN B 275 -3.32 -15.11 -14.30
C ASN B 275 -3.75 -16.31 -15.14
N PRO B 276 -4.07 -17.46 -14.53
CA PRO B 276 -4.60 -18.57 -15.33
C PRO B 276 -5.98 -18.29 -15.89
N VAL B 277 -6.71 -17.31 -15.34
CA VAL B 277 -8.00 -16.94 -15.88
C VAL B 277 -7.86 -16.52 -17.35
N VAL B 278 -6.70 -15.96 -17.70
CA VAL B 278 -6.42 -15.61 -19.10
C VAL B 278 -5.77 -16.76 -19.84
N SER B 279 -4.70 -17.34 -19.28
CA SER B 279 -3.92 -18.31 -20.05
C SER B 279 -4.73 -19.57 -20.36
N GLU B 280 -5.61 -19.98 -19.44
CA GLU B 280 -6.43 -21.16 -19.72
C GLU B 280 -7.42 -20.89 -20.84
N MET B 281 -7.90 -19.65 -20.97
CA MET B 281 -8.84 -19.35 -22.04
C MET B 281 -8.13 -19.05 -23.36
N ILE B 282 -6.89 -18.55 -23.30
CA ILE B 282 -6.07 -18.49 -24.51
C ILE B 282 -5.85 -19.90 -25.05
N LEU B 283 -5.43 -20.82 -24.17
CA LEU B 283 -5.20 -22.21 -24.60
C LEU B 283 -6.46 -22.82 -25.19
N ALA B 284 -7.61 -22.60 -24.55
CA ALA B 284 -8.86 -23.14 -25.07
C ALA B 284 -9.17 -22.57 -26.45
N ALA B 285 -8.92 -21.27 -26.65
CA ALA B 285 -9.17 -20.66 -27.95
C ALA B 285 -8.31 -21.28 -29.03
N THR B 286 -7.04 -21.58 -28.73
CA THR B 286 -6.16 -22.16 -29.72
C THR B 286 -6.57 -23.57 -30.12
N ARG B 287 -7.43 -24.22 -29.32
CA ARG B 287 -7.87 -25.58 -29.61
C ARG B 287 -9.20 -25.62 -30.36
N GLU B 288 -9.82 -24.47 -30.60
CA GLU B 288 -11.07 -24.44 -31.34
C GLU B 288 -10.81 -24.78 -32.81
N PRO B 289 -11.65 -25.64 -33.40
CA PRO B 289 -11.37 -26.09 -34.79
C PRO B 289 -11.27 -24.95 -35.79
N ALA B 290 -12.16 -23.95 -35.72
CA ALA B 290 -12.10 -22.87 -36.69
C ALA B 290 -10.86 -22.01 -36.50
N VAL B 291 -10.39 -21.86 -35.26
CA VAL B 291 -9.18 -21.09 -35.00
C VAL B 291 -7.95 -21.83 -35.51
N ARG B 292 -7.87 -23.14 -35.24
CA ARG B 292 -6.78 -23.92 -35.81
C ARG B 292 -6.78 -23.86 -37.33
N GLN B 293 -7.96 -23.90 -37.95
CA GLN B 293 -8.02 -23.84 -39.40
C GLN B 293 -7.52 -22.50 -39.93
N ALA B 294 -7.82 -21.41 -39.21
CA ALA B 294 -7.30 -20.11 -39.62
C ALA B 294 -5.78 -20.08 -39.59
N ALA B 295 -5.18 -20.70 -38.58
CA ALA B 295 -3.72 -20.77 -38.52
C ALA B 295 -3.16 -21.61 -39.67
N GLN B 296 -3.81 -22.72 -39.97
CA GLN B 296 -3.36 -23.56 -41.06
C GLN B 296 -3.52 -22.86 -42.40
N ASP B 297 -4.62 -22.12 -42.57
CA ASP B 297 -4.80 -21.35 -43.80
C ASP B 297 -3.75 -20.27 -43.94
N ALA B 298 -3.21 -19.78 -42.83
CA ALA B 298 -2.13 -18.79 -42.85
C ALA B 298 -0.77 -19.42 -43.13
N GLY B 299 -0.68 -20.75 -43.19
CA GLY B 299 0.56 -21.43 -43.51
C GLY B 299 1.19 -22.17 -42.33
N ALA B 300 0.65 -22.02 -41.13
CA ALA B 300 1.21 -22.69 -39.97
C ALA B 300 0.71 -24.13 -39.87
N ALA B 301 1.52 -24.98 -39.22
CA ALA B 301 1.08 -26.35 -38.95
C ALA B 301 0.02 -26.38 -37.87
N ASP B 302 0.08 -25.47 -36.90
CA ASP B 302 -0.80 -25.48 -35.74
C ASP B 302 -0.52 -24.18 -34.98
N ILE B 303 -1.19 -24.04 -33.84
CA ILE B 303 -0.93 -22.96 -32.90
C ILE B 303 -0.22 -23.56 -31.70
N ASN B 304 0.89 -22.93 -31.29
CA ASN B 304 1.77 -23.48 -30.25
C ASN B 304 1.82 -22.49 -29.08
N VAL B 305 1.15 -22.84 -27.97
CA VAL B 305 1.19 -22.02 -26.76
C VAL B 305 2.41 -22.44 -25.94
N ALA B 306 3.18 -21.47 -25.47
CA ALA B 306 4.31 -21.76 -24.59
C ALA B 306 4.30 -20.77 -23.44
N GLY B 307 4.76 -21.22 -22.28
CA GLY B 307 4.64 -20.45 -21.06
C GLY B 307 5.87 -19.63 -20.72
N LEU B 308 5.61 -18.48 -20.10
CA LEU B 308 6.62 -17.67 -19.42
C LEU B 308 6.14 -17.39 -18.01
N CYS B 309 7.10 -17.23 -17.09
CA CYS B 309 6.84 -16.70 -15.75
C CYS B 309 5.86 -17.62 -15.01
N CYS B 310 4.99 -16.90 -14.40
N CYS B 310 5.03 -17.03 -14.15
CA CYS B 310 4.33 -17.83 -13.49
CA CYS B 310 4.17 -17.83 -13.29
C CYS B 310 3.05 -18.41 -14.10
C CYS B 310 2.97 -18.40 -14.03
N THR B 311 2.38 -17.64 -14.95
CA THR B 311 1.27 -18.18 -15.71
C THR B 311 1.73 -19.35 -16.56
N GLY B 312 2.99 -19.32 -17.02
CA GLY B 312 3.57 -20.49 -17.64
C GLY B 312 3.70 -21.66 -16.68
N ASN B 313 4.18 -21.38 -15.45
CA ASN B 313 4.22 -22.41 -14.42
C ASN B 313 2.86 -23.05 -14.22
N GLU B 314 1.81 -22.21 -14.19
N GLU B 314 1.79 -22.26 -14.24
CA GLU B 314 0.46 -22.70 -13.96
CA GLU B 314 0.48 -22.83 -13.91
C GLU B 314 -0.01 -23.61 -15.08
C GLU B 314 -0.16 -23.55 -15.10
N LEU B 315 0.18 -23.16 -16.33
CA LEU B 315 -0.26 -23.96 -17.47
C LEU B 315 0.53 -25.26 -17.56
N LEU B 316 1.79 -25.24 -17.12
CA LEU B 316 2.57 -26.46 -17.03
C LEU B 316 1.98 -27.41 -16.01
N MET B 317 1.68 -26.91 -14.80
CA MET B 317 1.14 -27.75 -13.73
C MET B 317 -0.20 -28.37 -14.11
N ARG B 318 -1.07 -27.60 -14.76
CA ARG B 318 -2.45 -28.05 -14.98
C ARG B 318 -2.70 -28.60 -16.36
N GLN B 319 -1.92 -28.22 -17.37
CA GLN B 319 -2.14 -28.68 -18.72
C GLN B 319 -0.90 -29.26 -19.39
N GLY B 320 0.23 -29.31 -18.70
CA GLY B 320 1.45 -29.82 -19.32
C GLY B 320 2.00 -28.97 -20.43
N ILE B 321 1.61 -27.70 -20.50
CA ILE B 321 2.06 -26.83 -21.60
C ILE B 321 3.54 -26.51 -21.40
N PRO B 322 4.39 -26.73 -22.41
CA PRO B 322 5.83 -26.47 -22.23
C PRO B 322 6.12 -25.03 -21.88
N MET B 323 7.21 -24.83 -21.14
CA MET B 323 7.63 -23.51 -20.69
C MET B 323 8.84 -23.06 -21.50
N ALA B 324 8.75 -21.85 -22.05
CA ALA B 324 9.85 -21.34 -22.86
C ALA B 324 11.00 -20.81 -22.00
N GLY B 325 10.74 -20.30 -20.81
CA GLY B 325 11.83 -19.81 -20.01
C GLY B 325 11.33 -19.07 -18.78
N ASN B 326 12.31 -18.65 -17.98
CA ASN B 326 12.06 -17.90 -16.76
C ASN B 326 12.41 -16.42 -16.98
N HIS B 327 12.53 -15.68 -15.88
CA HIS B 327 12.57 -14.21 -15.90
C HIS B 327 13.53 -13.65 -16.95
N LEU B 328 14.82 -13.98 -16.84
CA LEU B 328 15.79 -13.37 -17.73
C LEU B 328 15.79 -13.96 -19.13
N MET B 329 15.00 -15.01 -19.38
CA MET B 329 14.78 -15.49 -20.75
C MET B 329 13.72 -14.70 -21.50
N THR B 330 12.93 -13.85 -20.84
CA THR B 330 11.72 -13.33 -21.48
C THR B 330 12.05 -12.44 -22.67
N GLU B 331 13.05 -11.55 -22.55
CA GLU B 331 13.43 -10.75 -23.72
C GLU B 331 14.01 -11.64 -24.80
N LEU B 332 14.77 -12.66 -24.41
CA LEU B 332 15.44 -13.52 -25.38
C LEU B 332 14.45 -14.35 -26.18
N ALA B 333 13.28 -14.66 -25.60
CA ALA B 333 12.27 -15.41 -26.33
C ALA B 333 11.79 -14.62 -27.56
N ILE B 334 11.69 -13.30 -27.45
CA ILE B 334 11.30 -12.51 -28.62
C ILE B 334 12.42 -12.48 -29.64
N VAL B 335 13.68 -12.45 -29.18
CA VAL B 335 14.82 -12.39 -30.07
C VAL B 335 14.93 -13.65 -30.95
N THR B 336 14.23 -14.73 -30.59
CA THR B 336 14.19 -15.88 -31.51
C THR B 336 13.57 -15.53 -32.85
N GLY B 337 12.84 -14.42 -32.92
CA GLY B 337 12.11 -14.06 -34.12
C GLY B 337 10.91 -14.92 -34.40
N ALA B 338 10.55 -15.84 -33.49
CA ALA B 338 9.44 -16.74 -33.72
C ALA B 338 8.28 -16.49 -32.77
N ALA B 339 8.37 -15.49 -31.90
CA ALA B 339 7.27 -15.15 -31.01
C ALA B 339 6.26 -14.33 -31.80
N ASP B 340 5.12 -14.94 -32.12
CA ASP B 340 4.14 -14.21 -32.91
C ASP B 340 3.26 -13.32 -32.04
N ALA B 341 3.04 -13.71 -30.79
CA ALA B 341 2.38 -12.82 -29.84
C ALA B 341 2.86 -13.12 -28.43
N ILE B 342 2.96 -12.05 -27.63
CA ILE B 342 3.04 -12.15 -26.18
C ILE B 342 1.69 -11.73 -25.63
N VAL B 343 1.08 -12.57 -24.80
CA VAL B 343 -0.18 -12.25 -24.15
C VAL B 343 0.10 -12.10 -22.66
N ALA B 344 0.06 -10.86 -22.19
CA ALA B 344 0.48 -10.51 -20.85
C ALA B 344 -0.73 -10.17 -19.99
N ASP B 345 -0.63 -10.45 -18.70
CA ASP B 345 -1.61 -9.93 -17.75
C ASP B 345 -0.93 -8.99 -16.77
N TYR B 346 -0.31 -9.49 -15.70
CA TYR B 346 0.31 -8.57 -14.77
C TYR B 346 1.43 -9.23 -13.98
N GLN B 347 2.37 -8.38 -13.53
N GLN B 347 2.36 -8.37 -13.53
CA GLN B 347 3.47 -8.69 -12.59
CA GLN B 347 3.44 -8.66 -12.58
C GLN B 347 4.66 -9.34 -13.28
C GLN B 347 4.64 -9.34 -13.25
N CYS B 348 5.84 -8.75 -13.06
N CYS B 348 5.81 -8.74 -13.05
CA CYS B 348 7.14 -9.22 -13.54
CA CYS B 348 7.10 -9.27 -13.52
C CYS B 348 7.30 -9.15 -15.05
C CYS B 348 7.22 -9.25 -15.04
N ILE B 349 6.37 -8.50 -15.74
CA ILE B 349 6.43 -8.37 -17.19
C ILE B 349 7.25 -7.12 -17.52
N MET B 350 8.49 -7.31 -17.98
CA MET B 350 9.37 -6.18 -18.21
C MET B 350 8.84 -5.32 -19.36
N PRO B 351 8.65 -4.01 -19.15
CA PRO B 351 8.16 -3.16 -20.24
C PRO B 351 9.11 -3.09 -21.42
N SER B 352 10.38 -3.49 -21.24
CA SER B 352 11.29 -3.60 -22.38
C SER B 352 10.74 -4.52 -23.46
N LEU B 353 9.88 -5.48 -23.07
CA LEU B 353 9.34 -6.42 -24.04
C LEU B 353 8.51 -5.72 -25.11
N VAL B 354 7.88 -4.59 -24.77
CA VAL B 354 7.11 -3.84 -25.76
C VAL B 354 8.04 -3.31 -26.85
N GLN B 355 9.19 -2.77 -26.45
CA GLN B 355 10.13 -2.22 -27.42
C GLN B 355 10.77 -3.32 -28.25
N ILE B 356 11.11 -4.44 -27.62
CA ILE B 356 11.74 -5.52 -28.37
C ILE B 356 10.74 -6.14 -29.34
N ALA B 357 9.49 -6.34 -28.91
CA ALA B 357 8.46 -6.80 -29.82
C ALA B 357 8.35 -5.91 -31.05
N ALA B 358 8.47 -4.59 -30.86
CA ALA B 358 8.38 -3.65 -31.96
C ALA B 358 9.55 -3.76 -32.92
N CYS B 359 10.67 -4.36 -32.48
CA CYS B 359 11.77 -4.64 -33.40
C CYS B 359 11.43 -5.78 -34.34
N TYR B 360 10.40 -6.56 -34.01
CA TYR B 360 9.96 -7.68 -34.82
C TYR B 360 8.52 -7.48 -35.29
N HIS B 361 7.88 -8.57 -35.70
CA HIS B 361 6.46 -8.61 -36.04
C HIS B 361 5.58 -8.83 -34.84
N THR B 362 6.18 -9.17 -33.69
CA THR B 362 5.47 -9.70 -32.53
C THR B 362 4.41 -8.74 -32.03
N ARG B 363 3.21 -9.26 -31.79
CA ARG B 363 2.17 -8.49 -31.12
C ARG B 363 2.36 -8.61 -29.62
N PHE B 364 2.30 -7.47 -28.92
CA PHE B 364 2.35 -7.45 -27.46
C PHE B 364 0.97 -7.06 -26.97
N VAL B 365 0.23 -8.02 -26.43
CA VAL B 365 -1.17 -7.84 -26.07
C VAL B 365 -1.28 -7.81 -24.55
N THR B 366 -1.88 -6.74 -24.02
CA THR B 366 -2.23 -6.65 -22.61
C THR B 366 -3.69 -7.02 -22.42
N THR B 367 -4.01 -7.60 -21.26
CA THR B 367 -5.33 -8.14 -20.99
C THR B 367 -5.94 -7.67 -19.67
N SER B 368 -5.18 -7.02 -18.81
CA SER B 368 -5.70 -6.65 -17.51
C SER B 368 -5.80 -5.14 -17.38
N PRO B 369 -6.88 -4.62 -16.77
CA PRO B 369 -6.91 -3.18 -16.49
C PRO B 369 -5.79 -2.74 -15.57
N LYS B 370 -5.18 -3.66 -14.83
CA LYS B 370 -4.06 -3.33 -13.95
C LYS B 370 -2.71 -3.44 -14.65
N GLY B 371 -2.60 -4.23 -15.72
CA GLY B 371 -1.34 -4.37 -16.41
C GLY B 371 -1.28 -3.59 -17.72
N ARG B 372 -1.22 -2.27 -17.63
CA ARG B 372 -1.22 -1.43 -18.82
C ARG B 372 0.21 -1.08 -19.22
N PHE B 373 0.49 -1.18 -20.51
CA PHE B 373 1.81 -0.90 -21.05
C PHE B 373 1.66 0.08 -22.20
N THR B 374 2.29 1.25 -22.09
CA THR B 374 2.21 2.22 -23.17
C THR B 374 2.71 1.58 -24.46
N GLY B 375 1.89 1.66 -25.51
CA GLY B 375 2.24 1.10 -26.80
C GLY B 375 1.76 -0.30 -27.05
N ALA B 376 1.22 -0.97 -26.03
CA ALA B 376 0.70 -2.32 -26.18
C ALA B 376 -0.65 -2.30 -26.88
N THR B 377 -1.03 -3.46 -27.42
CA THR B 377 -2.37 -3.68 -27.94
C THR B 377 -3.23 -4.19 -26.79
N HIS B 378 -4.18 -3.37 -26.34
CA HIS B 378 -4.97 -3.73 -25.17
C HIS B 378 -6.26 -4.43 -25.60
N VAL B 379 -6.42 -5.68 -25.16
CA VAL B 379 -7.64 -6.44 -25.38
C VAL B 379 -8.05 -6.96 -24.00
N GLU B 380 -8.89 -6.20 -23.30
CA GLU B 380 -9.12 -6.45 -21.88
C GLU B 380 -10.01 -7.66 -21.67
N VAL B 381 -9.61 -8.51 -20.73
CA VAL B 381 -10.25 -9.79 -20.48
C VAL B 381 -10.93 -9.76 -19.12
N HIS B 382 -12.18 -10.16 -19.08
CA HIS B 382 -12.93 -10.38 -17.85
C HIS B 382 -13.70 -11.68 -18.00
N PRO B 383 -14.12 -12.28 -16.89
CA PRO B 383 -14.84 -13.57 -16.98
C PRO B 383 -15.98 -13.57 -17.97
N HIS B 384 -16.75 -12.48 -18.06
CA HIS B 384 -17.91 -12.49 -18.93
C HIS B 384 -17.57 -12.43 -20.41
N ASN B 385 -16.39 -11.92 -20.78
CA ASN B 385 -16.02 -11.82 -22.19
C ASN B 385 -14.76 -12.59 -22.56
N ALA B 386 -14.16 -13.35 -21.64
CA ALA B 386 -12.85 -13.96 -21.89
C ALA B 386 -12.90 -14.90 -23.09
N GLN B 387 -13.97 -15.67 -23.23
CA GLN B 387 -14.05 -16.62 -24.34
C GLN B 387 -14.02 -15.89 -25.68
N GLU B 388 -14.76 -14.78 -25.77
CA GLU B 388 -14.78 -14.00 -27.01
C GLU B 388 -13.47 -13.24 -27.21
N ARG B 389 -12.95 -12.62 -26.15
CA ARG B 389 -11.74 -11.81 -26.27
C ARG B 389 -10.50 -12.66 -26.53
N CYS B 390 -10.38 -13.82 -25.85
CA CYS B 390 -9.20 -14.65 -26.06
C CYS B 390 -9.16 -15.22 -27.48
N ARG B 391 -10.33 -15.49 -28.07
CA ARG B 391 -10.36 -15.87 -29.47
C ARG B 391 -9.85 -14.73 -30.35
N GLU B 392 -10.27 -13.50 -30.05
N GLU B 392 -10.29 -13.50 -30.06
CA GLU B 392 -9.79 -12.34 -30.80
CA GLU B 392 -9.79 -12.34 -30.79
C GLU B 392 -8.28 -12.19 -30.67
C GLU B 392 -8.28 -12.20 -30.66
N ILE B 393 -7.74 -12.48 -29.48
CA ILE B 393 -6.30 -12.36 -29.26
C ILE B 393 -5.54 -13.40 -30.09
N VAL B 394 -6.04 -14.64 -30.12
CA VAL B 394 -5.37 -15.67 -30.92
C VAL B 394 -5.39 -15.31 -32.39
N MET B 395 -6.51 -14.74 -32.87
CA MET B 395 -6.56 -14.31 -34.26
C MET B 395 -5.54 -13.22 -34.54
N LEU B 396 -5.33 -12.31 -33.57
CA LEU B 396 -4.26 -11.32 -33.72
C LEU B 396 -2.89 -11.99 -33.85
N ALA B 397 -2.68 -13.08 -33.10
CA ALA B 397 -1.42 -13.81 -33.19
C ALA B 397 -1.26 -14.47 -34.56
N ILE B 398 -2.34 -15.05 -35.09
CA ILE B 398 -2.27 -15.68 -36.41
C ILE B 398 -1.93 -14.63 -37.47
N ASP B 399 -2.56 -13.46 -37.37
CA ASP B 399 -2.25 -12.38 -38.30
C ASP B 399 -0.79 -11.94 -38.18
N ALA B 400 -0.29 -11.84 -36.95
CA ALA B 400 1.12 -11.50 -36.76
C ALA B 400 2.03 -12.54 -37.40
N TYR B 401 1.67 -13.82 -37.27
CA TYR B 401 2.46 -14.89 -37.89
C TYR B 401 2.64 -14.67 -39.39
N THR B 402 1.61 -14.15 -40.07
CA THR B 402 1.73 -13.94 -41.51
C THR B 402 2.77 -12.87 -41.85
N ARG B 403 3.16 -12.06 -40.87
N ARG B 403 3.18 -12.05 -40.90
CA ARG B 403 4.15 -11.00 -41.06
CA ARG B 403 4.17 -11.03 -41.14
C ARG B 403 5.53 -11.38 -40.55
C ARG B 403 5.54 -11.37 -40.54
N ARG B 404 5.72 -12.60 -40.08
CA ARG B 404 7.00 -13.01 -39.53
C ARG B 404 8.05 -13.08 -40.62
N ASP B 405 9.21 -12.47 -40.36
CA ASP B 405 10.35 -12.54 -41.27
C ASP B 405 11.08 -13.86 -41.03
N PRO B 406 11.02 -14.80 -41.98
CA PRO B 406 11.67 -16.11 -41.75
C PRO B 406 13.17 -16.02 -41.61
N ALA B 407 13.81 -14.99 -42.19
CA ALA B 407 15.25 -14.86 -42.15
C ALA B 407 15.78 -14.40 -40.80
N ARG B 408 14.91 -13.90 -39.92
CA ARG B 408 15.33 -13.48 -38.58
C ARG B 408 14.99 -14.50 -37.51
N VAL B 409 14.56 -15.70 -37.91
CA VAL B 409 14.19 -16.74 -36.96
C VAL B 409 15.42 -17.55 -36.59
N ASP B 410 15.69 -17.67 -35.30
CA ASP B 410 16.74 -18.55 -34.78
C ASP B 410 16.24 -19.12 -33.45
N ILE B 411 15.66 -20.31 -33.51
CA ILE B 411 15.26 -21.05 -32.31
C ILE B 411 16.42 -21.96 -31.92
N PRO B 412 17.13 -21.67 -30.82
CA PRO B 412 18.51 -22.16 -30.68
C PRO B 412 18.76 -23.53 -30.08
N SER B 413 17.76 -24.23 -29.53
CA SER B 413 18.04 -25.44 -28.76
C SER B 413 16.95 -26.49 -28.99
N GLN B 414 17.26 -27.71 -28.54
CA GLN B 414 16.25 -28.76 -28.41
C GLN B 414 15.66 -28.73 -27.01
N PRO B 415 14.34 -28.86 -26.88
CA PRO B 415 13.73 -28.79 -25.54
C PRO B 415 14.14 -29.95 -24.65
N VAL B 416 14.10 -29.71 -23.34
CA VAL B 416 14.51 -30.69 -22.33
C VAL B 416 13.27 -31.24 -21.64
N SER B 417 13.20 -32.56 -21.50
CA SER B 417 12.02 -33.18 -20.88
C SER B 417 11.98 -32.93 -19.38
N ILE B 418 10.79 -32.65 -18.87
CA ILE B 418 10.56 -32.42 -17.45
C ILE B 418 9.30 -33.16 -17.02
N MET B 419 9.15 -33.30 -15.70
CA MET B 419 7.91 -33.78 -15.09
C MET B 419 7.40 -32.69 -14.16
N SER B 420 6.11 -32.40 -14.24
CA SER B 420 5.51 -31.34 -13.45
C SER B 420 4.26 -31.90 -12.76
N GLY B 421 3.59 -31.05 -11.99
CA GLY B 421 2.28 -31.38 -11.48
C GLY B 421 2.22 -31.84 -10.03
N PHE B 422 3.24 -31.58 -9.23
CA PHE B 422 3.25 -32.07 -7.86
C PHE B 422 2.58 -31.08 -6.92
N SER B 423 1.25 -31.02 -7.05
CA SER B 423 0.42 -30.45 -6.00
C SER B 423 0.53 -31.32 -4.74
N ASN B 424 0.10 -30.76 -3.60
CA ASN B 424 0.05 -31.57 -2.39
C ASN B 424 -0.86 -32.78 -2.58
N GLU B 425 -1.95 -32.60 -3.32
CA GLU B 425 -2.84 -33.72 -3.62
C GLU B 425 -2.11 -34.81 -4.39
N ALA B 426 -1.31 -34.41 -5.37
CA ALA B 426 -0.54 -35.38 -6.16
C ALA B 426 0.52 -36.07 -5.30
N ILE B 427 1.18 -35.32 -4.42
CA ILE B 427 2.18 -35.92 -3.54
C ILE B 427 1.54 -36.96 -2.62
N LEU B 428 0.42 -36.59 -1.99
CA LEU B 428 -0.25 -37.51 -1.08
C LEU B 428 -0.73 -38.76 -1.82
N GLU B 429 -1.22 -38.60 -3.06
CA GLU B 429 -1.64 -39.77 -3.82
C GLU B 429 -0.45 -40.68 -4.11
N ALA B 430 0.70 -40.10 -4.43
CA ALA B 430 1.89 -40.91 -4.70
C ALA B 430 2.35 -41.65 -3.45
N LEU B 431 2.06 -41.12 -2.27
CA LEU B 431 2.42 -41.73 -1.00
C LEU B 431 1.40 -42.75 -0.52
N GLY B 432 0.31 -42.95 -1.25
CA GLY B 432 -0.72 -43.89 -0.85
C GLY B 432 -1.90 -43.27 -0.13
N GLY B 433 -1.94 -41.95 0.03
CA GLY B 433 -3.06 -41.26 0.63
C GLY B 433 -2.73 -40.50 1.90
N THR B 434 -1.65 -40.83 2.59
CA THR B 434 -1.27 -40.20 3.84
C THR B 434 0.17 -39.73 3.75
N PRO B 435 0.58 -38.79 4.61
CA PRO B 435 1.99 -38.38 4.65
C PRO B 435 2.90 -39.36 5.39
N LYS B 436 2.34 -40.45 5.94
CA LYS B 436 3.14 -41.33 6.79
C LYS B 436 4.38 -41.88 6.11
N PRO B 437 4.33 -42.41 4.87
CA PRO B 437 5.58 -42.88 4.25
C PRO B 437 6.62 -41.78 4.10
N LEU B 438 6.19 -40.54 3.86
CA LEU B 438 7.14 -39.44 3.80
C LEU B 438 7.73 -39.15 5.18
N ILE B 439 6.89 -39.14 6.22
CA ILE B 439 7.38 -38.96 7.57
C ILE B 439 8.34 -40.09 7.95
N ASP B 440 7.99 -41.33 7.56
CA ASP B 440 8.85 -42.47 7.87
C ASP B 440 10.23 -42.31 7.23
N ALA B 441 10.27 -41.84 5.98
CA ALA B 441 11.56 -41.64 5.31
C ALA B 441 12.37 -40.55 6.00
N VAL B 442 11.71 -39.51 6.51
CA VAL B 442 12.41 -38.46 7.25
C VAL B 442 12.93 -39.00 8.57
N VAL B 443 12.07 -39.71 9.31
CA VAL B 443 12.49 -40.32 10.57
C VAL B 443 13.65 -41.29 10.35
N ALA B 444 13.57 -42.10 9.28
CA ALA B 444 14.63 -43.06 9.00
C ALA B 444 15.92 -42.42 8.51
N GLY B 445 15.89 -41.12 8.19
CA GLY B 445 17.09 -40.45 7.71
C GLY B 445 17.37 -40.62 6.24
N GLN B 446 16.47 -41.25 5.48
CA GLN B 446 16.65 -41.34 4.04
C GLN B 446 16.50 -39.98 3.39
N ILE B 447 15.52 -39.21 3.84
CA ILE B 447 15.37 -37.80 3.47
C ILE B 447 15.67 -37.01 4.72
N ARG B 448 16.77 -36.25 4.70
N ARG B 448 16.76 -36.23 4.70
CA ARG B 448 17.13 -35.44 5.88
CA ARG B 448 17.13 -35.45 5.87
C ARG B 448 16.12 -34.32 6.10
C ARG B 448 16.15 -34.30 6.10
N GLY B 449 15.63 -33.72 5.02
CA GLY B 449 14.69 -32.63 5.14
C GLY B 449 14.24 -32.18 3.76
N PHE B 450 13.57 -31.04 3.74
CA PHE B 450 13.02 -30.46 2.51
C PHE B 450 13.41 -29.00 2.42
N VAL B 451 13.73 -28.55 1.22
CA VAL B 451 13.99 -27.14 0.99
C VAL B 451 13.19 -26.68 -0.22
N GLY B 452 12.39 -25.64 -0.03
CA GLY B 452 11.76 -24.99 -1.17
C GLY B 452 12.72 -23.99 -1.80
N ILE B 453 13.03 -24.17 -3.08
CA ILE B 453 13.84 -23.22 -3.82
C ILE B 453 12.88 -22.48 -4.75
N VAL B 454 12.70 -21.19 -4.52
CA VAL B 454 11.51 -20.50 -5.01
C VAL B 454 11.81 -19.17 -5.70
N GLY B 455 13.08 -18.85 -5.89
CA GLY B 455 13.45 -17.51 -6.30
C GLY B 455 13.33 -17.19 -7.79
N CYS B 456 13.79 -15.99 -8.12
N CYS B 456 13.78 -15.99 -8.12
CA CYS B 456 13.72 -15.42 -9.45
CA CYS B 456 13.72 -15.39 -9.46
C CYS B 456 15.05 -15.61 -10.18
C CYS B 456 15.03 -15.64 -10.21
N ASN B 457 15.30 -14.80 -11.20
CA ASN B 457 16.62 -14.52 -11.73
C ASN B 457 16.94 -13.08 -11.36
N ASN B 458 18.23 -12.73 -11.41
CA ASN B 458 18.66 -11.36 -11.13
C ASN B 458 19.93 -11.13 -11.92
N PRO B 459 20.01 -10.06 -12.72
CA PRO B 459 21.24 -9.83 -13.51
C PRO B 459 22.50 -9.74 -12.66
N LYS B 460 22.38 -9.50 -11.35
CA LYS B 460 23.55 -9.49 -10.47
C LYS B 460 24.22 -10.84 -10.38
N ILE B 461 23.52 -11.91 -10.73
CA ILE B 461 24.02 -13.28 -10.62
C ILE B 461 23.92 -13.94 -11.98
N ARG B 462 25.00 -14.61 -12.40
CA ARG B 462 24.97 -15.38 -13.64
C ARG B 462 23.74 -16.27 -13.67
N GLN B 463 22.91 -16.12 -14.71
CA GLN B 463 21.56 -16.65 -14.69
C GLN B 463 21.53 -18.14 -14.38
N ASP B 464 20.83 -18.49 -13.30
CA ASP B 464 20.55 -19.84 -12.83
C ASP B 464 21.79 -20.55 -12.28
N SER B 465 22.95 -19.88 -12.22
CA SER B 465 24.14 -20.53 -11.69
C SER B 465 23.94 -20.97 -10.25
N ALA B 466 23.35 -20.10 -9.42
CA ALA B 466 23.11 -20.44 -8.02
C ALA B 466 21.89 -21.33 -7.86
N ASN B 467 20.83 -21.07 -8.64
CA ASN B 467 19.65 -21.93 -8.60
C ASN B 467 20.03 -23.39 -8.82
N VAL B 468 20.83 -23.65 -9.87
CA VAL B 468 21.14 -25.02 -10.22
C VAL B 468 22.15 -25.61 -9.23
N THR B 469 23.20 -24.84 -8.88
CA THR B 469 24.20 -25.36 -7.96
C THR B 469 23.58 -25.72 -6.61
N LEU B 470 22.72 -24.86 -6.08
CA LEU B 470 22.08 -25.16 -4.80
C LEU B 470 21.21 -26.41 -4.90
N THR B 471 20.42 -26.52 -5.98
CA THR B 471 19.56 -27.69 -6.16
C THR B 471 20.41 -28.96 -6.18
N ARG B 472 21.49 -28.95 -6.95
CA ARG B 472 22.36 -30.12 -7.01
C ARG B 472 22.99 -30.43 -5.65
N GLU B 473 23.42 -29.39 -4.94
CA GLU B 473 24.04 -29.60 -3.64
C GLU B 473 23.06 -30.23 -2.65
N LEU B 474 21.81 -29.76 -2.63
CA LEU B 474 20.85 -30.24 -1.64
C LEU B 474 20.47 -31.70 -1.91
N ILE B 475 20.14 -32.04 -3.16
CA ILE B 475 19.71 -33.41 -3.42
C ILE B 475 20.85 -34.39 -3.20
N ARG B 476 22.09 -33.98 -3.48
CA ARG B 476 23.25 -34.82 -3.18
C ARG B 476 23.33 -35.14 -1.69
N ARG B 477 22.86 -34.21 -0.85
CA ARG B 477 22.88 -34.35 0.61
C ARG B 477 21.58 -34.97 1.14
N ASP B 478 20.79 -35.62 0.27
CA ASP B 478 19.55 -36.28 0.66
C ASP B 478 18.51 -35.29 1.17
N ILE B 479 18.53 -34.06 0.67
CA ILE B 479 17.52 -33.05 0.98
C ILE B 479 16.66 -32.87 -0.26
N MET B 480 15.40 -33.26 -0.16
CA MET B 480 14.48 -33.12 -1.29
C MET B 480 14.19 -31.65 -1.54
N VAL B 481 14.16 -31.27 -2.82
CA VAL B 481 13.93 -29.88 -3.23
C VAL B 481 12.52 -29.75 -3.78
N LEU B 482 11.81 -28.72 -3.33
CA LEU B 482 10.52 -28.33 -3.86
C LEU B 482 10.73 -27.05 -4.65
N ALA B 483 10.42 -27.08 -5.95
CA ALA B 483 10.78 -26.02 -6.87
C ALA B 483 9.54 -25.27 -7.32
N THR B 484 9.60 -23.94 -7.28
CA THR B 484 8.51 -23.09 -7.77
C THR B 484 9.11 -21.92 -8.53
N GLY B 485 8.25 -21.22 -9.27
CA GLY B 485 8.65 -19.97 -9.89
C GLY B 485 9.73 -20.16 -10.95
N CYS B 486 10.69 -19.26 -10.95
N CYS B 486 10.70 -19.23 -10.96
CA CYS B 486 11.72 -19.29 -11.98
CA CYS B 486 11.79 -19.27 -11.93
C CYS B 486 12.86 -20.27 -11.66
C CYS B 486 12.64 -20.51 -11.80
N VAL B 487 12.72 -21.06 -10.59
CA VAL B 487 13.62 -22.20 -10.36
C VAL B 487 13.16 -23.40 -11.16
N THR B 488 11.86 -23.50 -11.44
CA THR B 488 11.33 -24.58 -12.27
C THR B 488 12.11 -24.72 -13.57
N THR B 489 12.28 -23.62 -14.30
CA THR B 489 13.02 -23.64 -15.56
C THR B 489 14.48 -23.98 -15.34
N ALA B 490 15.07 -23.47 -14.27
CA ALA B 490 16.47 -23.78 -13.96
C ALA B 490 16.66 -25.27 -13.72
N ALA B 491 15.88 -25.84 -12.79
CA ALA B 491 15.99 -27.27 -12.51
C ALA B 491 15.62 -28.11 -13.72
N GLY B 492 14.62 -27.66 -14.50
CA GLY B 492 14.23 -28.42 -15.68
C GLY B 492 15.33 -28.48 -16.71
N LYS B 493 15.92 -27.32 -17.04
CA LYS B 493 16.99 -27.32 -18.04
C LYS B 493 18.22 -28.06 -17.56
N ALA B 494 18.41 -28.14 -16.24
CA ALA B 494 19.49 -28.93 -15.67
C ALA B 494 19.23 -30.43 -15.69
N GLY B 495 18.04 -30.85 -16.13
CA GLY B 495 17.71 -32.27 -16.20
C GLY B 495 17.29 -32.89 -14.89
N LEU B 496 16.90 -32.09 -13.91
CA LEU B 496 16.64 -32.58 -12.56
C LEU B 496 15.15 -32.80 -12.28
N LEU B 497 14.25 -32.48 -13.22
CA LEU B 497 12.82 -32.64 -13.00
C LEU B 497 12.27 -33.94 -13.60
N VAL B 498 13.10 -34.97 -13.72
CA VAL B 498 12.62 -36.25 -14.22
C VAL B 498 12.98 -37.36 -13.24
N PRO B 499 12.23 -38.47 -13.21
CA PRO B 499 12.54 -39.53 -12.24
C PRO B 499 13.96 -40.05 -12.33
N GLU B 500 14.52 -40.12 -13.53
CA GLU B 500 15.89 -40.62 -13.71
C GLU B 500 16.91 -39.75 -13.00
N ALA B 501 16.57 -38.51 -12.66
CA ALA B 501 17.51 -37.66 -11.94
C ALA B 501 17.74 -38.11 -10.51
N ALA B 502 17.04 -39.16 -10.04
CA ALA B 502 17.39 -39.80 -8.78
C ALA B 502 18.86 -40.19 -8.75
N SER B 503 19.47 -40.47 -9.92
CA SER B 503 20.88 -40.81 -9.96
C SER B 503 21.77 -39.67 -9.48
N LYS B 504 21.26 -38.45 -9.45
CA LYS B 504 22.03 -37.29 -8.99
C LYS B 504 21.84 -36.99 -7.51
N ALA B 505 20.92 -37.70 -6.84
CA ALA B 505 20.69 -37.50 -5.42
C ALA B 505 21.53 -38.47 -4.59
N GLY B 506 21.62 -38.20 -3.30
CA GLY B 506 22.25 -39.13 -2.40
C GLY B 506 21.49 -40.44 -2.31
N GLU B 507 22.11 -41.42 -1.65
CA GLU B 507 21.56 -42.78 -1.63
C GLU B 507 20.15 -42.81 -1.03
N GLY B 508 19.92 -42.06 0.03
CA GLY B 508 18.62 -42.13 0.69
C GLY B 508 17.50 -41.50 -0.12
N LEU B 509 17.75 -40.30 -0.66
CA LEU B 509 16.73 -39.63 -1.45
C LEU B 509 16.50 -40.37 -2.77
N ALA B 510 17.57 -40.88 -3.38
CA ALA B 510 17.44 -41.68 -4.59
C ALA B 510 16.53 -42.89 -4.36
N ALA B 511 16.71 -43.58 -3.23
CA ALA B 511 15.91 -44.77 -2.96
C ALA B 511 14.44 -44.40 -2.79
N VAL B 512 14.15 -43.32 -2.06
CA VAL B 512 12.76 -42.90 -1.88
C VAL B 512 12.16 -42.49 -3.22
N CYS B 513 12.89 -41.67 -3.99
CA CYS B 513 12.37 -41.22 -5.27
C CYS B 513 12.07 -42.39 -6.20
N ARG B 514 12.97 -43.38 -6.26
CA ARG B 514 12.73 -44.52 -7.14
C ARG B 514 11.58 -45.37 -6.67
N SER B 515 11.37 -45.50 -5.35
CA SER B 515 10.24 -46.27 -4.85
C SER B 515 8.92 -45.60 -5.21
N LEU B 516 8.91 -44.27 -5.33
CA LEU B 516 7.70 -43.51 -5.65
C LEU B 516 7.59 -43.18 -7.14
N GLY B 517 8.67 -43.33 -7.90
CA GLY B 517 8.65 -42.97 -9.31
C GLY B 517 8.64 -41.48 -9.58
N VAL B 518 9.23 -40.69 -8.70
CA VAL B 518 9.15 -39.24 -8.80
C VAL B 518 10.57 -38.70 -8.89
N PRO B 519 10.73 -37.46 -9.38
CA PRO B 519 12.06 -36.84 -9.40
C PRO B 519 12.51 -36.47 -8.00
N PRO B 520 13.80 -36.18 -7.80
CA PRO B 520 14.25 -35.65 -6.51
C PRO B 520 13.96 -34.17 -6.34
N VAL B 521 13.48 -33.51 -7.39
CA VAL B 521 13.05 -32.11 -7.36
C VAL B 521 11.60 -32.10 -7.81
N LEU B 522 10.71 -31.67 -6.93
CA LEU B 522 9.27 -31.69 -7.20
C LEU B 522 8.81 -30.30 -7.61
N HIS B 523 8.30 -30.18 -8.83
CA HIS B 523 7.72 -28.92 -9.28
C HIS B 523 6.36 -28.72 -8.62
N MET B 524 6.25 -27.70 -7.78
CA MET B 524 5.01 -27.44 -7.06
C MET B 524 4.28 -26.20 -7.57
N GLY B 525 4.82 -25.51 -8.57
CA GLY B 525 4.04 -24.52 -9.29
C GLY B 525 4.62 -23.13 -9.39
N SER B 526 3.72 -22.14 -9.44
CA SER B 526 4.08 -20.73 -9.57
C SER B 526 4.45 -20.15 -8.21
N CYS B 527 4.70 -18.83 -8.16
N CYS B 527 4.70 -18.83 -8.19
CA CYS B 527 5.01 -18.20 -6.88
CA CYS B 527 5.08 -18.18 -6.93
C CYS B 527 3.81 -18.19 -5.95
C CYS B 527 3.92 -18.13 -5.94
N VAL B 528 2.60 -18.04 -6.50
N VAL B 528 2.69 -18.05 -6.43
CA VAL B 528 1.40 -18.16 -5.71
CA VAL B 528 1.56 -18.13 -5.50
C VAL B 528 1.35 -19.51 -5.02
C VAL B 528 1.45 -19.53 -4.92
N ASP B 529 1.86 -20.54 -5.69
CA ASP B 529 1.84 -21.92 -5.21
C ASP B 529 2.89 -22.19 -4.14
N ASN B 530 3.71 -21.22 -3.76
CA ASN B 530 4.45 -21.38 -2.51
C ASN B 530 3.51 -21.56 -1.32
N SER B 531 2.24 -21.17 -1.46
CA SER B 531 1.24 -21.51 -0.46
C SER B 531 1.08 -23.02 -0.30
N ARG B 532 1.30 -23.79 -1.37
CA ARG B 532 1.29 -25.25 -1.23
C ARG B 532 2.38 -25.70 -0.28
N ILE B 533 3.53 -25.03 -0.28
CA ILE B 533 4.61 -25.42 0.63
C ILE B 533 4.21 -25.11 2.06
N LEU B 534 3.54 -23.98 2.30
CA LEU B 534 3.02 -23.69 3.63
C LEU B 534 2.03 -24.76 4.07
N GLN B 535 1.12 -25.15 3.18
CA GLN B 535 0.13 -26.16 3.53
C GLN B 535 0.80 -27.49 3.87
N LEU B 536 1.83 -27.87 3.09
CA LEU B 536 2.54 -29.11 3.36
C LEU B 536 3.25 -29.06 4.70
N CYS B 537 3.98 -27.96 4.96
CA CYS B 537 4.65 -27.82 6.25
C CYS B 537 3.64 -27.88 7.40
N ALA B 538 2.50 -27.19 7.24
CA ALA B 538 1.49 -27.20 8.30
C ALA B 538 0.94 -28.61 8.53
N LEU B 539 0.74 -29.36 7.44
CA LEU B 539 0.25 -30.73 7.55
C LEU B 539 1.24 -31.61 8.30
N LEU B 540 2.53 -31.51 7.94
CA LEU B 540 3.55 -32.32 8.60
C LEU B 540 3.68 -31.95 10.07
N ALA B 541 3.65 -30.65 10.38
CA ALA B 541 3.77 -30.22 11.77
C ALA B 541 2.57 -30.65 12.59
N THR B 542 1.36 -30.50 12.03
N THR B 542 1.37 -30.53 12.04
CA THR B 542 0.16 -30.94 12.73
CA THR B 542 0.19 -30.94 12.78
C THR B 542 0.18 -32.45 12.95
C THR B 542 0.12 -32.46 12.94
N THR B 543 0.60 -33.21 11.94
CA THR B 543 0.64 -34.66 12.07
C THR B 543 1.63 -35.09 13.14
N LEU B 544 2.78 -34.41 13.22
CA LEU B 544 3.79 -34.71 14.24
C LEU B 544 3.49 -34.07 15.58
N GLY B 545 2.52 -33.16 15.66
CA GLY B 545 2.23 -32.47 16.91
C GLY B 545 3.27 -31.46 17.34
N VAL B 546 3.96 -30.83 16.39
CA VAL B 546 5.00 -29.86 16.67
C VAL B 546 4.70 -28.57 15.91
N ASP B 547 5.57 -27.58 16.05
CA ASP B 547 5.49 -26.35 15.28
C ASP B 547 6.20 -26.52 13.93
N ILE B 548 5.87 -25.64 12.99
CA ILE B 548 6.62 -25.60 11.74
C ILE B 548 8.09 -25.29 12.02
N SER B 549 8.35 -24.51 13.06
CA SER B 549 9.73 -24.19 13.45
C SER B 549 10.47 -25.39 14.01
N ASP B 550 9.79 -26.51 14.19
CA ASP B 550 10.42 -27.76 14.62
C ASP B 550 10.73 -28.71 13.47
N LEU B 551 10.28 -28.38 12.23
CA LEU B 551 10.43 -29.30 11.11
C LEU B 551 11.78 -29.12 10.42
N PRO B 552 12.35 -30.20 9.88
CA PRO B 552 13.58 -30.10 9.07
C PRO B 552 13.28 -29.57 7.68
N VAL B 553 13.03 -28.27 7.60
CA VAL B 553 12.66 -27.62 6.36
C VAL B 553 13.49 -26.37 6.19
N GLY B 554 13.49 -25.85 4.96
CA GLY B 554 14.10 -24.58 4.68
C GLY B 554 13.51 -24.02 3.40
N ALA B 555 13.81 -22.75 3.15
CA ALA B 555 13.43 -22.08 1.93
C ALA B 555 14.62 -21.29 1.40
N SER B 556 14.68 -21.14 0.08
CA SER B 556 15.82 -20.47 -0.51
C SER B 556 15.39 -19.74 -1.78
N SER B 557 15.90 -18.53 -1.92
CA SER B 557 15.68 -17.69 -3.09
C SER B 557 17.05 -17.20 -3.54
N PRO B 558 17.81 -18.02 -4.26
CA PRO B 558 19.22 -17.68 -4.54
C PRO B 558 19.40 -16.48 -5.45
N GLU B 559 18.46 -16.20 -6.36
CA GLU B 559 18.60 -15.18 -7.38
C GLU B 559 17.38 -14.27 -7.42
N TRP B 560 16.83 -13.94 -6.26
CA TRP B 560 15.58 -13.18 -6.22
C TRP B 560 15.79 -11.75 -6.70
N TYR B 561 14.68 -11.11 -7.09
CA TYR B 561 14.70 -9.69 -7.39
C TYR B 561 13.47 -8.92 -6.89
N SER B 562 12.28 -9.54 -6.83
CA SER B 562 11.03 -8.81 -6.77
C SER B 562 10.54 -8.59 -5.34
N GLU B 563 9.61 -7.64 -5.19
CA GLU B 563 8.92 -7.46 -3.91
C GLU B 563 8.11 -8.71 -3.57
N LYS B 564 7.48 -9.34 -4.57
CA LYS B 564 6.75 -10.58 -4.32
C LYS B 564 7.66 -11.63 -3.70
N ALA B 565 8.90 -11.74 -4.20
CA ALA B 565 9.81 -12.75 -3.67
C ALA B 565 10.19 -12.46 -2.23
N ALA B 566 10.34 -11.17 -1.88
CA ALA B 566 10.64 -10.81 -0.50
C ALA B 566 9.47 -11.09 0.42
N ALA B 567 8.24 -10.89 -0.06
CA ALA B 567 7.07 -11.20 0.75
C ALA B 567 6.98 -12.70 1.02
N ILE B 568 7.28 -13.53 0.00
CA ILE B 568 7.32 -14.97 0.19
C ILE B 568 8.36 -15.34 1.24
N ALA B 569 9.56 -14.77 1.11
CA ALA B 569 10.62 -15.03 2.09
C ALA B 569 10.17 -14.62 3.48
N MET B 570 9.53 -13.46 3.60
CA MET B 570 9.09 -13.00 4.92
C MET B 570 8.01 -13.92 5.49
N TYR B 571 7.06 -14.37 4.66
CA TYR B 571 6.04 -15.22 5.27
C TYR B 571 6.55 -16.62 5.55
N ALA B 572 7.58 -17.07 4.83
CA ALA B 572 8.27 -18.31 5.20
C ALA B 572 8.92 -18.16 6.57
N VAL B 573 9.71 -17.10 6.76
CA VAL B 573 10.38 -16.87 8.04
C VAL B 573 9.36 -16.77 9.15
N ALA B 574 8.31 -15.96 8.95
CA ALA B 574 7.33 -15.74 10.01
C ALA B 574 6.53 -16.99 10.32
N SER B 575 6.52 -17.97 9.41
CA SER B 575 5.86 -19.25 9.65
C SER B 575 6.81 -20.28 10.26
N GLY B 576 8.07 -19.92 10.52
CA GLY B 576 9.02 -20.82 11.15
C GLY B 576 9.98 -21.53 10.20
N ILE B 577 10.11 -21.06 8.97
CA ILE B 577 10.94 -21.72 7.96
C ILE B 577 12.22 -20.91 7.78
N PRO B 578 13.39 -21.47 8.08
CA PRO B 578 14.64 -20.75 7.79
C PRO B 578 14.72 -20.44 6.31
N THR B 579 15.04 -19.20 5.97
CA THR B 579 14.93 -18.75 4.58
C THR B 579 16.22 -18.08 4.15
N HIS B 580 16.84 -18.62 3.10
CA HIS B 580 18.07 -18.11 2.53
C HIS B 580 17.77 -17.19 1.36
N LEU B 581 18.46 -16.05 1.31
CA LEU B 581 18.43 -15.16 0.15
C LEU B 581 19.83 -15.05 -0.40
N GLY B 582 19.96 -15.08 -1.72
CA GLY B 582 21.27 -14.95 -2.34
C GLY B 582 21.81 -13.53 -2.26
N LEU B 583 20.92 -12.54 -2.22
CA LEU B 583 21.26 -11.13 -2.26
C LEU B 583 20.52 -10.41 -1.13
N PRO B 584 21.13 -9.38 -0.55
CA PRO B 584 20.50 -8.69 0.56
C PRO B 584 19.40 -7.76 0.08
N PRO B 585 18.31 -7.67 0.82
CA PRO B 585 17.38 -6.55 0.63
C PRO B 585 18.10 -5.25 0.94
N ASN B 586 17.48 -4.12 0.57
CA ASN B 586 18.10 -2.82 0.74
C ASN B 586 17.94 -2.34 2.19
N ILE B 587 18.63 -3.03 3.10
CA ILE B 587 18.48 -2.78 4.53
C ILE B 587 19.81 -2.65 5.26
N LEU B 588 20.94 -2.85 4.59
CA LEU B 588 22.20 -2.91 5.32
C LEU B 588 22.62 -1.58 5.91
N GLY B 589 21.95 -0.48 5.57
CA GLY B 589 22.21 0.80 6.21
C GLY B 589 21.76 0.88 7.66
N SER B 590 20.97 -0.10 8.13
CA SER B 590 20.57 -0.19 9.53
C SER B 590 21.10 -1.50 10.10
N GLU B 591 22.09 -1.41 11.00
CA GLU B 591 22.59 -2.61 11.65
C GLU B 591 21.50 -3.27 12.49
N ASN B 592 20.64 -2.47 13.12
CA ASN B 592 19.61 -3.04 13.98
C ASN B 592 18.56 -3.78 13.18
N VAL B 593 18.12 -3.21 12.04
CA VAL B 593 17.17 -3.92 11.20
C VAL B 593 17.81 -5.17 10.60
N THR B 594 19.05 -5.03 10.11
CA THR B 594 19.77 -6.18 9.57
C THR B 594 19.93 -7.27 10.61
N ALA B 595 20.32 -6.90 11.83
CA ALA B 595 20.48 -7.90 12.89
C ALA B 595 19.16 -8.57 13.23
N MET B 596 18.07 -7.81 13.19
CA MET B 596 16.75 -8.41 13.44
C MET B 596 16.39 -9.42 12.36
N ALA B 597 16.63 -9.08 11.10
CA ALA B 597 16.30 -9.98 10.01
C ALA B 597 17.13 -11.25 10.06
N LEU B 598 18.43 -11.12 10.38
CA LEU B 598 19.34 -12.26 10.35
C LEU B 598 19.40 -13.03 11.67
N HIS B 599 19.03 -12.41 12.78
CA HIS B 599 19.24 -13.06 14.07
C HIS B 599 18.06 -12.86 15.03
N GLY B 600 17.60 -11.62 15.17
CA GLY B 600 16.58 -11.34 16.17
C GLY B 600 15.29 -12.10 15.95
N LEU B 601 14.90 -12.29 14.68
CA LEU B 601 13.66 -13.00 14.38
C LEU B 601 13.72 -14.45 14.83
N GLN B 602 14.92 -15.03 14.93
CA GLN B 602 15.03 -16.39 15.45
C GLN B 602 14.39 -16.51 16.82
N ASP B 603 14.57 -15.50 17.67
CA ASP B 603 14.02 -15.51 19.02
C ASP B 603 12.64 -14.89 19.10
N VAL B 604 12.01 -14.64 17.96
CA VAL B 604 10.64 -14.14 17.89
C VAL B 604 9.73 -15.19 17.24
N VAL B 605 10.06 -15.62 16.02
CA VAL B 605 9.22 -16.52 15.24
C VAL B 605 9.86 -17.88 15.03
N GLY B 606 11.05 -18.12 15.57
CA GLY B 606 11.68 -19.41 15.41
C GLY B 606 12.35 -19.63 14.07
N ALA B 607 12.58 -18.57 13.31
CA ALA B 607 13.29 -18.66 12.04
C ALA B 607 13.87 -17.28 11.74
N ALA B 608 14.80 -17.24 10.79
CA ALA B 608 15.42 -15.98 10.42
C ALA B 608 15.84 -16.02 8.95
N PHE B 609 16.14 -14.84 8.41
CA PHE B 609 16.72 -14.75 7.09
C PHE B 609 18.21 -15.12 7.13
N MET B 610 18.71 -15.57 5.98
CA MET B 610 20.14 -15.75 5.73
C MET B 610 20.45 -15.08 4.40
N VAL B 611 21.60 -14.42 4.31
CA VAL B 611 22.06 -13.82 3.06
C VAL B 611 23.41 -14.42 2.71
N GLU B 612 23.47 -15.13 1.59
CA GLU B 612 24.69 -15.84 1.21
C GLU B 612 24.76 -16.04 -0.29
N PRO B 613 25.68 -15.35 -0.98
CA PRO B 613 25.75 -15.49 -2.44
C PRO B 613 26.43 -16.75 -2.94
N ASP B 614 27.17 -17.46 -2.09
CA ASP B 614 27.82 -18.71 -2.45
C ASP B 614 26.83 -19.85 -2.29
N PRO B 615 26.34 -20.44 -3.38
CA PRO B 615 25.28 -21.46 -3.25
C PRO B 615 25.74 -22.70 -2.50
N VAL B 616 27.03 -23.02 -2.55
CA VAL B 616 27.54 -24.14 -1.77
C VAL B 616 27.49 -23.83 -0.28
N LYS B 617 27.94 -22.63 0.10
CA LYS B 617 27.82 -22.22 1.50
C LYS B 617 26.37 -22.07 1.91
N ALA B 618 25.49 -21.63 1.00
CA ALA B 618 24.07 -21.59 1.30
C ALA B 618 23.54 -23.00 1.58
N ALA B 619 23.98 -23.98 0.79
CA ALA B 619 23.62 -25.37 1.07
C ALA B 619 24.09 -25.79 2.46
N ASP B 620 25.31 -25.40 2.83
CA ASP B 620 25.82 -25.73 4.17
C ASP B 620 24.94 -25.14 5.26
N MET B 621 24.51 -23.88 5.08
CA MET B 621 23.72 -23.23 6.11
C MET B 621 22.32 -23.84 6.19
N LEU B 622 21.70 -24.11 5.04
CA LEU B 622 20.39 -24.76 5.06
C LEU B 622 20.47 -26.16 5.66
N GLU B 623 21.53 -26.90 5.35
CA GLU B 623 21.68 -28.23 5.93
C GLU B 623 21.87 -28.15 7.44
N ALA B 624 22.65 -27.18 7.91
CA ALA B 624 22.89 -27.05 9.36
C ALA B 624 21.60 -26.78 10.12
N HIS B 625 20.71 -25.94 9.55
CA HIS B 625 19.41 -25.75 10.18
C HIS B 625 18.63 -27.05 10.22
N ILE B 626 18.65 -27.81 9.12
CA ILE B 626 17.93 -29.08 9.07
C ILE B 626 18.51 -30.05 10.10
N VAL B 627 19.85 -30.09 10.23
CA VAL B 627 20.48 -30.94 11.23
C VAL B 627 20.01 -30.57 12.63
N ALA B 628 19.90 -29.27 12.91
CA ALA B 628 19.50 -28.83 14.25
C ALA B 628 18.04 -29.16 14.53
N ARG B 629 17.18 -29.06 13.52
CA ARG B 629 15.77 -29.39 13.73
C ARG B 629 15.56 -30.89 13.87
N ARG B 630 16.30 -31.69 13.09
CA ARG B 630 16.27 -33.13 13.31
C ARG B 630 16.69 -33.47 14.73
N ALA B 631 17.70 -32.78 15.25
CA ALA B 631 18.15 -33.03 16.62
C ALA B 631 17.06 -32.69 17.63
N ARG B 632 16.37 -31.57 17.41
N ARG B 632 16.37 -31.58 17.44
CA ARG B 632 15.29 -31.14 18.29
CA ARG B 632 15.33 -31.25 18.40
C ARG B 632 14.11 -32.11 18.23
C ARG B 632 14.09 -32.14 18.24
N LEU B 633 13.95 -32.82 17.11
CA LEU B 633 12.94 -33.86 17.00
C LEU B 633 13.40 -35.18 17.60
N GLY B 634 14.66 -35.27 18.02
CA GLY B 634 15.19 -36.48 18.61
C GLY B 634 15.53 -37.57 17.62
N LEU B 635 15.75 -37.23 16.36
CA LEU B 635 16.11 -38.23 15.36
C LEU B 635 17.58 -38.61 15.50
N THR B 636 17.86 -39.90 15.33
CA THR B 636 19.20 -40.44 15.55
C THR B 636 19.76 -41.09 14.29
N SER B 637 19.18 -40.81 13.13
N SER B 637 19.19 -40.79 13.14
CA SER B 637 19.62 -41.43 11.89
CA SER B 637 19.69 -41.33 11.87
C SER B 637 20.15 -40.40 10.90
C SER B 637 20.43 -40.26 11.07
FE1 SF4 C . 12.32 0.04 -10.34
FE2 SF4 C . 14.72 -0.52 -11.45
FE3 SF4 C . 12.41 -1.43 -12.64
FE4 SF4 C . 13.26 -2.50 -10.26
S1 SF4 C . 14.32 -2.61 -12.28
S2 SF4 C . 11.13 -1.83 -10.78
S3 SF4 C . 14.18 -0.70 -9.24
S4 SF4 C . 13.06 0.74 -12.38
MG MG D . -0.61 -5.30 19.76
MG MG E . -14.60 -4.81 18.67
FE1 XCC F . -0.49 16.65 9.48
FE2 XCC F . -3.29 16.16 10.26
FE3 XCC F . -0.69 18.37 7.49
FE4 XCC F . -1.28 19.26 9.91
S1 XCC F . -2.57 19.53 8.05
S2 XCC F . 0.76 18.60 9.26
S4 XCC F . -1.29 16.12 7.39
S3 XCC F . -1.62 17.49 11.13
NI CUV G . -3.90 15.29 9.62
S1 CUV G . -2.66 20.03 7.66
S2 CUV G . 0.36 18.51 9.31
S3 CUV G . -2.84 19.78 11.43
S4 CUV G . -1.57 16.45 6.84
FE1 CUV G . -0.79 16.48 9.06
FE2 CUV G . -2.68 17.46 11.37
FE3 CUV G . -0.90 18.54 7.34
FE4 CUV G . -1.41 19.94 9.64
FE1 FES H . 19.33 7.27 -4.03
FE2 FES H . 18.16 9.83 -4.17
S1 FES H . 19.10 8.79 -2.48
S2 FES H . 18.56 8.36 -5.76
FE1 SF4 I . 11.05 10.67 5.40
FE2 SF4 I . 12.46 12.96 5.67
FE3 SF4 I . 10.87 12.08 7.73
FE4 SF4 I . 9.74 13.05 5.42
S1 SF4 I . 11.03 14.21 6.92
S2 SF4 I . 9.15 11.15 6.54
S3 SF4 I . 11.22 12.34 3.86
S4 SF4 I . 12.72 11.05 6.91
C1 GOL J . 22.33 10.82 -3.49
O1 GOL J . 23.26 11.16 -2.48
C2 GOL J . 23.09 10.49 -4.77
O2 GOL J . 23.60 11.68 -5.32
C3 GOL J . 22.15 9.81 -5.76
O3 GOL J . 22.93 9.15 -6.72
C1 GOL K . 22.38 1.02 13.85
O1 GOL K . 21.20 0.37 13.44
C2 GOL K . 23.01 1.79 12.69
O2 GOL K . 23.37 0.91 11.64
C3 GOL K . 22.05 2.85 12.16
O3 GOL K . 21.85 3.84 13.14
C1 GOL L . 15.86 -2.34 -26.02
O1 GOL L . 14.84 -3.10 -25.43
C2 GOL L . 15.96 -2.64 -27.52
O2 GOL L . 14.67 -2.74 -28.07
C3 GOL L . 16.70 -1.52 -28.21
O3 GOL L . 18.04 -1.49 -27.80
C1 GOL M . 2.67 -4.58 14.97
C1 GOL M . 3.31 -4.02 15.21
O1 GOL M . 3.92 -3.95 15.14
O1 GOL M . 3.64 -3.47 16.47
C2 GOL M . 1.97 -4.68 16.32
C2 GOL M . 1.84 -4.44 15.23
O2 GOL M . 0.82 -3.86 16.31
O2 GOL M . 1.18 -3.83 16.32
C3 GOL M . 1.54 -6.12 16.57
C3 GOL M . 1.77 -5.94 15.36
O3 GOL M . 0.35 -6.36 15.84
O3 GOL M . 0.81 -6.27 16.33
CL CL N . -24.76 -29.47 -8.56
CL CL O . -12.42 -14.38 12.45
MG MG P . -11.08 0.24 -17.22
MG MG Q . -18.69 -10.20 -11.14
FE1 XCC R . 8.48 -12.85 -11.04
FE2 XCC R . 6.10 -14.81 -10.68
FE3 XCC R . 10.27 -13.88 -9.35
FE4 XCC R . 9.70 -15.32 -11.58
S1 XCC R . 9.71 -16.16 -9.45
S2 XCC R . 10.69 -13.25 -11.55
S4 XCC R . 8.22 -12.89 -8.70
S3 XCC R . 7.78 -14.51 -12.25
NI CUV S . 5.23 -14.46 -9.76
S1 CUV S . 10.12 -16.48 -9.22
S2 CUV S . 10.20 -13.59 -11.52
S3 CUV S . 8.50 -17.06 -12.50
S4 CUV S . 8.49 -13.17 -8.20
FE1 CUV S . 8.16 -13.02 -10.49
FE2 CUV S . 6.86 -15.40 -12.18
FE3 CUV S . 10.21 -14.18 -9.27
FE4 CUV S . 10.11 -15.85 -11.43
#